data_8XMM
#
_entry.id   8XMM
#
_cell.length_a   1.00
_cell.length_b   1.00
_cell.length_c   1.00
_cell.angle_alpha   90.00
_cell.angle_beta   90.00
_cell.angle_gamma   90.00
#
_symmetry.space_group_name_H-M   'P 1'
#
loop_
_entity.id
_entity.type
_entity.pdbx_description
1 polymer 'Sodium channel protein type 9 subunit alpha'
2 polymer 'Sodium channel subunit beta-1'
3 branched 2-acetamido-2-deoxy-beta-D-glucopyranose-(1-4)-2-acetamido-2-deoxy-beta-D-glucopyranose
4 non-polymer 2-acetamido-2-deoxy-beta-D-glucopyranose
5 non-polymer CHOLESTEROL
6 non-polymer 1-O-OCTADECYL-SN-GLYCERO-3-PHOSPHOCHOLINE
7 non-polymer '(2S,3R,4E)-2-(acetylamino)-3-hydroxyoctadec-4-en-1-yl dihydrogen phosphate'
8 non-polymer 1,2-DIOLEOYL-SN-GLYCERO-3-PHOSPHOCHOLINE
9 non-polymer O-[(R)-{[(2R)-2,3-bis(octadecanoyloxy)propyl]oxy}(hydroxy)phosphoryl]-L-serine
#
loop_
_entity_poly.entity_id
_entity_poly.type
_entity_poly.pdbx_seq_one_letter_code
_entity_poly.pdbx_strand_id
1 'polypeptide(L)'
;MASWSHPQFEKGGGARGGSGGGSWSHPQFEKGFDYKDDDDKGTMAMLPPPGPQSFVHFTKQSLALIEQRIAERKSKEPKE
EKKDDDEEAPKPSSDLEAGKQLPFIYGDIPPGMVSEPLEDLDPYYADKKTFIVLNKGKTIFRFNATPALYMLSPFSPLRR
ISIKILVHSLFSMLIMCTILTNCIFMTMNNPPDWTKNVEYTFTGIYTFESLVKILARGFCVGEFTFLRDPWNWLDFVVIV
FAYLTEFVNLGNVSALRTFRVLRALKTISVIPGLKTIVGALIQSVKKLSDVMILTVFCLSVFALIGLQLFMGNLKHKCFR
NSLENNETLESIMNTLESEEDFRKYFYYLEGSKDALLCGFSTDSGQCPEGYTCVKIGRNPDYGYTSFDTFSWAFLALFRL
MTQDYWENLYQQTLRAAGKTYMIFFVVVIFLGSFYLINLILAVVAMAYEEQNQANIEEAKQKELEFQQMLDRLKKEQEEA
EAIAAAAAEYTSIRRSRIMGLSESSSETSKLSSKSAKERRNRRKKKNQKKLSSGEEKGDAEKLSKSESEDSIRRKSFHLG
VEGHRRAHEKRLSTPNQSPLSIRGSLFSARRSSRTSLFSFKGRGRDIGSETEFADDEHSIFGDNESRRGSLFVPHRPQER
RSSNISQASRSPPMLPVNGKMHSAVDCNGVVSLVDGRSALMLPNGQLLPEVIIDKATSDDSGTTNQIHKKRRCSSYLLSE
DMLNDPNLRQRAMSRASILTNTVEELEESRQKCPPWWYRFAHKFLIWNCSPYWIKFKKCIYFIVMDPFVDLAITICIVLN
TLFMAMEHHPMTEEFKNVLAIGNLVFTGIFAAEMVLKLIAMDPYEYFQVGWNIFDSLIVTLSLVELFLADVEGLSVLRSF
RLLRVFKLAKSWPTLNMLIKIIGNSVGAFGNLMLVLFIIVFIFAVVGMQLFGKSYKECVCKINDDCTLPRWHMNDFFHSF
LIVFRVLCGEWIETMWDCMEVAGQAMCLIFYMMVFFIGNLVVLNLFLALLLSSFSSDNLTAIEEDPDANNLQIAVTRIKK
GINYVKQTLREFILKAFSKKPKISREIRQAEDLNTKKENYISNHTLAEMSKGHNFLKEKDKISGFGSSVDKHLMEDSDGQ
SFIHNPSLTVTVPIAPGESDLENMNAEELSSDSDSEYSKVRLNRSSSSECSTVDNPLPGEGEEAEAEPMNSDEPEACFTD
GCVWRFSCCQVNIESGKGKIWWNIRKTCYKIVEHSWFESFIVLMILLSSGALAFEDIYIERKKTIKIILEYADKIFTYIF
ILEMLLKWIAYGYKTYFTNAWCWLDFLIVDVSLVTLVANTLGYSDLGPIKSLRTLRALRPLRALSRFEGMRVVVNALIGA
IPSIMNVLLVCLIFWLIFSIMGVNLFAGKFYECINTTDGSRFPASQVPNRSECFALMNVSQNVRWKNLKVNFDNVGLGYL
SLLQVATFKGWTIIMYAAVDSVNVDKQPKYEYSLYMYIYFIFFIIFGSFFTLNLFICVIIDNFNQQKKKLGGQDIFMTEE
QKKYYNAMKKLGSKKPQKPIPRPGNKIQGCIFDLVTNQAFDISIMVLICLNMVTMMVEKEGQSQHMTEVLYWINVVFIIL
FTGECVLKLISLRHYYFTVGWNIFDFVVVIISIVGMFLADLIETYFVSPTLFRVIRLARIGRILRLVKGAKGIRTLLFAL
MMSLPALFNIGLLLFLVMFIYAIFGMSNFAYVKKEDGINDMFNFETFGNSMICLFQITTSAGWDGLLAPILNSKPPDCDP
KKVHPGSSVEGDCGNPSVGIFYFVSYIIISFLVVVNMYIAVILENFSVATEESTEPLSEDDFEMFYEVWEKFDPDATQFI
EFSKLSDFAAALDPPLLIAKPNKVQLIAMDLPMVSGDRIHCLDILFAFTKRVLGESGEMDSLRSQMEERFMSANPSKVSY
EPITTTLKRKQEDVSATVIQRAYRRYRLRQNVKNISSIYIKDGDRDDDLLNKKDMAFDNVNENSSPEKTDATSSTTSPPS
YDSVTKPDKEKYEQDRTEKEDKGKDSKESKK
;
A
2 'polypeptide(L)'
;MGRLLALVVGAALVSSACGGCVEVDSETEAVYGMTFKILCISCKRRSETNAETFTEWTFRQKGTEEFVKILRYENEVLQL
EEDERFEGRVVWNGSRGTKDLQDLSIFITNVTYNHSGDYECHVYRLLFFENYEHNTSVVKKIHIEVVDKANRDMASIVSE
IMMYVLIVVLTIWLVAEMIYCYKKIAAATETAAQENASEYLAITSESKENCTGVQVAELEHHHHHHHHHH
;
B
#
# COMPACT_ATOMS: atom_id res chain seq x y z
N PRO A 157 -56.21 12.66 37.89
CA PRO A 157 -55.85 14.08 37.96
C PRO A 157 -54.34 14.31 37.93
N LEU A 158 -53.64 13.73 38.90
CA LEU A 158 -52.18 13.85 38.93
C LEU A 158 -51.55 13.07 37.77
N ARG A 159 -52.08 11.88 37.48
CA ARG A 159 -51.61 11.13 36.32
C ARG A 159 -51.89 11.86 35.02
N ARG A 160 -53.06 12.51 34.92
CA ARG A 160 -53.41 13.22 33.70
C ARG A 160 -52.49 14.41 33.47
N ILE A 161 -52.23 15.20 34.52
CA ILE A 161 -51.32 16.33 34.37
C ILE A 161 -49.89 15.82 34.16
N SER A 162 -49.57 14.62 34.66
CA SER A 162 -48.28 14.02 34.35
C SER A 162 -48.16 13.73 32.86
N ILE A 163 -49.21 13.18 32.25
CA ILE A 163 -49.20 12.99 30.80
C ILE A 163 -49.05 14.32 30.08
N LYS A 164 -49.80 15.32 30.54
CA LYS A 164 -49.78 16.62 29.86
C LYS A 164 -48.40 17.25 29.93
N ILE A 165 -47.69 17.06 31.05
CA ILE A 165 -46.31 17.50 31.14
C ILE A 165 -45.41 16.66 30.23
N LEU A 166 -45.67 15.35 30.16
CA LEU A 166 -44.84 14.47 29.34
C LEU A 166 -44.86 14.89 27.88
N VAL A 167 -46.06 15.21 27.36
CA VAL A 167 -46.17 15.59 25.96
C VAL A 167 -45.66 17.01 25.69
N HIS A 168 -45.34 17.76 26.74
CA HIS A 168 -44.89 19.13 26.56
C HIS A 168 -43.55 19.18 25.85
N SER A 169 -43.37 20.19 24.99
CA SER A 169 -42.14 20.29 24.21
C SER A 169 -40.93 20.61 25.08
N LEU A 170 -41.15 21.19 26.26
CA LEU A 170 -40.04 21.52 27.15
C LEU A 170 -39.29 20.28 27.62
N PHE A 171 -39.98 19.13 27.65
CA PHE A 171 -39.37 17.89 28.10
C PHE A 171 -38.14 17.53 27.27
N SER A 172 -38.29 17.50 25.95
CA SER A 172 -37.18 17.12 25.09
C SER A 172 -36.02 18.10 25.21
N MET A 173 -36.32 19.40 25.21
CA MET A 173 -35.24 20.38 25.31
C MET A 173 -34.46 20.24 26.61
N LEU A 174 -35.15 20.16 27.75
CA LEU A 174 -34.43 20.02 29.02
C LEU A 174 -33.66 18.71 29.08
N ILE A 175 -34.26 17.60 28.61
CA ILE A 175 -33.62 16.31 28.79
C ILE A 175 -32.38 16.20 27.89
N MET A 176 -32.54 16.69 26.67
CA MET A 176 -31.44 16.67 25.74
C MET A 176 -30.41 17.64 26.15
N CYS A 177 -30.80 18.72 26.81
CA CYS A 177 -29.80 19.64 27.33
C CYS A 177 -28.98 18.93 28.39
N THR A 178 -29.66 18.20 29.28
CA THR A 178 -28.95 17.48 30.30
C THR A 178 -28.00 16.53 29.67
N ILE A 179 -28.46 15.67 28.77
CA ILE A 179 -27.58 14.63 28.23
C ILE A 179 -26.35 15.26 27.57
N LEU A 180 -26.50 16.43 26.95
CA LEU A 180 -25.34 17.07 26.35
C LEU A 180 -24.32 17.50 27.40
N THR A 181 -24.77 18.16 28.47
CA THR A 181 -23.84 18.52 29.52
C THR A 181 -23.25 17.27 30.19
N ASN A 182 -24.01 16.19 30.25
CA ASN A 182 -23.51 14.98 30.87
C ASN A 182 -22.43 14.39 30.02
N CYS A 183 -22.67 14.33 28.73
CA CYS A 183 -21.64 13.84 27.82
C CYS A 183 -20.38 14.67 27.91
N ILE A 184 -20.54 16.00 28.05
CA ILE A 184 -19.38 16.84 28.28
C ILE A 184 -18.66 16.42 29.56
N PHE A 185 -19.42 16.10 30.59
CA PHE A 185 -18.85 15.74 31.88
C PHE A 185 -18.27 14.34 31.92
N MET A 186 -18.58 13.49 30.94
CA MET A 186 -18.05 12.13 30.91
C MET A 186 -16.63 12.06 30.36
N THR A 187 -16.07 13.17 29.90
CA THR A 187 -14.78 13.17 29.24
C THR A 187 -13.63 13.48 30.19
N MET A 188 -13.89 13.55 31.49
CA MET A 188 -12.89 13.92 32.47
C MET A 188 -12.34 12.66 33.12
N ASN A 189 -11.04 12.41 32.93
CA ASN A 189 -10.44 11.18 33.42
C ASN A 189 -10.18 11.24 34.92
N ASN A 190 -10.00 12.44 35.46
CA ASN A 190 -9.73 12.63 36.90
C ASN A 190 -10.66 13.70 37.49
N PRO A 191 -11.96 13.42 37.51
CA PRO A 191 -12.93 14.44 37.93
C PRO A 191 -12.70 14.87 39.36
N PRO A 192 -12.89 16.15 39.66
CA PRO A 192 -12.76 16.62 41.05
C PRO A 192 -13.93 16.15 41.90
N ASP A 193 -13.92 16.59 43.15
CA ASP A 193 -14.92 16.16 44.12
C ASP A 193 -16.27 16.86 43.93
N TRP A 194 -16.28 18.11 43.50
CA TRP A 194 -17.55 18.81 43.30
C TRP A 194 -18.34 18.26 42.12
N THR A 195 -17.74 17.39 41.31
CA THR A 195 -18.46 16.75 40.23
C THR A 195 -19.49 15.75 40.74
N LYS A 196 -19.31 15.21 41.94
CA LYS A 196 -20.27 14.24 42.47
C LYS A 196 -21.64 14.88 42.69
N ASN A 197 -21.67 16.17 43.04
CA ASN A 197 -22.95 16.86 43.21
C ASN A 197 -23.73 16.89 41.90
N VAL A 198 -23.09 17.30 40.81
CA VAL A 198 -23.80 17.38 39.54
C VAL A 198 -24.08 15.98 39.00
N GLU A 199 -23.26 15.00 39.39
CA GLU A 199 -23.57 13.61 39.05
C GLU A 199 -24.88 13.17 39.69
N TYR A 200 -25.05 13.46 40.98
CA TYR A 200 -26.31 13.17 41.64
C TYR A 200 -27.45 13.97 41.03
N THR A 201 -27.17 15.19 40.58
CA THR A 201 -28.18 15.98 39.88
C THR A 201 -28.61 15.29 38.59
N PHE A 202 -27.66 14.74 37.83
CA PHE A 202 -28.02 14.01 36.62
C PHE A 202 -28.86 12.78 36.94
N THR A 203 -28.48 12.04 37.99
CA THR A 203 -29.28 10.88 38.37
C THR A 203 -30.69 11.30 38.77
N GLY A 204 -30.80 12.43 39.48
CA GLY A 204 -32.12 12.93 39.84
C GLY A 204 -32.95 13.31 38.64
N ILE A 205 -32.33 13.95 37.66
CA ILE A 205 -33.06 14.34 36.45
C ILE A 205 -33.55 13.11 35.70
N TYR A 206 -32.69 12.09 35.59
CA TYR A 206 -33.10 10.89 34.86
C TYR A 206 -34.18 10.11 35.60
N THR A 207 -34.08 10.02 36.93
CA THR A 207 -35.16 9.34 37.65
C THR A 207 -36.44 10.16 37.64
N PHE A 208 -36.32 11.50 37.55
CA PHE A 208 -37.50 12.33 37.34
C PHE A 208 -38.17 12.00 36.02
N GLU A 209 -37.37 11.82 34.98
CA GLU A 209 -37.90 11.45 33.68
C GLU A 209 -38.62 10.13 33.82
N SER A 210 -37.96 9.14 34.41
CA SER A 210 -38.54 7.81 34.53
C SER A 210 -39.84 7.84 35.31
N LEU A 211 -39.87 8.59 36.42
CA LEU A 211 -41.08 8.65 37.24
C LEU A 211 -42.23 9.31 36.49
N VAL A 212 -41.95 10.38 35.75
CA VAL A 212 -43.03 11.03 35.00
C VAL A 212 -43.56 10.11 33.91
N LYS A 213 -42.68 9.42 33.19
CA LYS A 213 -43.15 8.46 32.20
C LYS A 213 -43.93 7.33 32.85
N ILE A 214 -43.55 6.94 34.06
CA ILE A 214 -44.27 5.88 34.78
C ILE A 214 -45.69 6.35 35.10
N LEU A 215 -45.82 7.56 35.65
CA LEU A 215 -47.14 8.08 35.98
C LEU A 215 -48.00 8.23 34.74
N ALA A 216 -47.42 8.76 33.66
CA ALA A 216 -48.21 9.02 32.46
C ALA A 216 -48.64 7.73 31.77
N ARG A 217 -47.71 6.81 31.56
CA ARG A 217 -48.00 5.54 30.92
C ARG A 217 -48.51 4.49 31.89
N GLY A 218 -48.55 4.80 33.19
CA GLY A 218 -49.19 3.90 34.13
C GLY A 218 -50.63 4.24 34.40
N PHE A 219 -51.48 4.12 33.37
CA PHE A 219 -52.94 4.29 33.51
C PHE A 219 -53.35 3.34 34.63
N CYS A 220 -52.88 2.09 34.64
CA CYS A 220 -52.91 1.25 35.84
C CYS A 220 -51.47 0.90 36.24
N VAL A 221 -51.29 0.64 37.53
CA VAL A 221 -49.98 0.45 38.14
C VAL A 221 -49.26 -0.72 37.47
N GLY A 222 -50.01 -1.53 36.70
CA GLY A 222 -49.39 -2.64 35.98
C GLY A 222 -48.31 -2.18 35.01
N GLU A 223 -48.32 -0.89 34.66
CA GLU A 223 -47.22 -0.22 33.95
C GLU A 223 -47.05 -0.77 32.54
N PHE A 224 -48.17 -0.92 31.82
CA PHE A 224 -48.19 -1.71 30.60
C PHE A 224 -47.47 -1.03 29.44
N THR A 225 -47.73 0.25 29.21
CA THR A 225 -47.16 0.95 28.05
C THR A 225 -45.79 1.54 28.33
N PHE A 226 -45.29 1.44 29.56
CA PHE A 226 -43.95 1.93 29.86
C PHE A 226 -42.87 1.05 29.24
N LEU A 227 -43.05 -0.26 29.31
CA LEU A 227 -42.02 -1.20 28.88
C LEU A 227 -42.09 -1.51 27.39
N ARG A 228 -43.04 -0.92 26.65
CA ARG A 228 -43.13 -1.17 25.22
C ARG A 228 -41.88 -0.67 24.50
N ASP A 229 -41.43 0.53 24.84
CA ASP A 229 -40.37 1.19 24.08
C ASP A 229 -39.02 0.58 24.45
N PRO A 230 -38.26 0.08 23.47
CA PRO A 230 -36.89 -0.38 23.78
C PRO A 230 -36.02 0.69 24.39
N TRP A 231 -36.15 1.94 23.92
CA TRP A 231 -35.43 3.04 24.57
C TRP A 231 -35.84 3.17 26.02
N ASN A 232 -37.06 2.76 26.36
CA ASN A 232 -37.48 2.81 27.75
C ASN A 232 -36.85 1.68 28.55
N TRP A 233 -36.60 0.54 27.91
CA TRP A 233 -35.75 -0.48 28.54
C TRP A 233 -34.34 0.08 28.80
N LEU A 234 -33.80 0.84 27.86
CA LEU A 234 -32.49 1.45 28.06
C LEU A 234 -32.51 2.40 29.26
N ASP A 235 -33.54 3.25 29.33
CA ASP A 235 -33.66 4.16 30.46
C ASP A 235 -33.81 3.40 31.78
N PHE A 236 -34.63 2.35 31.79
CA PHE A 236 -34.81 1.58 33.00
C PHE A 236 -33.50 0.94 33.46
N VAL A 237 -32.74 0.37 32.52
CA VAL A 237 -31.50 -0.30 32.91
C VAL A 237 -30.48 0.71 33.42
N VAL A 238 -30.43 1.90 32.80
CA VAL A 238 -29.46 2.88 33.29
C VAL A 238 -29.88 3.39 34.67
N ILE A 239 -31.18 3.54 34.91
CA ILE A 239 -31.63 3.99 36.22
C ILE A 239 -31.35 2.95 37.29
N VAL A 240 -31.65 1.68 37.02
CA VAL A 240 -31.43 0.66 38.04
C VAL A 240 -29.94 0.50 38.30
N PHE A 241 -29.11 0.63 37.25
CA PHE A 241 -27.67 0.58 37.46
C PHE A 241 -27.19 1.74 38.32
N ALA A 242 -27.68 2.96 38.03
CA ALA A 242 -27.24 4.13 38.77
C ALA A 242 -27.63 4.02 40.24
N TYR A 243 -28.85 3.56 40.52
CA TYR A 243 -29.23 3.37 41.92
C TYR A 243 -28.55 2.16 42.55
N LEU A 244 -28.12 1.17 41.77
CA LEU A 244 -27.23 0.16 42.32
C LEU A 244 -25.95 0.79 42.82
N THR A 245 -25.35 1.68 42.01
CA THR A 245 -24.16 2.40 42.46
C THR A 245 -24.44 3.21 43.71
N GLU A 246 -25.57 3.93 43.73
CA GLU A 246 -25.88 4.82 44.84
C GLU A 246 -26.08 4.04 46.13
N PHE A 247 -26.91 3.00 46.10
CA PHE A 247 -27.23 2.27 47.32
C PHE A 247 -26.06 1.41 47.79
N VAL A 248 -25.43 0.67 46.89
CA VAL A 248 -24.46 -0.34 47.29
C VAL A 248 -23.21 -0.20 46.44
N ASN A 249 -22.09 -0.69 46.96
CA ASN A 249 -20.83 -0.76 46.23
C ASN A 249 -20.42 -2.22 46.12
N LEU A 250 -20.17 -2.69 44.89
CA LEU A 250 -19.75 -4.06 44.66
C LEU A 250 -18.32 -4.18 44.15
N GLY A 251 -17.72 -3.08 43.70
CA GLY A 251 -16.33 -3.09 43.29
C GLY A 251 -16.09 -3.08 41.79
N ASN A 252 -17.09 -2.74 40.99
CA ASN A 252 -16.96 -2.66 39.54
C ASN A 252 -17.37 -1.28 39.03
N VAL A 253 -16.94 -0.24 39.73
CA VAL A 253 -17.46 1.11 39.49
C VAL A 253 -17.10 1.59 38.08
N SER A 254 -15.85 1.36 37.65
CA SER A 254 -15.45 1.74 36.30
C SER A 254 -16.31 1.02 35.26
N ALA A 255 -16.46 -0.29 35.40
CA ALA A 255 -17.41 -1.01 34.55
C ALA A 255 -18.82 -0.49 34.77
N LEU A 256 -19.19 -0.24 36.03
CA LEU A 256 -20.49 0.35 36.32
C LEU A 256 -20.66 1.69 35.63
N ARG A 257 -19.64 2.50 35.57
CA ARG A 257 -19.83 3.79 34.95
C ARG A 257 -19.90 3.59 33.47
N THR A 258 -19.29 2.53 32.99
CA THR A 258 -19.18 2.38 31.55
C THR A 258 -20.53 2.34 30.85
N PHE A 259 -21.58 1.95 31.54
CA PHE A 259 -22.85 1.78 30.86
C PHE A 259 -23.62 3.05 30.58
N ARG A 260 -23.33 4.09 31.32
CA ARG A 260 -24.17 5.27 31.14
C ARG A 260 -23.80 6.09 29.91
N VAL A 261 -22.77 5.71 29.15
CA VAL A 261 -22.51 6.40 27.88
C VAL A 261 -23.66 6.17 26.92
N LEU A 262 -24.39 5.06 27.09
CA LEU A 262 -25.50 4.74 26.21
C LEU A 262 -26.61 5.78 26.29
N ARG A 263 -26.60 6.62 27.32
CA ARG A 263 -27.50 7.76 27.37
C ARG A 263 -27.21 8.77 26.26
N ALA A 264 -26.07 8.64 25.58
CA ALA A 264 -25.85 9.43 24.37
C ALA A 264 -26.71 8.93 23.22
N LEU A 265 -27.22 7.69 23.31
CA LEU A 265 -28.05 7.15 22.24
C LEU A 265 -29.44 7.78 22.18
N LYS A 266 -29.84 8.53 23.21
CA LYS A 266 -31.11 9.24 23.14
C LYS A 266 -31.09 10.27 22.02
N THR A 267 -29.90 10.71 21.63
CA THR A 267 -29.75 11.78 20.63
C THR A 267 -30.34 11.39 19.28
N ILE A 268 -30.50 10.09 19.00
CA ILE A 268 -31.04 9.65 17.71
C ILE A 268 -32.47 10.14 17.53
N SER A 269 -33.27 10.08 18.60
CA SER A 269 -34.69 10.32 18.46
C SER A 269 -35.01 11.79 18.16
N VAL A 270 -34.39 12.71 18.89
CA VAL A 270 -34.88 14.08 18.92
C VAL A 270 -34.61 14.80 17.60
N ILE A 271 -33.50 14.49 16.94
CA ILE A 271 -33.24 14.98 15.59
C ILE A 271 -33.89 14.00 14.61
N PRO A 272 -34.87 14.45 13.81
CA PRO A 272 -35.59 13.50 12.94
C PRO A 272 -34.70 12.89 11.86
N GLY A 273 -33.64 13.58 11.46
CA GLY A 273 -32.79 13.06 10.40
C GLY A 273 -31.98 11.85 10.82
N LEU A 274 -31.71 11.71 12.12
CA LEU A 274 -30.89 10.61 12.59
C LEU A 274 -31.60 9.27 12.44
N LYS A 275 -32.91 9.22 12.60
CA LYS A 275 -33.62 7.95 12.52
C LYS A 275 -33.58 7.38 11.12
N THR A 276 -33.53 8.22 10.10
CA THR A 276 -33.38 7.74 8.73
C THR A 276 -32.02 7.10 8.52
N ILE A 277 -30.96 7.75 8.99
CA ILE A 277 -29.62 7.23 8.78
C ILE A 277 -29.38 5.97 9.61
N VAL A 278 -29.91 5.91 10.83
CA VAL A 278 -29.79 4.68 11.61
C VAL A 278 -30.57 3.55 10.96
N GLY A 279 -31.71 3.84 10.33
CA GLY A 279 -32.38 2.82 9.56
C GLY A 279 -31.51 2.29 8.44
N ALA A 280 -30.77 3.17 7.78
CA ALA A 280 -29.83 2.73 6.76
C ALA A 280 -28.72 1.87 7.37
N LEU A 281 -28.24 2.24 8.56
CA LEU A 281 -27.24 1.44 9.24
C LEU A 281 -27.74 0.02 9.49
N ILE A 282 -28.94 -0.10 10.05
CA ILE A 282 -29.49 -1.43 10.35
C ILE A 282 -29.73 -2.22 9.07
N GLN A 283 -30.19 -1.62 8.00
CA GLN A 283 -30.47 -2.39 6.82
C GLN A 283 -29.23 -2.72 6.11
N SER A 284 -28.19 -1.93 6.28
CA SER A 284 -26.91 -2.31 5.71
C SER A 284 -26.28 -3.47 6.46
N VAL A 285 -26.36 -3.44 7.80
CA VAL A 285 -25.79 -4.52 8.59
C VAL A 285 -26.55 -5.82 8.37
N LYS A 286 -27.87 -5.73 8.19
CA LYS A 286 -28.67 -6.94 7.98
C LYS A 286 -28.23 -7.68 6.71
N LYS A 287 -27.91 -6.94 5.66
CA LYS A 287 -27.60 -7.57 4.38
C LYS A 287 -26.13 -7.97 4.27
N LEU A 288 -25.31 -7.66 5.26
CA LEU A 288 -23.95 -8.17 5.25
C LEU A 288 -23.86 -9.58 5.79
N SER A 289 -24.95 -10.33 5.95
CA SER A 289 -24.86 -11.64 6.58
C SER A 289 -24.15 -12.64 5.67
N ASP A 290 -24.49 -12.64 4.38
CA ASP A 290 -23.81 -13.56 3.46
C ASP A 290 -22.34 -13.22 3.31
N VAL A 291 -22.02 -11.92 3.25
CA VAL A 291 -20.63 -11.53 3.02
C VAL A 291 -19.76 -11.84 4.22
N MET A 292 -20.29 -11.69 5.43
CA MET A 292 -19.49 -12.04 6.60
C MET A 292 -19.24 -13.55 6.67
N ILE A 293 -20.23 -14.36 6.29
CA ILE A 293 -20.03 -15.80 6.25
C ILE A 293 -18.98 -16.16 5.20
N LEU A 294 -19.07 -15.55 4.02
CA LEU A 294 -18.07 -15.79 2.99
C LEU A 294 -16.68 -15.36 3.44
N THR A 295 -16.59 -14.23 4.14
CA THR A 295 -15.30 -13.75 4.62
C THR A 295 -14.72 -14.70 5.65
N VAL A 296 -15.55 -15.21 6.57
CA VAL A 296 -15.05 -16.19 7.53
C VAL A 296 -14.56 -17.44 6.82
N PHE A 297 -15.32 -17.92 5.83
CA PHE A 297 -14.90 -19.10 5.09
C PHE A 297 -13.56 -18.88 4.40
N CYS A 298 -13.45 -17.79 3.63
CA CYS A 298 -12.24 -17.54 2.84
C CYS A 298 -11.04 -17.31 3.74
N LEU A 299 -11.22 -16.52 4.81
CA LEU A 299 -10.13 -16.27 5.73
C LEU A 299 -9.72 -17.55 6.45
N SER A 300 -10.67 -18.45 6.72
CA SER A 300 -10.33 -19.71 7.35
C SER A 300 -9.51 -20.59 6.42
N VAL A 301 -9.90 -20.66 5.14
CA VAL A 301 -9.15 -21.46 4.19
C VAL A 301 -7.73 -20.91 4.03
N PHE A 302 -7.62 -19.59 3.86
CA PHE A 302 -6.30 -18.99 3.72
C PHE A 302 -5.50 -19.11 5.00
N ALA A 303 -6.15 -19.12 6.16
CA ALA A 303 -5.45 -19.29 7.42
C ALA A 303 -4.91 -20.70 7.55
N LEU A 304 -5.65 -21.69 7.08
CA LEU A 304 -5.12 -23.06 7.05
C LEU A 304 -3.94 -23.17 6.11
N ILE A 305 -4.00 -22.54 4.93
CA ILE A 305 -2.86 -22.55 4.03
C ILE A 305 -1.64 -21.88 4.68
N GLY A 306 -1.86 -20.73 5.31
CA GLY A 306 -0.74 -20.03 5.92
C GLY A 306 -0.16 -20.78 7.11
N LEU A 307 -1.03 -21.44 7.89
CA LEU A 307 -0.56 -22.25 9.00
C LEU A 307 0.25 -23.44 8.50
N GLN A 308 -0.16 -24.03 7.38
CA GLN A 308 0.60 -25.13 6.82
C GLN A 308 1.98 -24.67 6.34
N LEU A 309 2.03 -23.59 5.56
CA LEU A 309 3.30 -23.18 4.98
C LEU A 309 4.25 -22.53 5.98
N PHE A 310 3.74 -21.66 6.85
CA PHE A 310 4.60 -20.87 7.74
C PHE A 310 4.38 -21.18 9.21
N MET A 311 4.26 -22.46 9.57
CA MET A 311 3.84 -22.79 10.93
C MET A 311 4.84 -22.29 11.97
N GLY A 312 6.12 -22.43 11.73
CA GLY A 312 7.09 -22.04 12.73
C GLY A 312 8.16 -21.06 12.25
N ASN A 313 7.98 -20.51 11.06
CA ASN A 313 9.05 -19.74 10.43
C ASN A 313 9.38 -18.47 11.20
N LEU A 314 8.38 -17.82 11.79
CA LEU A 314 8.62 -16.51 12.37
C LEU A 314 9.36 -16.58 13.70
N LYS A 315 9.67 -17.76 14.20
CA LYS A 315 10.52 -17.88 15.37
C LYS A 315 11.99 -18.03 15.03
N HIS A 316 12.35 -17.93 13.76
CA HIS A 316 13.74 -18.03 13.36
C HIS A 316 14.53 -16.85 13.90
N LYS A 317 15.73 -17.12 14.39
CA LYS A 317 16.61 -16.09 14.91
C LYS A 317 18.05 -16.43 14.58
N CYS A 318 18.92 -15.44 14.76
CA CYS A 318 20.35 -15.59 14.51
C CYS A 318 21.00 -15.96 15.84
N PHE A 319 21.53 -17.17 15.96
CA PHE A 319 22.10 -17.53 17.25
C PHE A 319 23.64 -17.46 17.20
N ARG A 320 24.24 -17.19 18.35
CA ARG A 320 25.63 -16.76 18.44
C ARG A 320 26.64 -17.75 17.85
N ASN A 321 26.31 -19.03 17.76
CA ASN A 321 27.14 -19.96 17.00
C ASN A 321 28.46 -20.25 17.69
N SER A 322 28.76 -19.54 18.78
CA SER A 322 29.99 -19.72 19.55
C SER A 322 29.76 -19.29 21.00
N LEU A 323 29.58 -20.27 21.88
CA LEU A 323 29.33 -19.97 23.28
C LEU A 323 30.54 -20.36 24.14
N GLU A 324 30.72 -19.62 25.23
CA GLU A 324 31.99 -19.64 25.96
C GLU A 324 32.03 -20.58 27.16
N ASN A 325 31.17 -20.40 28.17
CA ASN A 325 31.30 -21.14 29.43
C ASN A 325 30.57 -22.48 29.33
N ASN A 326 30.88 -23.20 28.25
CA ASN A 326 30.38 -24.56 28.02
C ASN A 326 28.85 -24.58 28.18
N GLU A 327 28.17 -23.90 27.26
CA GLU A 327 26.73 -23.79 27.33
C GLU A 327 26.07 -24.50 26.15
N THR A 328 24.74 -24.32 26.07
CA THR A 328 23.94 -24.88 24.99
C THR A 328 22.76 -23.93 24.80
N LEU A 329 22.06 -24.07 23.66
CA LEU A 329 20.93 -23.19 23.39
C LEU A 329 19.88 -23.27 24.49
N GLU A 330 19.68 -24.44 25.06
CA GLU A 330 18.69 -24.60 26.12
C GLU A 330 19.11 -23.86 27.39
N SER A 331 20.39 -24.01 27.77
CA SER A 331 20.88 -23.35 28.98
C SER A 331 20.77 -21.84 28.86
N ILE A 332 21.04 -21.29 27.68
CA ILE A 332 20.84 -19.86 27.46
C ILE A 332 19.37 -19.51 27.52
N MET A 333 18.53 -20.26 26.81
CA MET A 333 17.13 -19.86 26.66
C MET A 333 16.41 -19.91 28.01
N ASN A 334 16.93 -20.71 28.94
CA ASN A 334 16.36 -20.70 30.29
C ASN A 334 16.76 -19.45 31.06
N THR A 335 17.95 -18.91 30.79
CA THR A 335 18.48 -17.83 31.63
C THR A 335 17.99 -16.45 31.17
N LEU A 336 17.86 -16.24 29.87
CA LEU A 336 17.58 -14.91 29.34
C LEU A 336 16.22 -14.40 29.78
N GLU A 337 16.15 -13.14 30.17
CA GLU A 337 14.92 -12.50 30.60
C GLU A 337 14.55 -11.25 29.83
N SER A 338 15.50 -10.38 29.53
CA SER A 338 15.22 -9.06 28.97
C SER A 338 15.90 -8.92 27.61
N GLU A 339 15.52 -7.84 26.89
CA GLU A 339 16.08 -7.61 25.57
C GLU A 339 17.58 -7.36 25.64
N GLU A 340 18.04 -6.71 26.71
CA GLU A 340 19.47 -6.48 26.87
C GLU A 340 20.22 -7.81 26.99
N ASP A 341 19.57 -8.82 27.58
CA ASP A 341 20.18 -10.14 27.65
C ASP A 341 20.08 -10.87 26.31
N PHE A 342 18.95 -10.71 25.61
CA PHE A 342 18.79 -11.36 24.32
C PHE A 342 19.81 -10.85 23.31
N ARG A 343 20.10 -9.55 23.34
CA ARG A 343 20.99 -8.97 22.36
C ARG A 343 22.39 -9.54 22.46
N LYS A 344 22.75 -10.11 23.60
CA LYS A 344 24.05 -10.73 23.73
C LYS A 344 24.17 -11.97 22.86
N TYR A 345 23.09 -12.75 22.75
CA TYR A 345 23.14 -14.04 22.08
C TYR A 345 22.45 -14.09 20.72
N PHE A 346 21.64 -13.09 20.38
CA PHE A 346 20.93 -13.06 19.12
C PHE A 346 21.29 -11.79 18.38
N TYR A 347 21.20 -11.83 17.06
CA TYR A 347 21.52 -10.65 16.25
C TYR A 347 20.33 -9.72 16.18
N TYR A 348 20.50 -8.51 16.69
CA TYR A 348 19.47 -7.48 16.72
C TYR A 348 19.92 -6.32 15.85
N LEU A 349 19.04 -5.89 14.95
CA LEU A 349 19.30 -4.66 14.21
C LEU A 349 19.24 -3.48 15.16
N GLU A 350 19.99 -2.42 14.84
CA GLU A 350 20.06 -1.28 15.74
C GLU A 350 18.70 -0.59 15.84
N GLY A 351 18.26 -0.36 17.07
CA GLY A 351 16.99 0.29 17.31
C GLY A 351 15.78 -0.59 17.17
N SER A 352 15.93 -1.90 17.19
CA SER A 352 14.83 -2.83 17.02
C SER A 352 14.52 -3.53 18.34
N LYS A 353 13.24 -3.87 18.52
CA LYS A 353 12.82 -4.61 19.70
C LYS A 353 12.75 -6.11 19.48
N ASP A 354 12.87 -6.56 18.23
CA ASP A 354 12.80 -7.96 17.87
C ASP A 354 14.11 -8.42 17.24
N ALA A 355 14.48 -9.66 17.49
CA ALA A 355 15.64 -10.23 16.82
C ALA A 355 15.37 -10.36 15.33
N LEU A 356 16.44 -10.23 14.54
CA LEU A 356 16.29 -10.27 13.09
C LEU A 356 15.96 -11.69 12.64
N LEU A 357 15.05 -11.80 11.67
CA LEU A 357 14.66 -13.10 11.15
C LEU A 357 15.56 -13.52 10.01
N CYS A 358 15.83 -14.82 9.92
CA CYS A 358 16.53 -15.41 8.80
C CYS A 358 15.91 -16.75 8.46
N GLY A 359 16.29 -17.30 7.32
CA GLY A 359 15.75 -18.56 6.85
C GLY A 359 16.85 -19.50 6.42
N PHE A 360 16.44 -20.75 6.15
CA PHE A 360 17.36 -21.79 5.74
C PHE A 360 17.56 -21.85 4.24
N SER A 361 16.63 -21.29 3.46
CA SER A 361 16.72 -21.32 2.01
C SER A 361 17.84 -20.39 1.54
N THR A 362 18.07 -20.38 0.22
CA THR A 362 19.11 -19.52 -0.33
C THR A 362 18.55 -18.17 -0.75
N ASP A 363 17.24 -18.09 -0.98
CA ASP A 363 16.61 -16.84 -1.35
C ASP A 363 15.96 -16.12 -0.17
N SER A 364 16.14 -16.59 1.05
CA SER A 364 15.58 -15.94 2.22
C SER A 364 16.61 -15.04 2.88
N GLY A 365 16.28 -14.49 4.05
CA GLY A 365 17.19 -13.59 4.71
C GLY A 365 18.40 -14.32 5.26
N GLN A 366 19.51 -13.60 5.32
CA GLN A 366 20.79 -14.17 5.70
C GLN A 366 21.20 -13.71 7.08
N CYS A 367 21.22 -14.62 8.03
CA CYS A 367 21.88 -14.35 9.29
C CYS A 367 23.38 -14.17 9.04
N PRO A 368 24.00 -13.19 9.70
CA PRO A 368 25.35 -12.77 9.30
C PRO A 368 26.41 -13.81 9.61
N GLU A 369 27.66 -13.42 9.35
CA GLU A 369 28.79 -14.28 9.65
C GLU A 369 28.96 -14.40 11.16
N GLY A 370 29.25 -15.61 11.62
CA GLY A 370 29.36 -15.87 13.04
C GLY A 370 28.03 -16.11 13.73
N TYR A 371 26.93 -16.13 12.99
CA TYR A 371 25.62 -16.44 13.52
C TYR A 371 25.04 -17.58 12.70
N THR A 372 24.41 -18.53 13.38
CA THR A 372 23.73 -19.63 12.74
C THR A 372 22.25 -19.54 13.06
N CYS A 373 21.41 -19.96 12.13
CA CYS A 373 20.05 -19.47 12.10
C CYS A 373 19.12 -20.59 12.55
N VAL A 374 18.41 -20.38 13.65
CA VAL A 374 17.75 -21.45 14.39
C VAL A 374 16.35 -21.00 14.82
N LYS A 375 15.41 -21.95 14.84
CA LYS A 375 14.04 -21.69 15.30
C LYS A 375 13.98 -21.79 16.81
N ILE A 376 13.85 -20.65 17.49
CA ILE A 376 13.79 -20.60 18.94
C ILE A 376 13.18 -19.27 19.36
N GLY A 377 12.71 -19.21 20.60
CA GLY A 377 12.21 -17.96 21.15
C GLY A 377 10.81 -17.63 20.69
N ARG A 378 10.45 -16.37 20.88
CA ARG A 378 9.09 -15.89 20.61
C ARG A 378 8.96 -15.33 19.20
N ASN A 379 7.73 -15.03 18.83
CA ASN A 379 7.44 -14.42 17.56
C ASN A 379 7.58 -12.91 17.66
N PRO A 380 7.66 -12.21 16.53
CA PRO A 380 7.76 -10.75 16.57
C PRO A 380 6.47 -10.09 17.05
N ASP A 381 6.58 -8.81 17.38
CA ASP A 381 5.46 -7.95 17.78
C ASP A 381 4.80 -8.45 19.05
N TYR A 382 5.61 -8.56 20.11
CA TYR A 382 5.19 -9.04 21.42
C TYR A 382 4.70 -10.49 21.36
N GLY A 383 4.82 -11.13 20.21
CA GLY A 383 4.35 -12.49 20.03
C GLY A 383 3.02 -12.62 19.33
N TYR A 384 2.38 -11.55 18.89
CA TYR A 384 1.09 -11.66 18.25
C TYR A 384 1.17 -11.85 16.73
N THR A 385 2.36 -11.75 16.15
CA THR A 385 2.52 -11.96 14.71
C THR A 385 3.11 -13.36 14.50
N SER A 386 2.26 -14.30 14.12
CA SER A 386 2.70 -15.67 13.95
C SER A 386 1.68 -16.43 13.11
N PHE A 387 2.11 -17.58 12.59
CA PHE A 387 1.21 -18.55 12.01
C PHE A 387 1.24 -19.85 12.79
N ASP A 388 1.60 -19.78 14.07
CA ASP A 388 1.76 -20.96 14.92
C ASP A 388 0.45 -21.65 15.26
N THR A 389 -0.68 -20.94 15.19
CA THR A 389 -1.96 -21.49 15.60
C THR A 389 -3.02 -20.93 14.66
N PHE A 390 -4.17 -21.61 14.59
CA PHE A 390 -5.21 -21.17 13.67
C PHE A 390 -5.74 -19.80 14.05
N SER A 391 -5.74 -19.46 15.35
CA SER A 391 -6.26 -18.16 15.76
C SER A 391 -5.30 -17.04 15.39
N TRP A 392 -4.00 -17.25 15.59
CA TRP A 392 -3.02 -16.24 15.20
C TRP A 392 -2.93 -16.15 13.68
N ALA A 393 -3.05 -17.28 12.98
CA ALA A 393 -3.11 -17.23 11.52
C ALA A 393 -4.35 -16.49 11.05
N PHE A 394 -5.47 -16.67 11.73
CA PHE A 394 -6.68 -15.93 11.37
C PHE A 394 -6.51 -14.44 11.59
N LEU A 395 -5.86 -14.05 12.69
CA LEU A 395 -5.55 -12.64 12.90
C LEU A 395 -4.67 -12.10 11.78
N ALA A 396 -3.64 -12.85 11.39
CA ALA A 396 -2.76 -12.41 10.31
C ALA A 396 -3.51 -12.28 8.99
N LEU A 397 -4.40 -13.22 8.70
CA LEU A 397 -5.14 -13.14 7.44
C LEU A 397 -6.16 -12.01 7.44
N PHE A 398 -6.77 -11.72 8.60
CA PHE A 398 -7.64 -10.54 8.66
C PHE A 398 -6.84 -9.27 8.45
N ARG A 399 -5.65 -9.19 9.05
CA ARG A 399 -4.76 -8.05 8.84
C ARG A 399 -4.38 -7.91 7.38
N LEU A 400 -4.12 -9.02 6.69
CA LEU A 400 -3.84 -8.97 5.26
C LEU A 400 -5.06 -8.51 4.48
N MET A 401 -6.25 -8.99 4.87
CA MET A 401 -7.47 -8.61 4.15
C MET A 401 -7.74 -7.12 4.24
N THR A 402 -7.55 -6.53 5.42
CA THR A 402 -7.77 -5.09 5.57
C THR A 402 -6.56 -4.27 5.17
N GLN A 403 -5.46 -4.90 4.78
CA GLN A 403 -4.22 -4.25 4.35
C GLN A 403 -3.77 -3.21 5.36
N ASP A 404 -3.86 -3.58 6.62
CA ASP A 404 -3.43 -2.72 7.72
C ASP A 404 -2.04 -3.16 8.17
N TYR A 405 -1.03 -2.37 7.79
CA TYR A 405 0.36 -2.66 8.14
C TYR A 405 0.76 -4.03 7.63
N TRP A 406 0.24 -4.40 6.46
CA TRP A 406 0.49 -5.71 5.91
C TRP A 406 1.87 -5.82 5.28
N GLU A 407 2.53 -4.69 4.99
CA GLU A 407 3.86 -4.78 4.40
C GLU A 407 4.87 -5.31 5.40
N ASN A 408 4.66 -5.06 6.69
CA ASN A 408 5.50 -5.69 7.70
C ASN A 408 5.36 -7.20 7.66
N LEU A 409 4.13 -7.70 7.59
CA LEU A 409 3.91 -9.15 7.47
C LEU A 409 4.58 -9.69 6.21
N TYR A 410 4.41 -8.98 5.10
CA TYR A 410 5.09 -9.33 3.85
C TYR A 410 6.59 -9.50 4.05
N GLN A 411 7.23 -8.51 4.68
CA GLN A 411 8.68 -8.50 4.74
C GLN A 411 9.21 -9.54 5.73
N GLN A 412 8.56 -9.70 6.87
CA GLN A 412 8.98 -10.75 7.79
C GLN A 412 8.78 -12.13 7.20
N THR A 413 7.63 -12.37 6.56
CA THR A 413 7.40 -13.68 5.98
C THR A 413 8.38 -13.99 4.85
N LEU A 414 8.69 -13.00 4.02
CA LEU A 414 9.66 -13.21 2.97
C LEU A 414 11.07 -13.41 3.53
N ARG A 415 11.43 -12.69 4.59
CA ARG A 415 12.75 -12.86 5.18
C ARG A 415 12.89 -14.17 5.94
N ALA A 416 11.82 -14.76 6.43
CA ALA A 416 11.90 -16.02 7.17
C ALA A 416 11.67 -17.24 6.30
N ALA A 417 10.65 -17.23 5.44
CA ALA A 417 10.37 -18.34 4.57
C ALA A 417 11.21 -18.29 3.30
N GLY A 418 11.02 -17.24 2.50
CA GLY A 418 11.77 -17.09 1.27
C GLY A 418 11.07 -16.10 0.36
N LYS A 419 11.84 -15.52 -0.55
CA LYS A 419 11.32 -14.55 -1.49
C LYS A 419 10.42 -15.17 -2.54
N THR A 420 10.42 -16.49 -2.66
CA THR A 420 9.56 -17.19 -3.61
C THR A 420 8.18 -17.50 -3.03
N TYR A 421 7.95 -17.18 -1.76
CA TYR A 421 6.66 -17.37 -1.11
C TYR A 421 5.76 -16.15 -1.27
N MET A 422 6.22 -15.14 -2.00
CA MET A 422 5.42 -13.97 -2.33
C MET A 422 4.26 -14.28 -3.24
N ILE A 423 4.22 -15.47 -3.83
CA ILE A 423 3.05 -15.91 -4.59
C ILE A 423 1.85 -16.01 -3.67
N PHE A 424 2.02 -16.38 -2.42
CA PHE A 424 0.93 -16.51 -1.48
C PHE A 424 0.37 -15.20 -1.30
N PHE A 425 1.22 -14.23 -1.00
CA PHE A 425 0.77 -12.88 -0.77
C PHE A 425 0.05 -12.34 -1.98
N VAL A 426 0.59 -12.54 -3.18
CA VAL A 426 -0.06 -12.00 -4.31
C VAL A 426 -1.41 -12.55 -4.38
N VAL A 427 -1.56 -13.87 -4.36
CA VAL A 427 -2.89 -14.49 -4.50
C VAL A 427 -3.80 -13.94 -3.41
N VAL A 428 -3.38 -14.02 -2.15
CA VAL A 428 -4.16 -13.51 -1.04
C VAL A 428 -4.55 -12.02 -1.15
N ILE A 429 -3.58 -11.18 -1.47
CA ILE A 429 -3.82 -9.74 -1.53
C ILE A 429 -4.73 -9.36 -2.67
N PHE A 430 -4.52 -9.98 -3.83
CA PHE A 430 -5.30 -9.64 -5.01
C PHE A 430 -6.71 -10.19 -4.98
N LEU A 431 -6.85 -11.47 -4.64
CA LEU A 431 -8.17 -12.11 -4.67
C LEU A 431 -8.98 -11.98 -3.40
N GLY A 432 -8.31 -11.94 -2.26
CA GLY A 432 -9.01 -11.89 -0.99
C GLY A 432 -9.28 -10.49 -0.50
N SER A 433 -8.38 -9.55 -0.77
CA SER A 433 -8.62 -8.26 -0.24
C SER A 433 -9.52 -7.56 -1.13
N PHE A 434 -9.20 -7.63 -2.38
CA PHE A 434 -9.94 -6.79 -3.20
C PHE A 434 -11.33 -7.24 -3.37
N TYR A 435 -11.54 -8.51 -3.52
CA TYR A 435 -12.83 -8.99 -3.80
C TYR A 435 -13.69 -8.83 -2.62
N LEU A 436 -13.15 -9.03 -1.47
CA LEU A 436 -13.99 -9.04 -0.34
C LEU A 436 -14.21 -7.66 0.16
N ILE A 437 -13.23 -6.79 0.03
CA ILE A 437 -13.52 -5.41 0.39
C ILE A 437 -14.51 -4.79 -0.59
N ASN A 438 -14.31 -5.02 -1.89
CA ASN A 438 -15.28 -4.47 -2.84
C ASN A 438 -16.62 -5.20 -2.80
N LEU A 439 -16.65 -6.45 -2.33
CA LEU A 439 -17.94 -7.09 -2.09
C LEU A 439 -18.69 -6.40 -0.96
N ILE A 440 -18.00 -6.07 0.12
CA ILE A 440 -18.64 -5.36 1.22
C ILE A 440 -19.17 -4.01 0.73
N LEU A 441 -18.33 -3.30 -0.03
CA LEU A 441 -18.73 -2.02 -0.59
C LEU A 441 -19.95 -2.17 -1.48
N ALA A 442 -19.96 -3.20 -2.34
CA ALA A 442 -21.07 -3.40 -3.25
C ALA A 442 -22.36 -3.71 -2.51
N VAL A 443 -22.31 -4.56 -1.49
CA VAL A 443 -23.53 -4.88 -0.75
C VAL A 443 -24.08 -3.65 -0.05
N VAL A 444 -23.22 -2.88 0.60
CA VAL A 444 -23.68 -1.67 1.27
C VAL A 444 -24.29 -0.70 0.26
N ALA A 445 -23.61 -0.51 -0.87
CA ALA A 445 -24.07 0.45 -1.86
C ALA A 445 -25.42 0.04 -2.44
N MET A 446 -25.59 -1.24 -2.78
CA MET A 446 -26.86 -1.65 -3.38
C MET A 446 -27.98 -1.66 -2.35
N ALA A 447 -27.67 -1.98 -1.09
CA ALA A 447 -28.69 -1.89 -0.06
C ALA A 447 -29.20 -0.45 0.06
N TYR A 448 -28.28 0.52 0.11
CA TYR A 448 -28.73 1.90 0.17
C TYR A 448 -29.48 2.29 -1.11
N GLU A 449 -29.12 1.88 -2.27
CA GLU A 449 -29.87 2.31 -3.42
C GLU A 449 -31.21 1.75 -3.29
N GLU A 450 -31.39 0.47 -3.06
CA GLU A 450 -32.75 -0.05 -3.05
C GLU A 450 -33.60 0.63 -1.99
N GLN A 451 -33.01 0.91 -0.81
CA GLN A 451 -33.78 1.59 0.22
C GLN A 451 -34.15 3.00 -0.22
N ASN A 452 -33.22 3.70 -0.87
CA ASN A 452 -33.47 5.05 -1.33
C ASN A 452 -34.55 5.07 -2.40
N GLN A 453 -34.53 4.10 -3.32
CA GLN A 453 -35.57 4.03 -4.33
C GLN A 453 -36.93 3.72 -3.72
N ALA A 454 -36.98 2.84 -2.73
CA ALA A 454 -38.23 2.58 -2.04
C ALA A 454 -38.75 3.84 -1.36
N ASN A 455 -37.85 4.60 -0.71
CA ASN A 455 -38.25 5.84 -0.05
C ASN A 455 -38.77 6.84 -1.07
N ILE A 456 -38.12 6.94 -2.23
CA ILE A 456 -38.54 7.88 -3.26
C ILE A 456 -39.92 7.52 -3.76
N GLU A 457 -40.16 6.23 -4.02
CA GLU A 457 -41.48 5.82 -4.48
C GLU A 457 -42.55 6.04 -3.41
N GLU A 458 -42.23 5.75 -2.15
CA GLU A 458 -43.20 5.90 -1.08
C GLU A 458 -43.57 7.37 -0.88
N ALA A 459 -42.57 8.26 -0.87
CA ALA A 459 -42.85 9.67 -0.64
C ALA A 459 -43.64 10.29 -1.78
N LYS A 460 -43.62 9.68 -2.95
CA LYS A 460 -44.37 10.20 -4.10
C LYS A 460 -45.51 9.29 -4.48
N CYS A 769 -30.99 67.02 1.16
CA CYS A 769 -29.72 66.32 1.28
C CYS A 769 -29.88 64.85 0.92
N SER A 770 -31.02 64.26 1.30
CA SER A 770 -31.26 62.86 0.98
C SER A 770 -31.31 62.57 -0.51
N PRO A 771 -32.06 63.31 -1.35
CA PRO A 771 -32.07 62.98 -2.78
C PRO A 771 -30.70 63.09 -3.42
N TYR A 772 -29.81 63.89 -2.84
CA TYR A 772 -28.44 63.95 -3.36
C TYR A 772 -27.75 62.59 -3.25
N TRP A 773 -27.79 61.97 -2.08
CA TRP A 773 -27.15 60.66 -2.02
C TRP A 773 -28.00 59.55 -2.59
N ILE A 774 -29.29 59.79 -2.86
CA ILE A 774 -30.01 58.85 -3.74
C ILE A 774 -29.47 58.91 -5.16
N LYS A 775 -29.18 60.12 -5.66
CA LYS A 775 -28.55 60.23 -6.97
C LYS A 775 -27.16 59.62 -6.98
N PHE A 776 -26.40 59.81 -5.89
CA PHE A 776 -25.13 59.09 -5.74
C PHE A 776 -25.34 57.58 -5.77
N LYS A 777 -26.42 57.10 -5.14
CA LYS A 777 -26.75 55.68 -5.19
C LYS A 777 -26.93 55.22 -6.63
N LYS A 778 -27.72 55.96 -7.41
CA LYS A 778 -27.95 55.58 -8.81
C LYS A 778 -26.65 55.57 -9.60
N CYS A 779 -25.83 56.60 -9.41
CA CYS A 779 -24.59 56.72 -10.16
C CYS A 779 -23.65 55.56 -9.84
N ILE A 780 -23.42 55.31 -8.55
CA ILE A 780 -22.53 54.22 -8.16
C ILE A 780 -23.10 52.88 -8.63
N TYR A 781 -24.42 52.72 -8.56
CA TYR A 781 -25.05 51.50 -9.03
C TYR A 781 -24.74 51.23 -10.49
N PHE A 782 -24.97 52.19 -11.38
CA PHE A 782 -24.76 51.87 -12.80
C PHE A 782 -23.27 51.91 -13.11
N ILE A 783 -22.45 52.33 -12.14
CA ILE A 783 -21.01 52.29 -12.34
C ILE A 783 -20.39 51.05 -11.72
N VAL A 784 -21.06 50.46 -10.70
CA VAL A 784 -20.45 49.36 -9.95
C VAL A 784 -20.96 47.99 -10.39
N MET A 785 -22.03 47.91 -11.17
CA MET A 785 -22.63 46.63 -11.52
C MET A 785 -22.34 46.19 -12.95
N ASP A 786 -21.41 46.83 -13.64
CA ASP A 786 -21.04 46.40 -14.97
C ASP A 786 -20.32 45.05 -14.88
N PRO A 787 -20.40 44.24 -15.95
CA PRO A 787 -19.75 42.92 -15.92
C PRO A 787 -18.25 42.97 -15.69
N PHE A 788 -17.64 44.13 -15.99
CA PHE A 788 -16.20 44.30 -15.85
C PHE A 788 -15.73 44.10 -14.41
N VAL A 789 -16.48 44.65 -13.45
CA VAL A 789 -16.01 44.67 -12.07
C VAL A 789 -15.92 43.26 -11.50
N ASP A 790 -16.87 42.38 -11.86
CA ASP A 790 -16.85 41.03 -11.32
C ASP A 790 -15.68 40.23 -11.86
N LEU A 791 -15.42 40.32 -13.17
CA LEU A 791 -14.28 39.62 -13.75
C LEU A 791 -12.97 40.15 -13.17
N ALA A 792 -12.87 41.46 -13.00
CA ALA A 792 -11.68 42.04 -12.39
C ALA A 792 -11.53 41.56 -10.94
N ILE A 793 -12.65 41.38 -10.24
CA ILE A 793 -12.58 40.92 -8.86
C ILE A 793 -12.11 39.47 -8.80
N THR A 794 -12.59 38.62 -9.71
CA THR A 794 -12.07 37.25 -9.76
C THR A 794 -10.59 37.23 -10.11
N ILE A 795 -10.16 38.10 -11.02
CA ILE A 795 -8.75 38.21 -11.31
C ILE A 795 -7.97 38.62 -10.07
N CYS A 796 -8.57 39.51 -9.27
CA CYS A 796 -7.94 39.90 -8.00
C CYS A 796 -7.84 38.70 -7.05
N ILE A 797 -8.88 37.87 -7.02
CA ILE A 797 -8.82 36.65 -6.20
C ILE A 797 -7.68 35.77 -6.64
N VAL A 798 -7.54 35.55 -7.95
CA VAL A 798 -6.50 34.66 -8.45
C VAL A 798 -5.12 35.23 -8.17
N LEU A 799 -4.95 36.54 -8.37
CA LEU A 799 -3.67 37.17 -8.07
C LEU A 799 -3.34 37.10 -6.59
N ASN A 800 -4.34 37.31 -5.72
CA ASN A 800 -4.12 37.19 -4.29
C ASN A 800 -3.70 35.77 -3.92
N THR A 801 -4.36 34.78 -4.51
CA THR A 801 -4.00 33.39 -4.25
C THR A 801 -2.57 33.10 -4.70
N LEU A 802 -2.18 33.57 -5.88
CA LEU A 802 -0.83 33.33 -6.38
C LEU A 802 0.20 34.03 -5.51
N PHE A 803 -0.10 35.24 -5.05
CA PHE A 803 0.81 35.90 -4.11
C PHE A 803 0.93 35.17 -2.79
N MET A 804 -0.18 34.72 -2.23
CA MET A 804 -0.19 34.10 -0.92
C MET A 804 0.38 32.69 -0.95
N ALA A 805 0.49 32.08 -2.14
CA ALA A 805 1.08 30.76 -2.29
C ALA A 805 2.59 30.84 -2.52
N MET A 806 3.15 32.04 -2.49
CA MET A 806 4.58 32.23 -2.67
C MET A 806 5.33 32.37 -1.35
N GLU A 807 4.66 32.10 -0.23
CA GLU A 807 5.33 32.09 1.06
C GLU A 807 6.13 30.80 1.22
N HIS A 808 7.29 30.93 1.85
CA HIS A 808 8.17 29.80 2.09
C HIS A 808 9.07 30.15 3.26
N HIS A 809 9.76 29.13 3.79
CA HIS A 809 10.57 29.34 5.00
C HIS A 809 11.79 30.23 4.89
N PRO A 810 12.77 29.90 4.00
CA PRO A 810 13.88 30.83 4.03
C PRO A 810 13.46 31.94 3.11
N MET A 811 12.73 32.90 3.63
CA MET A 811 12.22 33.95 2.79
C MET A 811 12.99 35.17 3.16
N THR A 812 13.56 35.82 2.16
CA THR A 812 14.36 37.01 2.40
C THR A 812 13.41 38.10 2.84
N GLU A 813 13.91 39.03 3.64
CA GLU A 813 13.06 40.07 4.15
C GLU A 813 12.50 40.87 3.03
N GLU A 814 13.29 41.12 2.02
CA GLU A 814 12.75 41.80 0.87
C GLU A 814 11.48 41.13 0.36
N PHE A 815 11.49 39.81 0.14
CA PHE A 815 10.35 39.09 -0.41
C PHE A 815 9.17 39.16 0.55
N LYS A 816 9.44 39.10 1.86
CA LYS A 816 8.40 39.26 2.85
C LYS A 816 7.74 40.63 2.75
N ASN A 817 8.54 41.67 2.55
CA ASN A 817 7.97 43.00 2.37
C ASN A 817 7.13 43.07 1.10
N VAL A 818 7.58 42.39 0.04
CA VAL A 818 6.78 42.33 -1.18
C VAL A 818 5.40 41.77 -0.90
N LEU A 819 5.32 40.62 -0.22
CA LEU A 819 4.00 40.08 0.08
C LEU A 819 3.23 40.96 1.05
N ALA A 820 3.92 41.68 1.94
CA ALA A 820 3.20 42.58 2.84
C ALA A 820 2.49 43.68 2.05
N ILE A 821 3.20 44.35 1.14
CA ILE A 821 2.57 45.38 0.34
C ILE A 821 1.48 44.79 -0.55
N GLY A 822 1.71 43.60 -1.09
CA GLY A 822 0.67 42.96 -1.88
C GLY A 822 -0.58 42.67 -1.08
N ASN A 823 -0.40 42.23 0.17
CA ASN A 823 -1.54 41.96 1.04
C ASN A 823 -2.32 43.24 1.30
N LEU A 824 -1.62 44.34 1.60
CA LEU A 824 -2.32 45.61 1.79
C LEU A 824 -3.06 46.03 0.54
N VAL A 825 -2.44 45.91 -0.64
CA VAL A 825 -3.11 46.30 -1.88
C VAL A 825 -4.38 45.49 -2.09
N PHE A 826 -4.29 44.17 -1.95
CA PHE A 826 -5.45 43.33 -2.21
C PHE A 826 -6.56 43.58 -1.19
N THR A 827 -6.22 43.64 0.09
CA THR A 827 -7.27 43.87 1.09
C THR A 827 -7.91 45.23 0.90
N GLY A 828 -7.13 46.23 0.48
CA GLY A 828 -7.72 47.51 0.16
C GLY A 828 -8.69 47.43 -1.00
N ILE A 829 -8.30 46.70 -2.05
CA ILE A 829 -9.19 46.55 -3.21
C ILE A 829 -10.51 45.89 -2.78
N PHE A 830 -10.42 44.80 -2.03
CA PHE A 830 -11.65 44.08 -1.67
C PHE A 830 -12.53 44.91 -0.74
N ALA A 831 -11.94 45.54 0.29
CA ALA A 831 -12.75 46.34 1.20
C ALA A 831 -13.36 47.55 0.50
N ALA A 832 -12.59 48.19 -0.39
CA ALA A 832 -13.13 49.33 -1.13
C ALA A 832 -14.29 48.91 -2.01
N GLU A 833 -14.13 47.82 -2.77
CA GLU A 833 -15.24 47.38 -3.61
C GLU A 833 -16.44 46.95 -2.77
N MET A 834 -16.19 46.41 -1.58
CA MET A 834 -17.31 46.08 -0.69
C MET A 834 -18.05 47.35 -0.28
N VAL A 835 -17.30 48.42 0.01
CA VAL A 835 -17.94 49.69 0.36
C VAL A 835 -18.76 50.23 -0.82
N LEU A 836 -18.17 50.21 -2.02
CA LEU A 836 -18.85 50.77 -3.19
C LEU A 836 -20.05 49.93 -3.60
N LYS A 837 -20.06 48.64 -3.25
CA LYS A 837 -21.23 47.84 -3.57
C LYS A 837 -22.26 47.90 -2.44
N LEU A 838 -21.81 48.21 -1.22
CA LEU A 838 -22.73 48.47 -0.12
C LEU A 838 -23.52 49.75 -0.34
N ILE A 839 -22.84 50.82 -0.72
CA ILE A 839 -23.46 52.15 -0.72
C ILE A 839 -24.65 52.18 -1.67
N ALA A 840 -24.55 51.50 -2.81
CA ALA A 840 -25.55 51.60 -3.86
C ALA A 840 -26.72 50.62 -3.67
N MET A 841 -26.69 49.79 -2.64
CA MET A 841 -27.76 48.82 -2.47
C MET A 841 -28.30 48.88 -1.05
N ASP A 842 -29.59 48.61 -0.92
CA ASP A 842 -30.23 48.56 0.39
C ASP A 842 -29.67 47.40 1.19
N PRO A 843 -29.23 47.63 2.43
CA PRO A 843 -28.61 46.54 3.21
C PRO A 843 -29.52 45.33 3.38
N TYR A 844 -30.83 45.52 3.53
CA TYR A 844 -31.73 44.39 3.68
C TYR A 844 -31.78 43.59 2.39
N GLU A 845 -31.66 44.28 1.25
CA GLU A 845 -31.50 43.63 -0.05
C GLU A 845 -30.06 43.20 -0.31
N TYR A 846 -29.09 43.92 0.25
CA TYR A 846 -27.68 43.57 0.08
C TYR A 846 -27.36 42.25 0.75
N PHE A 847 -28.00 41.95 1.88
CA PHE A 847 -27.77 40.67 2.56
C PHE A 847 -28.58 39.52 1.95
N GLN A 848 -29.45 39.79 0.97
CA GLN A 848 -30.17 38.70 0.32
C GLN A 848 -29.22 37.74 -0.39
N VAL A 849 -28.15 38.27 -0.99
CA VAL A 849 -27.22 37.46 -1.77
C VAL A 849 -26.37 36.64 -0.81
N GLY A 850 -26.48 35.32 -0.89
CA GLY A 850 -25.71 34.46 0.00
C GLY A 850 -24.21 34.57 -0.19
N TRP A 851 -23.77 34.79 -1.43
CA TRP A 851 -22.35 35.01 -1.68
C TRP A 851 -21.88 36.33 -1.11
N ASN A 852 -22.76 37.30 -1.07
CA ASN A 852 -22.31 38.62 -0.66
C ASN A 852 -22.06 38.75 0.80
N ILE A 853 -22.87 38.11 1.58
CA ILE A 853 -22.63 38.09 3.03
C ILE A 853 -21.32 37.39 3.35
N PHE A 854 -20.98 36.35 2.58
CA PHE A 854 -19.70 35.67 2.74
C PHE A 854 -18.55 36.63 2.44
N ASP A 855 -18.68 37.43 1.38
CA ASP A 855 -17.68 38.44 1.08
C ASP A 855 -17.54 39.44 2.21
N SER A 856 -18.64 39.84 2.81
CA SER A 856 -18.49 40.85 3.83
C SER A 856 -17.80 40.22 5.01
N LEU A 857 -18.20 39.03 5.40
CA LEU A 857 -17.52 38.38 6.51
C LEU A 857 -16.03 38.29 6.27
N ILE A 858 -15.63 37.97 5.02
CA ILE A 858 -14.21 37.93 4.68
C ILE A 858 -13.59 39.31 4.87
N VAL A 859 -14.29 40.36 4.46
CA VAL A 859 -13.75 41.72 4.60
C VAL A 859 -13.57 42.07 6.07
N THR A 860 -14.56 41.74 6.90
CA THR A 860 -14.41 42.03 8.33
C THR A 860 -13.23 41.28 8.93
N LEU A 861 -13.07 40.00 8.57
CA LEU A 861 -11.93 39.24 9.08
C LEU A 861 -10.62 39.88 8.64
N SER A 862 -10.57 40.36 7.43
CA SER A 862 -9.33 40.91 6.92
C SER A 862 -9.01 42.24 7.48
N LEU A 863 -10.02 43.01 7.84
CA LEU A 863 -9.78 44.30 8.47
C LEU A 863 -9.39 44.15 9.93
N VAL A 864 -10.06 43.25 10.68
CA VAL A 864 -9.66 43.07 12.07
C VAL A 864 -8.25 42.52 12.15
N GLU A 865 -7.94 41.53 11.30
CA GLU A 865 -6.59 40.98 11.25
C GLU A 865 -5.56 42.08 10.99
N LEU A 866 -5.83 42.92 9.99
CA LEU A 866 -4.86 43.93 9.58
C LEU A 866 -4.66 44.98 10.67
N PHE A 867 -5.75 45.53 11.19
CA PHE A 867 -5.66 46.72 12.02
C PHE A 867 -5.61 46.41 13.52
N LEU A 868 -5.68 45.16 13.92
CA LEU A 868 -5.39 44.85 15.32
C LEU A 868 -3.90 45.03 15.60
N ALA A 869 -3.61 45.47 16.82
CA ALA A 869 -2.22 45.62 17.24
C ALA A 869 -1.50 44.29 17.09
N ASP A 870 -0.34 44.32 16.42
CA ASP A 870 0.33 43.10 16.00
C ASP A 870 0.63 42.20 17.19
N VAL A 871 0.24 40.93 17.05
CA VAL A 871 0.52 39.89 18.05
C VAL A 871 1.16 38.71 17.32
N GLU A 872 2.12 38.07 17.98
CA GLU A 872 2.86 36.98 17.35
C GLU A 872 2.05 35.69 17.32
N GLY A 873 1.26 35.44 18.36
CA GLY A 873 0.61 34.14 18.49
C GLY A 873 -0.48 33.89 17.45
N LEU A 874 -1.28 34.92 17.16
CA LEU A 874 -2.51 34.73 16.39
C LEU A 874 -2.22 34.57 14.90
N SER A 875 -1.66 33.40 14.56
CA SER A 875 -1.47 33.00 13.18
C SER A 875 -2.69 32.29 12.61
N VAL A 876 -3.68 31.96 13.44
CA VAL A 876 -4.94 31.43 12.92
C VAL A 876 -5.62 32.47 12.04
N LEU A 877 -5.58 33.74 12.46
CA LEU A 877 -6.08 34.81 11.61
C LEU A 877 -5.32 34.86 10.29
N ARG A 878 -3.99 34.76 10.36
CA ARG A 878 -3.19 34.70 9.14
C ARG A 878 -3.66 33.60 8.21
N SER A 879 -3.90 32.41 8.75
CA SER A 879 -4.38 31.31 7.93
C SER A 879 -5.78 31.56 7.41
N PHE A 880 -6.54 32.43 8.07
CA PHE A 880 -7.92 32.69 7.64
C PHE A 880 -8.01 33.43 6.32
N ARG A 881 -6.92 34.00 5.80
CA ARG A 881 -7.02 34.73 4.54
C ARG A 881 -7.37 33.80 3.37
N LEU A 882 -7.09 32.50 3.52
CA LEU A 882 -7.26 31.58 2.39
C LEU A 882 -8.70 31.45 1.93
N LEU A 883 -9.66 31.86 2.74
CA LEU A 883 -11.05 31.53 2.44
C LEU A 883 -11.63 32.36 1.31
N ARG A 884 -10.89 33.33 0.77
CA ARG A 884 -11.41 34.07 -0.38
C ARG A 884 -11.50 33.21 -1.63
N VAL A 885 -10.71 32.12 -1.69
CA VAL A 885 -10.58 31.36 -2.92
C VAL A 885 -11.90 30.72 -3.35
N PHE A 886 -12.79 30.42 -2.40
CA PHE A 886 -14.06 29.80 -2.77
C PHE A 886 -14.93 30.70 -3.64
N LYS A 887 -14.65 32.01 -3.68
CA LYS A 887 -15.45 32.90 -4.51
C LYS A 887 -15.33 32.57 -5.99
N LEU A 888 -14.32 31.80 -6.38
CA LEU A 888 -14.23 31.32 -7.75
C LEU A 888 -15.42 30.45 -8.12
N ALA A 889 -16.09 29.85 -7.13
CA ALA A 889 -17.22 28.97 -7.42
C ALA A 889 -18.39 29.72 -8.03
N LYS A 890 -18.40 31.06 -7.95
CA LYS A 890 -19.50 31.81 -8.52
C LYS A 890 -19.58 31.66 -10.03
N SER A 891 -18.44 31.43 -10.69
CA SER A 891 -18.39 31.33 -12.14
C SER A 891 -17.98 29.95 -12.64
N TRP A 892 -17.40 29.11 -11.79
CA TRP A 892 -16.88 27.82 -12.23
C TRP A 892 -18.03 26.87 -12.59
N PRO A 893 -18.08 26.37 -13.83
CA PRO A 893 -19.23 25.54 -14.23
C PRO A 893 -19.30 24.21 -13.51
N THR A 894 -18.16 23.52 -13.34
CA THR A 894 -18.19 22.17 -12.77
C THR A 894 -18.39 22.21 -11.27
N LEU A 895 -17.80 23.21 -10.59
CA LEU A 895 -17.90 23.28 -9.14
C LEU A 895 -19.33 23.53 -8.71
N ASN A 896 -20.06 24.39 -9.44
CA ASN A 896 -21.45 24.62 -9.13
C ASN A 896 -22.29 23.36 -9.32
N MET A 897 -22.04 22.61 -10.39
CA MET A 897 -22.74 21.34 -10.58
C MET A 897 -22.45 20.39 -9.43
N LEU A 898 -21.20 20.35 -8.98
CA LEU A 898 -20.83 19.48 -7.86
C LEU A 898 -21.57 19.86 -6.59
N ILE A 899 -21.58 21.17 -6.26
CA ILE A 899 -22.28 21.59 -5.05
C ILE A 899 -23.77 21.37 -5.18
N LYS A 900 -24.30 21.41 -6.41
CA LYS A 900 -25.68 21.00 -6.62
C LYS A 900 -25.87 19.52 -6.28
N ILE A 901 -24.92 18.69 -6.71
CA ILE A 901 -24.99 17.26 -6.44
C ILE A 901 -25.06 17.01 -4.94
N ILE A 902 -24.25 17.73 -4.16
CA ILE A 902 -24.43 17.64 -2.70
C ILE A 902 -25.78 18.19 -2.28
N GLY A 903 -26.13 19.40 -2.72
CA GLY A 903 -27.28 20.09 -2.16
C GLY A 903 -28.59 19.36 -2.37
N ASN A 904 -28.64 18.44 -3.35
CA ASN A 904 -29.84 17.63 -3.50
C ASN A 904 -30.13 16.78 -2.27
N SER A 905 -29.09 16.25 -1.62
CA SER A 905 -29.27 15.31 -0.50
C SER A 905 -28.29 15.63 0.63
N VAL A 906 -27.97 16.90 0.81
CA VAL A 906 -27.04 17.32 1.87
C VAL A 906 -27.54 16.96 3.26
N GLY A 907 -28.85 16.77 3.44
CA GLY A 907 -29.33 16.30 4.73
C GLY A 907 -28.76 14.94 5.10
N ALA A 908 -28.66 14.04 4.11
CA ALA A 908 -28.08 12.73 4.36
C ALA A 908 -26.62 12.84 4.77
N PHE A 909 -25.84 13.69 4.08
CA PHE A 909 -24.44 13.86 4.45
C PHE A 909 -24.30 14.44 5.84
N GLY A 910 -25.13 15.44 6.18
CA GLY A 910 -25.06 16.03 7.50
C GLY A 910 -25.41 15.04 8.60
N ASN A 911 -26.48 14.26 8.40
CA ASN A 911 -26.87 13.27 9.40
C ASN A 911 -25.82 12.17 9.53
N LEU A 912 -25.20 11.78 8.41
CA LEU A 912 -24.15 10.79 8.48
C LEU A 912 -22.94 11.31 9.25
N MET A 913 -22.56 12.57 9.03
CA MET A 913 -21.47 13.15 9.80
C MET A 913 -21.82 13.22 11.28
N LEU A 914 -23.07 13.56 11.59
CA LEU A 914 -23.49 13.60 12.99
C LEU A 914 -23.41 12.22 13.64
N VAL A 915 -23.89 11.20 12.93
CA VAL A 915 -23.82 9.84 13.46
C VAL A 915 -22.38 9.41 13.65
N LEU A 916 -21.51 9.75 12.70
CA LEU A 916 -20.10 9.40 12.83
C LEU A 916 -19.48 10.07 14.05
N PHE A 917 -19.78 11.35 14.26
CA PHE A 917 -19.23 12.03 15.43
C PHE A 917 -19.73 11.40 16.72
N ILE A 918 -21.02 11.06 16.78
CA ILE A 918 -21.56 10.47 18.00
C ILE A 918 -20.93 9.11 18.26
N ILE A 919 -20.75 8.31 17.21
CA ILE A 919 -20.14 6.99 17.36
C ILE A 919 -18.71 7.12 17.86
N VAL A 920 -17.93 8.03 17.27
CA VAL A 920 -16.54 8.19 17.68
C VAL A 920 -16.45 8.71 19.11
N PHE A 921 -17.38 9.60 19.49
CA PHE A 921 -17.42 10.09 20.86
C PHE A 921 -17.69 8.95 21.84
N ILE A 922 -18.70 8.13 21.54
CA ILE A 922 -19.07 7.06 22.46
C ILE A 922 -17.93 6.07 22.60
N PHE A 923 -17.32 5.67 21.48
CA PHE A 923 -16.22 4.71 21.57
C PHE A 923 -15.01 5.32 22.27
N ALA A 924 -14.77 6.62 22.09
CA ALA A 924 -13.68 7.27 22.80
C ALA A 924 -13.88 7.22 24.30
N VAL A 925 -15.11 7.49 24.75
CA VAL A 925 -15.36 7.47 26.19
C VAL A 925 -15.30 6.05 26.74
N VAL A 926 -15.84 5.07 26.01
CA VAL A 926 -15.76 3.69 26.46
C VAL A 926 -14.32 3.22 26.56
N GLY A 927 -13.50 3.55 25.55
CA GLY A 927 -12.10 3.20 25.62
C GLY A 927 -11.38 3.87 26.76
N MET A 928 -11.70 5.14 27.02
CA MET A 928 -11.01 5.87 28.08
C MET A 928 -11.37 5.31 29.45
N GLN A 929 -12.63 4.86 29.62
CA GLN A 929 -13.02 4.27 30.90
C GLN A 929 -12.48 2.86 31.08
N LEU A 930 -12.59 2.03 30.04
CA LEU A 930 -12.18 0.64 30.16
C LEU A 930 -10.67 0.50 30.23
N PHE A 931 -9.95 1.19 29.35
CA PHE A 931 -8.52 0.96 29.14
C PHE A 931 -7.67 2.10 29.66
N GLY A 932 -8.27 3.12 30.26
CA GLY A 932 -7.52 4.29 30.65
C GLY A 932 -6.51 4.07 31.76
N LYS A 933 -6.89 3.35 32.81
CA LYS A 933 -6.01 3.18 33.96
C LYS A 933 -4.91 2.17 33.64
N SER A 934 -5.20 1.20 32.78
CA SER A 934 -4.24 0.19 32.40
C SER A 934 -3.03 0.81 31.71
N TYR A 935 -3.28 1.74 30.78
CA TYR A 935 -2.19 2.37 30.05
C TYR A 935 -1.21 3.09 30.96
N LYS A 936 -1.62 3.48 32.17
CA LYS A 936 -0.72 4.17 33.07
C LYS A 936 -0.21 3.28 34.20
N GLU A 937 -0.90 2.18 34.51
CA GLU A 937 -0.41 1.24 35.51
C GLU A 937 0.62 0.26 34.96
N CYS A 938 0.44 -0.19 33.73
CA CYS A 938 1.38 -1.06 33.03
C CYS A 938 1.97 -0.29 31.85
N VAL A 939 2.31 0.97 32.10
CA VAL A 939 2.76 1.88 31.05
C VAL A 939 4.02 1.42 30.36
N CYS A 940 4.89 0.75 31.12
CA CYS A 940 6.17 0.26 30.63
C CYS A 940 6.17 -0.89 29.65
N LYS A 941 5.29 -1.88 29.83
CA LYS A 941 5.30 -3.04 28.95
C LYS A 941 5.20 -2.54 27.53
N ILE A 942 4.60 -1.36 27.37
CA ILE A 942 4.50 -0.73 26.07
C ILE A 942 5.46 0.38 25.68
N ASN A 943 6.25 0.94 26.58
CA ASN A 943 7.26 1.94 26.24
C ASN A 943 8.43 1.71 27.09
N ASP A 944 9.63 1.81 26.52
CA ASP A 944 10.85 1.51 27.28
C ASP A 944 11.15 2.58 28.32
N ASP A 945 10.50 3.73 28.21
CA ASP A 945 10.77 4.84 29.14
C ASP A 945 9.82 4.84 30.32
N CYS A 946 8.91 3.87 30.39
CA CYS A 946 7.90 3.84 31.46
C CYS A 946 6.98 5.05 31.37
N THR A 947 7.14 5.85 30.32
CA THR A 947 6.19 6.93 30.06
C THR A 947 5.24 6.54 28.93
N LEU A 948 4.13 7.27 28.84
CA LEU A 948 3.06 6.92 27.93
C LEU A 948 3.51 7.08 26.48
N PRO A 949 3.07 6.20 25.58
CA PRO A 949 3.45 6.33 24.17
C PRO A 949 2.71 7.48 23.49
N ARG A 950 2.91 7.59 22.18
CA ARG A 950 2.27 8.65 21.42
C ARG A 950 0.77 8.42 21.31
N TRP A 951 0.35 7.18 21.09
CA TRP A 951 -1.06 6.81 20.99
C TRP A 951 -1.42 5.99 22.21
N HIS A 952 -2.34 6.51 23.03
CA HIS A 952 -2.81 5.81 24.21
C HIS A 952 -4.27 6.19 24.44
N MET A 953 -4.83 5.66 25.52
CA MET A 953 -6.23 5.91 25.88
C MET A 953 -6.35 6.42 27.30
N ASN A 954 -5.39 7.21 27.76
CA ASN A 954 -5.45 7.72 29.12
C ASN A 954 -6.30 8.99 29.20
N ASP A 955 -6.27 9.80 28.16
CA ASP A 955 -7.06 11.03 28.08
C ASP A 955 -8.21 10.84 27.10
N PHE A 956 -9.11 11.82 27.08
CA PHE A 956 -10.20 11.77 26.12
C PHE A 956 -9.72 12.09 24.71
N PHE A 957 -8.85 13.09 24.57
CA PHE A 957 -8.37 13.48 23.25
C PHE A 957 -7.59 12.35 22.60
N HIS A 958 -6.73 11.67 23.36
CA HIS A 958 -5.91 10.61 22.77
C HIS A 958 -6.75 9.37 22.48
N SER A 959 -7.74 9.07 23.31
CA SER A 959 -8.65 7.98 23.02
C SER A 959 -9.45 8.27 21.75
N PHE A 960 -9.94 9.51 21.61
CA PHE A 960 -10.60 9.94 20.39
C PHE A 960 -9.67 9.78 19.20
N LEU A 961 -8.39 10.12 19.37
CA LEU A 961 -7.44 10.01 18.28
C LEU A 961 -7.22 8.56 17.88
N ILE A 962 -7.15 7.64 18.85
CA ILE A 962 -7.03 6.23 18.52
C ILE A 962 -8.25 5.75 17.74
N VAL A 963 -9.44 6.14 18.17
CA VAL A 963 -10.65 5.70 17.46
C VAL A 963 -10.68 6.26 16.05
N PHE A 964 -10.24 7.51 15.89
CA PHE A 964 -10.15 8.10 14.55
C PHE A 964 -9.16 7.35 13.68
N ARG A 965 -8.00 6.99 14.25
CA ARG A 965 -7.00 6.23 13.49
C ARG A 965 -7.55 4.88 13.07
N VAL A 966 -8.31 4.23 13.95
CA VAL A 966 -8.96 2.97 13.56
C VAL A 966 -9.93 3.19 12.42
N LEU A 967 -10.68 4.30 12.45
CA LEU A 967 -11.54 4.62 11.33
C LEU A 967 -10.74 4.87 10.05
N CYS A 968 -9.51 5.35 10.17
CA CYS A 968 -8.63 5.53 9.01
C CYS A 968 -8.00 4.23 8.55
N GLY A 969 -8.27 3.11 9.21
CA GLY A 969 -7.79 1.82 8.76
C GLY A 969 -6.52 1.34 9.41
N GLU A 970 -6.07 1.95 10.50
CA GLU A 970 -4.86 1.54 11.19
C GLU A 970 -5.23 1.10 12.61
N TRP A 971 -5.34 -0.21 12.81
CA TRP A 971 -5.84 -0.72 14.07
C TRP A 971 -4.97 -1.75 14.77
N ILE A 972 -3.80 -2.09 14.24
CA ILE A 972 -3.12 -3.27 14.79
C ILE A 972 -1.98 -2.89 15.72
N GLU A 973 -1.30 -1.76 15.50
CA GLU A 973 -0.20 -1.40 16.39
C GLU A 973 -0.72 -0.89 17.73
N THR A 974 -1.71 0.00 17.69
CA THR A 974 -2.38 0.42 18.90
C THR A 974 -3.06 -0.76 19.57
N MET A 975 -3.56 -1.72 18.79
CA MET A 975 -4.14 -2.91 19.39
C MET A 975 -3.08 -3.77 20.06
N TRP A 976 -1.89 -3.86 19.49
CA TRP A 976 -0.83 -4.61 20.14
C TRP A 976 -0.53 -4.01 21.50
N ASP A 977 -0.41 -2.69 21.56
CA ASP A 977 -0.22 -2.01 22.84
C ASP A 977 -1.38 -2.30 23.79
N CYS A 978 -2.61 -2.24 23.27
CA CYS A 978 -3.79 -2.44 24.10
C CYS A 978 -3.79 -3.83 24.73
N MET A 979 -3.61 -4.86 23.91
CA MET A 979 -3.59 -6.23 24.45
C MET A 979 -2.42 -6.44 25.40
N GLU A 980 -1.28 -5.82 25.10
CA GLU A 980 -0.14 -5.96 26.01
C GLU A 980 -0.45 -5.38 27.38
N VAL A 981 -1.19 -4.27 27.41
CA VAL A 981 -1.34 -3.55 28.67
C VAL A 981 -2.59 -3.97 29.43
N ALA A 982 -3.61 -4.47 28.73
CA ALA A 982 -4.94 -4.59 29.33
C ALA A 982 -5.67 -5.88 28.94
N GLY A 983 -4.95 -6.90 28.47
CA GLY A 983 -5.61 -8.17 28.20
C GLY A 983 -6.09 -8.33 26.78
N GLN A 984 -6.05 -9.56 26.27
CA GLN A 984 -6.34 -9.80 24.86
C GLN A 984 -7.83 -9.70 24.57
N ALA A 985 -8.66 -10.29 25.43
CA ALA A 985 -10.07 -10.44 25.13
C ALA A 985 -10.78 -9.10 24.99
N MET A 986 -10.64 -8.24 26.00
CA MET A 986 -11.32 -6.96 25.97
C MET A 986 -10.84 -6.10 24.81
N CYS A 987 -9.53 -6.07 24.60
CA CYS A 987 -8.97 -5.20 23.58
C CYS A 987 -9.39 -5.66 22.19
N LEU A 988 -9.37 -6.97 21.96
CA LEU A 988 -9.83 -7.54 20.70
C LEU A 988 -11.29 -7.22 20.46
N ILE A 989 -12.14 -7.39 21.48
CA ILE A 989 -13.57 -7.16 21.32
C ILE A 989 -13.82 -5.69 20.99
N PHE A 990 -13.17 -4.80 21.72
CA PHE A 990 -13.32 -3.36 21.51
C PHE A 990 -12.92 -2.96 20.10
N TYR A 991 -11.70 -3.35 19.69
CA TYR A 991 -11.21 -2.95 18.39
C TYR A 991 -12.04 -3.55 17.27
N MET A 992 -12.50 -4.78 17.43
CA MET A 992 -13.31 -5.40 16.38
C MET A 992 -14.66 -4.71 16.25
N MET A 993 -15.29 -4.37 17.38
CA MET A 993 -16.55 -3.64 17.31
C MET A 993 -16.37 -2.28 16.66
N VAL A 994 -15.30 -1.57 17.04
CA VAL A 994 -15.05 -0.25 16.46
C VAL A 994 -14.82 -0.35 14.97
N PHE A 995 -13.97 -1.28 14.54
CA PHE A 995 -13.71 -1.47 13.13
C PHE A 995 -14.97 -1.81 12.36
N PHE A 996 -15.73 -2.80 12.83
CA PHE A 996 -16.93 -3.19 12.11
C PHE A 996 -17.92 -2.05 11.99
N ILE A 997 -18.19 -1.34 13.10
CA ILE A 997 -19.19 -0.29 13.06
C ILE A 997 -18.74 0.87 12.18
N GLY A 998 -17.54 1.40 12.45
CA GLY A 998 -17.07 2.52 11.67
C GLY A 998 -16.66 2.14 10.26
N ASN A 999 -15.52 1.45 10.14
CA ASN A 999 -14.82 1.35 8.86
C ASN A 999 -15.64 0.60 7.82
N LEU A 1000 -16.17 -0.56 8.18
CA LEU A 1000 -16.83 -1.39 7.18
C LEU A 1000 -18.22 -0.87 6.84
N VAL A 1001 -18.91 -0.26 7.79
CA VAL A 1001 -20.31 0.11 7.58
C VAL A 1001 -20.46 1.59 7.27
N VAL A 1002 -20.07 2.46 8.21
CA VAL A 1002 -20.41 3.87 8.08
C VAL A 1002 -19.59 4.51 6.96
N LEU A 1003 -18.28 4.23 6.92
CA LEU A 1003 -17.45 4.80 5.86
C LEU A 1003 -17.79 4.24 4.49
N ASN A 1004 -18.48 3.10 4.42
CA ASN A 1004 -18.99 2.62 3.15
C ASN A 1004 -20.32 3.25 2.79
N LEU A 1005 -21.14 3.58 3.78
CA LEU A 1005 -22.38 4.30 3.51
C LEU A 1005 -22.10 5.67 2.90
N PHE A 1006 -21.00 6.31 3.29
CA PHE A 1006 -20.64 7.59 2.69
C PHE A 1006 -20.43 7.45 1.19
N LEU A 1007 -19.59 6.48 0.80
CA LEU A 1007 -19.34 6.27 -0.62
C LEU A 1007 -20.62 5.82 -1.33
N ALA A 1008 -21.49 5.10 -0.64
CA ALA A 1008 -22.78 4.73 -1.23
C ALA A 1008 -23.63 5.95 -1.51
N LEU A 1009 -23.68 6.90 -0.56
CA LEU A 1009 -24.42 8.14 -0.79
C LEU A 1009 -23.85 8.91 -1.97
N LEU A 1010 -22.53 9.03 -2.02
CA LEU A 1010 -21.90 9.76 -3.12
C LEU A 1010 -22.18 9.08 -4.46
N LEU A 1011 -22.15 7.76 -4.49
CA LEU A 1011 -22.44 7.03 -5.72
C LEU A 1011 -23.89 7.24 -6.14
N SER A 1012 -24.81 7.25 -5.17
CA SER A 1012 -26.22 7.41 -5.50
C SER A 1012 -26.53 8.83 -5.96
N SER A 1013 -25.81 9.82 -5.42
CA SER A 1013 -26.04 11.20 -5.83
C SER A 1013 -25.72 11.40 -7.31
N PHE A 1014 -24.80 10.62 -7.84
CA PHE A 1014 -24.46 10.70 -9.25
C PHE A 1014 -25.47 9.99 -10.13
N SER A 1015 -26.43 9.27 -9.55
CA SER A 1015 -27.45 8.57 -10.32
C SER A 1015 -28.85 8.97 -9.86
N GLY A 1218 3.76 4.78 -62.41
CA GLY A 1218 4.08 3.37 -62.53
C GLY A 1218 3.23 2.50 -61.63
N LYS A 1219 2.41 1.64 -62.25
CA LYS A 1219 1.55 0.75 -61.48
C LYS A 1219 2.34 -0.31 -60.71
N ILE A 1220 3.58 -0.58 -61.12
CA ILE A 1220 4.42 -1.51 -60.37
C ILE A 1220 4.62 -1.02 -58.94
N TRP A 1221 4.68 0.29 -58.73
CA TRP A 1221 4.71 0.83 -57.38
C TRP A 1221 3.47 0.40 -56.61
N TRP A 1222 2.30 0.42 -57.27
CA TRP A 1222 1.07 0.04 -56.60
C TRP A 1222 1.06 -1.45 -56.27
N ASN A 1223 1.56 -2.29 -57.18
CA ASN A 1223 1.68 -3.71 -56.88
C ASN A 1223 2.61 -3.95 -55.70
N ILE A 1224 3.72 -3.22 -55.66
CA ILE A 1224 4.64 -3.34 -54.53
C ILE A 1224 3.93 -2.95 -53.23
N ARG A 1225 3.13 -1.89 -53.28
CA ARG A 1225 2.46 -1.45 -52.06
C ARG A 1225 1.43 -2.47 -51.59
N LYS A 1226 0.64 -3.02 -52.50
CA LYS A 1226 -0.27 -4.11 -52.12
C LYS A 1226 0.51 -5.29 -51.53
N THR A 1227 1.65 -5.62 -52.12
CA THR A 1227 2.43 -6.75 -51.65
C THR A 1227 2.90 -6.53 -50.22
N CYS A 1228 3.43 -5.35 -49.93
CA CYS A 1228 3.82 -5.02 -48.57
C CYS A 1228 2.62 -5.05 -47.63
N TYR A 1229 1.46 -4.60 -48.11
CA TYR A 1229 0.26 -4.63 -47.28
C TYR A 1229 -0.10 -6.05 -46.88
N LYS A 1230 0.00 -6.99 -47.80
CA LYS A 1230 -0.40 -8.35 -47.56
C LYS A 1230 0.52 -8.93 -46.64
N ILE A 1231 1.76 -8.63 -46.85
CA ILE A 1231 2.80 -9.20 -45.99
C ILE A 1231 2.61 -8.74 -44.55
N VAL A 1232 2.41 -7.44 -44.33
CA VAL A 1232 2.27 -6.93 -42.97
C VAL A 1232 0.99 -7.42 -42.30
N GLU A 1233 -0.11 -7.54 -43.04
CA GLU A 1233 -1.35 -8.01 -42.46
C GLU A 1233 -1.35 -9.49 -42.12
N HIS A 1234 -0.33 -10.23 -42.54
CA HIS A 1234 -0.30 -11.67 -42.35
C HIS A 1234 -0.16 -12.00 -40.86
N SER A 1235 -0.79 -13.09 -40.44
CA SER A 1235 -0.82 -13.46 -39.03
C SER A 1235 0.55 -13.93 -38.54
N TRP A 1236 1.30 -14.65 -39.38
CA TRP A 1236 2.64 -15.08 -39.00
C TRP A 1236 3.54 -13.88 -38.74
N PHE A 1237 3.40 -12.82 -39.56
CA PHE A 1237 4.17 -11.61 -39.33
C PHE A 1237 3.90 -11.03 -37.94
N GLU A 1238 2.63 -10.90 -37.57
CA GLU A 1238 2.29 -10.39 -36.24
C GLU A 1238 2.79 -11.28 -35.13
N SER A 1239 2.67 -12.61 -35.27
CA SER A 1239 3.17 -13.52 -34.24
C SER A 1239 4.67 -13.38 -34.07
N PHE A 1240 5.40 -13.31 -35.19
CA PHE A 1240 6.85 -13.13 -35.13
C PHE A 1240 7.21 -11.83 -34.44
N ILE A 1241 6.48 -10.75 -34.77
CA ILE A 1241 6.79 -9.45 -34.18
C ILE A 1241 6.52 -9.45 -32.69
N VAL A 1242 5.43 -10.07 -32.25
CA VAL A 1242 5.14 -10.14 -30.82
C VAL A 1242 6.20 -10.96 -30.10
N LEU A 1243 6.66 -12.04 -30.72
CA LEU A 1243 7.71 -12.83 -30.09
C LEU A 1243 9.00 -12.01 -29.96
N MET A 1244 9.33 -11.23 -30.98
CA MET A 1244 10.47 -10.32 -30.88
C MET A 1244 10.28 -9.30 -29.77
N ILE A 1245 9.06 -8.78 -29.60
CA ILE A 1245 8.82 -7.80 -28.54
C ILE A 1245 9.07 -8.42 -27.17
N LEU A 1246 8.56 -9.64 -26.95
CA LEU A 1246 8.75 -10.29 -25.66
C LEU A 1246 10.23 -10.61 -25.42
N LEU A 1247 10.95 -11.05 -26.45
CA LEU A 1247 12.37 -11.30 -26.29
C LEU A 1247 13.13 -10.03 -25.95
N SER A 1248 12.77 -8.92 -26.62
CA SER A 1248 13.41 -7.64 -26.33
C SER A 1248 13.16 -7.20 -24.90
N SER A 1249 11.96 -7.44 -24.38
CA SER A 1249 11.67 -7.04 -23.01
C SER A 1249 12.41 -7.91 -21.99
N GLY A 1250 12.47 -9.22 -22.22
CA GLY A 1250 13.27 -10.06 -21.36
C GLY A 1250 14.74 -9.68 -21.34
N ALA A 1251 15.29 -9.37 -22.53
CA ALA A 1251 16.67 -8.90 -22.59
C ALA A 1251 16.88 -7.70 -21.69
N LEU A 1252 15.89 -6.81 -21.62
CA LEU A 1252 15.96 -5.69 -20.68
C LEU A 1252 15.98 -6.19 -19.25
N ALA A 1253 15.12 -7.16 -18.94
CA ALA A 1253 15.04 -7.68 -17.58
C ALA A 1253 16.35 -8.29 -17.11
N PHE A 1254 17.21 -8.74 -18.02
CA PHE A 1254 18.43 -9.43 -17.61
C PHE A 1254 19.52 -8.51 -17.06
N GLU A 1255 19.38 -7.19 -17.16
CA GLU A 1255 20.50 -6.29 -16.85
C GLU A 1255 20.41 -5.80 -15.40
N ASP A 1256 20.89 -6.65 -14.49
CA ASP A 1256 20.92 -6.33 -13.07
C ASP A 1256 22.19 -5.56 -12.72
N ILE A 1257 22.47 -5.42 -11.42
CA ILE A 1257 23.79 -4.99 -10.97
C ILE A 1257 24.79 -6.13 -11.00
N TYR A 1258 24.35 -7.35 -11.28
CA TYR A 1258 25.22 -8.52 -11.35
C TYR A 1258 25.67 -8.82 -12.77
N ILE A 1259 25.38 -7.94 -13.73
CA ILE A 1259 25.68 -8.20 -15.12
C ILE A 1259 27.18 -8.31 -15.38
N GLU A 1260 28.00 -7.83 -14.44
CA GLU A 1260 29.45 -7.97 -14.62
C GLU A 1260 29.88 -9.42 -14.51
N ARG A 1261 29.23 -10.20 -13.64
CA ARG A 1261 29.59 -11.60 -13.51
C ARG A 1261 29.16 -12.39 -14.75
N LYS A 1262 28.04 -12.01 -15.35
CA LYS A 1262 27.52 -12.70 -16.53
C LYS A 1262 28.05 -12.00 -17.79
N LYS A 1263 29.35 -12.19 -18.04
CA LYS A 1263 29.98 -11.56 -19.19
C LYS A 1263 29.45 -12.11 -20.50
N THR A 1264 29.30 -13.44 -20.59
CA THR A 1264 28.81 -14.04 -21.83
C THR A 1264 27.42 -13.53 -22.17
N ILE A 1265 26.49 -13.58 -21.22
CA ILE A 1265 25.14 -13.09 -21.46
C ILE A 1265 25.17 -11.60 -21.79
N LYS A 1266 26.09 -10.86 -21.18
CA LYS A 1266 26.22 -9.45 -21.49
C LYS A 1266 26.54 -9.24 -22.97
N ILE A 1267 27.48 -10.03 -23.50
CA ILE A 1267 27.81 -9.91 -24.92
C ILE A 1267 26.64 -10.32 -25.80
N ILE A 1268 25.96 -11.42 -25.44
CA ILE A 1268 24.85 -11.89 -26.27
C ILE A 1268 23.75 -10.86 -26.35
N LEU A 1269 23.39 -10.23 -25.22
CA LEU A 1269 22.40 -9.15 -25.29
C LEU A 1269 22.93 -7.92 -26.01
N GLU A 1270 24.23 -7.64 -25.91
CA GLU A 1270 24.80 -6.52 -26.65
C GLU A 1270 24.56 -6.67 -28.15
N TYR A 1271 24.66 -7.90 -28.66
CA TYR A 1271 24.41 -8.11 -30.08
C TYR A 1271 22.93 -8.31 -30.40
N ALA A 1272 22.17 -8.92 -29.49
CA ALA A 1272 20.74 -9.06 -29.71
C ALA A 1272 20.07 -7.70 -29.80
N ASP A 1273 20.60 -6.69 -29.11
CA ASP A 1273 20.02 -5.35 -29.22
C ASP A 1273 20.08 -4.85 -30.67
N LYS A 1274 21.23 -5.06 -31.32
CA LYS A 1274 21.35 -4.66 -32.72
C LYS A 1274 20.42 -5.48 -33.60
N ILE A 1275 20.28 -6.78 -33.30
CA ILE A 1275 19.36 -7.61 -34.07
C ILE A 1275 17.94 -7.07 -33.99
N PHE A 1276 17.48 -6.75 -32.78
CA PHE A 1276 16.11 -6.29 -32.61
C PHE A 1276 15.92 -4.91 -33.25
N THR A 1277 16.92 -4.05 -33.16
CA THR A 1277 16.82 -2.75 -33.83
C THR A 1277 16.66 -2.92 -35.33
N TYR A 1278 17.43 -3.84 -35.93
CA TYR A 1278 17.25 -4.15 -37.34
C TYR A 1278 15.82 -4.61 -37.63
N ILE A 1279 15.32 -5.56 -36.84
CA ILE A 1279 14.02 -6.15 -37.13
C ILE A 1279 12.93 -5.08 -37.06
N PHE A 1280 12.99 -4.22 -36.04
CA PHE A 1280 11.94 -3.24 -35.86
C PHE A 1280 12.04 -2.09 -36.87
N ILE A 1281 13.25 -1.72 -37.29
CA ILE A 1281 13.36 -0.77 -38.38
C ILE A 1281 12.77 -1.34 -39.66
N LEU A 1282 13.01 -2.63 -39.93
CA LEU A 1282 12.42 -3.25 -41.09
C LEU A 1282 10.89 -3.24 -41.02
N GLU A 1283 10.34 -3.53 -39.83
CA GLU A 1283 8.89 -3.50 -39.66
C GLU A 1283 8.35 -2.09 -39.92
N MET A 1284 9.05 -1.08 -39.41
CA MET A 1284 8.61 0.30 -39.62
C MET A 1284 8.60 0.64 -41.11
N LEU A 1285 9.66 0.26 -41.83
CA LEU A 1285 9.71 0.56 -43.25
C LEU A 1285 8.61 -0.16 -44.01
N LEU A 1286 8.35 -1.42 -43.67
CA LEU A 1286 7.27 -2.14 -44.36
C LEU A 1286 5.92 -1.50 -44.09
N LYS A 1287 5.68 -1.07 -42.86
CA LYS A 1287 4.42 -0.38 -42.57
C LYS A 1287 4.33 0.93 -43.33
N TRP A 1288 5.46 1.63 -43.49
CA TRP A 1288 5.46 2.87 -44.28
C TRP A 1288 5.08 2.59 -45.72
N ILE A 1289 5.70 1.59 -46.34
CA ILE A 1289 5.40 1.31 -47.74
C ILE A 1289 3.95 0.84 -47.90
N ALA A 1290 3.47 0.03 -46.97
CA ALA A 1290 2.13 -0.53 -47.11
C ALA A 1290 1.04 0.47 -46.78
N TYR A 1291 1.01 0.95 -45.53
CA TYR A 1291 -0.08 1.81 -45.08
C TYR A 1291 -0.05 3.16 -45.77
N GLY A 1292 1.14 3.72 -45.99
CA GLY A 1292 1.29 5.09 -46.41
C GLY A 1292 1.70 5.98 -45.24
N TYR A 1293 1.99 7.24 -45.58
CA TYR A 1293 2.42 8.17 -44.53
C TYR A 1293 1.24 8.73 -43.76
N LYS A 1294 0.17 9.12 -44.48
CA LYS A 1294 -1.00 9.67 -43.80
C LYS A 1294 -1.62 8.64 -42.86
N THR A 1295 -1.83 7.43 -43.35
CA THR A 1295 -2.42 6.38 -42.54
C THR A 1295 -1.52 6.04 -41.35
N TYR A 1296 -0.21 5.99 -41.56
CA TYR A 1296 0.70 5.64 -40.48
C TYR A 1296 0.70 6.71 -39.40
N PHE A 1297 0.87 7.97 -39.78
CA PHE A 1297 1.02 9.04 -38.80
C PHE A 1297 -0.31 9.57 -38.27
N THR A 1298 -1.44 9.08 -38.76
CA THR A 1298 -2.73 9.40 -38.17
C THR A 1298 -3.06 8.46 -37.02
N ASN A 1299 -2.18 7.49 -36.74
CA ASN A 1299 -2.46 6.42 -35.79
C ASN A 1299 -1.56 6.60 -34.57
N ALA A 1300 -2.14 6.48 -33.38
CA ALA A 1300 -1.39 6.71 -32.15
C ALA A 1300 -0.44 5.57 -31.84
N TRP A 1301 -0.88 4.32 -32.06
CA TRP A 1301 -0.01 3.18 -31.81
C TRP A 1301 1.22 3.21 -32.72
N CYS A 1302 1.02 3.52 -34.00
CA CYS A 1302 2.15 3.62 -34.90
C CYS A 1302 3.06 4.77 -34.51
N TRP A 1303 2.50 5.86 -33.97
CA TRP A 1303 3.34 6.94 -33.47
C TRP A 1303 4.20 6.47 -32.30
N LEU A 1304 3.61 5.71 -31.37
CA LEU A 1304 4.38 5.17 -30.26
C LEU A 1304 5.52 4.29 -30.76
N ASP A 1305 5.22 3.37 -31.68
CA ASP A 1305 6.26 2.50 -32.22
C ASP A 1305 7.34 3.31 -32.92
N PHE A 1306 6.93 4.33 -33.67
CA PHE A 1306 7.87 5.19 -34.38
C PHE A 1306 8.81 5.91 -33.42
N LEU A 1307 8.27 6.43 -32.31
CA LEU A 1307 9.12 7.10 -31.34
C LEU A 1307 10.10 6.14 -30.69
N ILE A 1308 9.65 4.93 -30.34
CA ILE A 1308 10.58 3.97 -29.73
C ILE A 1308 11.68 3.60 -30.71
N VAL A 1309 11.33 3.35 -31.97
CA VAL A 1309 12.35 3.00 -32.96
C VAL A 1309 13.33 4.16 -33.16
N ASP A 1310 12.82 5.40 -33.16
CA ASP A 1310 13.73 6.54 -33.32
C ASP A 1310 14.69 6.67 -32.14
N VAL A 1311 14.18 6.46 -30.92
CA VAL A 1311 15.07 6.50 -29.76
C VAL A 1311 16.15 5.43 -29.87
N SER A 1312 15.74 4.21 -30.23
CA SER A 1312 16.72 3.12 -30.35
C SER A 1312 17.75 3.41 -31.43
N LEU A 1313 17.30 3.93 -32.57
CA LEU A 1313 18.23 4.25 -33.65
C LEU A 1313 19.19 5.35 -33.27
N VAL A 1314 18.71 6.38 -32.58
CA VAL A 1314 19.59 7.46 -32.14
C VAL A 1314 20.65 6.92 -31.19
N THR A 1315 20.24 6.08 -30.24
CA THR A 1315 21.21 5.50 -29.31
C THR A 1315 22.24 4.65 -30.05
N LEU A 1316 21.78 3.83 -31.01
CA LEU A 1316 22.70 2.98 -31.75
C LEU A 1316 23.69 3.80 -32.57
N VAL A 1317 23.21 4.87 -33.22
CA VAL A 1317 24.10 5.72 -34.01
C VAL A 1317 25.11 6.42 -33.11
N ALA A 1318 24.67 6.89 -31.95
CA ALA A 1318 25.59 7.52 -31.01
C ALA A 1318 26.67 6.53 -30.57
N ASN A 1319 26.28 5.29 -30.30
CA ASN A 1319 27.27 4.27 -29.94
C ASN A 1319 28.24 4.02 -31.09
N THR A 1320 27.72 3.91 -32.32
CA THR A 1320 28.56 3.58 -33.46
C THR A 1320 29.56 4.69 -33.75
N LEU A 1321 29.12 5.94 -33.70
CA LEU A 1321 30.00 7.07 -34.01
C LEU A 1321 30.95 7.41 -32.89
N GLY A 1322 30.97 6.64 -31.81
CA GLY A 1322 31.86 6.90 -30.70
C GLY A 1322 31.41 8.00 -29.76
N TYR A 1323 30.25 8.61 -30.03
CA TYR A 1323 29.73 9.68 -29.18
C TYR A 1323 29.11 9.16 -27.89
N SER A 1324 29.26 7.87 -27.60
CA SER A 1324 28.75 7.32 -26.36
C SER A 1324 29.53 7.89 -25.17
N ASP A 1325 29.11 7.49 -23.96
CA ASP A 1325 29.65 8.05 -22.72
C ASP A 1325 29.51 9.57 -22.70
N LEU A 1326 28.43 10.08 -23.27
CA LEU A 1326 28.13 11.50 -23.28
C LEU A 1326 26.95 11.76 -22.36
N GLY A 1327 26.96 12.92 -21.71
CA GLY A 1327 25.98 13.26 -20.70
C GLY A 1327 24.55 13.00 -21.11
N PRO A 1328 24.04 13.78 -22.09
CA PRO A 1328 22.65 13.57 -22.52
C PRO A 1328 22.39 12.16 -23.06
N ILE A 1329 23.34 11.61 -23.82
CA ILE A 1329 23.11 10.32 -24.47
C ILE A 1329 22.94 9.20 -23.45
N LYS A 1330 23.68 9.27 -22.35
CA LYS A 1330 23.56 8.25 -21.30
C LYS A 1330 22.14 8.21 -20.73
N SER A 1331 21.40 9.31 -20.82
CA SER A 1331 20.03 9.31 -20.33
C SER A 1331 19.06 8.76 -21.38
N LEU A 1332 19.52 8.64 -22.63
CA LEU A 1332 18.69 8.03 -23.67
C LEU A 1332 18.72 6.51 -23.57
N ARG A 1333 19.62 5.97 -22.75
CA ARG A 1333 19.59 4.55 -22.45
C ARG A 1333 18.62 4.19 -21.35
N THR A 1334 18.27 5.12 -20.48
CA THR A 1334 17.19 4.87 -19.54
C THR A 1334 15.83 4.77 -20.22
N LEU A 1335 15.69 5.40 -21.39
CA LEU A 1335 14.48 5.30 -22.18
C LEU A 1335 14.30 3.92 -22.81
N ARG A 1336 15.31 3.06 -22.72
CA ARG A 1336 15.17 1.68 -23.15
C ARG A 1336 14.13 0.92 -22.36
N ALA A 1337 13.77 1.39 -21.16
CA ALA A 1337 12.71 0.77 -20.39
C ALA A 1337 11.34 0.95 -21.02
N LEU A 1338 11.22 1.80 -22.03
CA LEU A 1338 9.95 2.06 -22.68
C LEU A 1338 9.62 1.08 -23.79
N ARG A 1339 10.56 0.23 -24.19
CA ARG A 1339 10.31 -0.76 -25.23
C ARG A 1339 9.17 -1.72 -24.90
N PRO A 1340 9.00 -2.17 -23.65
CA PRO A 1340 7.82 -2.99 -23.34
C PRO A 1340 6.49 -2.38 -23.79
N LEU A 1341 6.45 -1.08 -24.06
CA LEU A 1341 5.21 -0.42 -24.42
C LEU A 1341 4.66 -0.88 -25.75
N ARG A 1342 5.45 -1.54 -26.60
CA ARG A 1342 4.91 -2.05 -27.85
C ARG A 1342 4.02 -3.26 -27.65
N ALA A 1343 3.99 -3.83 -26.45
CA ALA A 1343 3.07 -4.93 -26.17
C ALA A 1343 1.64 -4.42 -26.05
N LEU A 1344 1.47 -3.15 -25.71
CA LEU A 1344 0.13 -2.57 -25.58
C LEU A 1344 -0.66 -2.71 -26.86
N SER A 1345 -0.03 -2.52 -28.01
CA SER A 1345 -0.75 -2.49 -29.27
C SER A 1345 -1.11 -3.88 -29.78
N ARG A 1346 -0.55 -4.94 -29.19
CA ARG A 1346 -0.70 -6.28 -29.72
C ARG A 1346 -1.69 -7.14 -28.94
N PHE A 1347 -1.78 -6.96 -27.62
CA PHE A 1347 -2.69 -7.75 -26.80
C PHE A 1347 -3.96 -6.94 -26.60
N GLU A 1348 -5.10 -7.56 -26.91
CA GLU A 1348 -6.38 -6.87 -26.93
C GLU A 1348 -6.86 -6.52 -25.53
N GLY A 1349 -6.47 -7.32 -24.53
CA GLY A 1349 -6.93 -7.04 -23.17
C GLY A 1349 -6.45 -5.70 -22.66
N MET A 1350 -5.16 -5.42 -22.81
CA MET A 1350 -4.68 -4.11 -22.37
C MET A 1350 -5.18 -3.00 -23.28
N ARG A 1351 -5.44 -3.30 -24.55
CA ARG A 1351 -6.05 -2.29 -25.42
C ARG A 1351 -7.42 -1.87 -24.92
N VAL A 1352 -8.27 -2.84 -24.56
CA VAL A 1352 -9.62 -2.49 -24.10
C VAL A 1352 -9.56 -1.81 -22.74
N VAL A 1353 -8.62 -2.23 -21.88
CA VAL A 1353 -8.52 -1.60 -20.57
C VAL A 1353 -8.02 -0.17 -20.69
N VAL A 1354 -7.09 0.07 -21.61
CA VAL A 1354 -6.59 1.43 -21.85
C VAL A 1354 -7.68 2.29 -22.49
N ASN A 1355 -8.47 1.72 -23.40
CA ASN A 1355 -9.57 2.48 -23.99
C ASN A 1355 -10.60 2.85 -22.93
N ALA A 1356 -10.84 1.96 -21.96
CA ALA A 1356 -11.71 2.30 -20.85
C ALA A 1356 -11.14 3.45 -20.04
N LEU A 1357 -9.83 3.42 -19.77
CA LEU A 1357 -9.21 4.50 -19.00
C LEU A 1357 -9.14 5.82 -19.75
N ILE A 1358 -9.00 5.82 -21.07
CA ILE A 1358 -8.84 7.04 -21.82
C ILE A 1358 -10.14 7.83 -21.92
N GLY A 1359 -11.28 7.16 -22.07
CA GLY A 1359 -12.53 7.86 -22.15
C GLY A 1359 -13.00 8.52 -20.87
N ALA A 1360 -12.27 8.32 -19.77
CA ALA A 1360 -12.62 8.92 -18.49
C ALA A 1360 -11.72 10.08 -18.09
N ILE A 1361 -10.66 10.35 -18.83
CA ILE A 1361 -9.71 11.42 -18.54
C ILE A 1361 -10.39 12.79 -18.54
N PRO A 1362 -11.28 13.12 -19.51
CA PRO A 1362 -11.89 14.45 -19.50
C PRO A 1362 -12.54 14.84 -18.18
N SER A 1363 -13.21 13.91 -17.51
CA SER A 1363 -13.83 14.19 -16.22
C SER A 1363 -12.86 14.12 -15.05
N ILE A 1364 -11.88 13.22 -15.11
CA ILE A 1364 -10.83 13.20 -14.10
C ILE A 1364 -10.13 14.55 -14.07
N MET A 1365 -10.00 15.21 -15.23
CA MET A 1365 -9.31 16.50 -15.25
C MET A 1365 -10.08 17.56 -14.46
N ASN A 1366 -11.40 17.65 -14.67
CA ASN A 1366 -12.18 18.64 -13.93
C ASN A 1366 -12.19 18.34 -12.42
N VAL A 1367 -12.39 17.07 -12.05
CA VAL A 1367 -12.36 16.74 -10.64
C VAL A 1367 -10.99 17.03 -10.04
N LEU A 1368 -9.93 16.72 -10.79
CA LEU A 1368 -8.59 17.01 -10.34
C LEU A 1368 -8.38 18.49 -10.14
N LEU A 1369 -8.96 19.32 -11.01
CA LEU A 1369 -8.82 20.77 -10.86
C LEU A 1369 -9.48 21.25 -9.57
N VAL A 1370 -10.69 20.76 -9.31
CA VAL A 1370 -11.39 21.17 -8.07
C VAL A 1370 -10.59 20.74 -6.84
N CYS A 1371 -10.14 19.49 -6.83
CA CYS A 1371 -9.38 19.00 -5.68
C CYS A 1371 -8.02 19.67 -5.59
N LEU A 1372 -7.45 20.12 -6.70
CA LEU A 1372 -6.22 20.89 -6.64
C LEU A 1372 -6.45 22.23 -5.95
N ILE A 1373 -7.56 22.90 -6.25
CA ILE A 1373 -7.86 24.14 -5.53
C ILE A 1373 -8.01 23.88 -4.03
N PHE A 1374 -8.78 22.85 -3.67
CA PHE A 1374 -8.97 22.56 -2.24
C PHE A 1374 -7.65 22.21 -1.56
N TRP A 1375 -6.85 21.35 -2.19
CA TRP A 1375 -5.58 20.95 -1.62
C TRP A 1375 -4.61 22.12 -1.57
N LEU A 1376 -4.78 23.11 -2.46
CA LEU A 1376 -3.95 24.30 -2.42
C LEU A 1376 -4.30 25.16 -1.22
N ILE A 1377 -5.59 25.30 -0.92
CA ILE A 1377 -5.98 26.01 0.30
C ILE A 1377 -5.40 25.33 1.53
N PHE A 1378 -5.56 24.00 1.61
CA PHE A 1378 -5.02 23.28 2.76
C PHE A 1378 -3.50 23.37 2.82
N SER A 1379 -2.84 23.37 1.66
CA SER A 1379 -1.39 23.43 1.64
C SER A 1379 -0.87 24.79 2.05
N ILE A 1380 -1.57 25.87 1.68
CA ILE A 1380 -1.14 27.18 2.12
C ILE A 1380 -1.41 27.35 3.61
N MET A 1381 -2.52 26.81 4.12
CA MET A 1381 -2.73 26.80 5.56
C MET A 1381 -1.61 26.08 6.28
N GLY A 1382 -1.22 24.91 5.77
CA GLY A 1382 -0.11 24.19 6.36
C GLY A 1382 1.19 24.94 6.30
N VAL A 1383 1.42 25.67 5.20
CA VAL A 1383 2.63 26.47 5.10
C VAL A 1383 2.62 27.60 6.12
N ASN A 1384 1.46 28.22 6.32
CA ASN A 1384 1.35 29.26 7.34
C ASN A 1384 1.65 28.69 8.73
N LEU A 1385 1.14 27.50 9.02
CA LEU A 1385 1.25 26.94 10.36
C LEU A 1385 2.63 26.34 10.65
N PHE A 1386 3.26 25.70 9.66
CA PHE A 1386 4.36 24.77 9.94
C PHE A 1386 5.63 25.08 9.16
N ALA A 1387 5.77 26.29 8.61
CA ALA A 1387 6.89 26.59 7.73
C ALA A 1387 8.17 26.78 8.54
N GLY A 1388 9.12 25.86 8.35
CA GLY A 1388 10.40 25.96 9.01
C GLY A 1388 10.44 25.50 10.44
N LYS A 1389 9.35 24.95 10.95
CA LYS A 1389 9.25 24.55 12.34
C LYS A 1389 9.58 23.09 12.56
N PHE A 1390 9.92 22.34 11.52
CA PHE A 1390 10.24 20.93 11.65
C PHE A 1390 11.73 20.68 11.81
N TYR A 1391 12.55 21.71 11.93
CA TYR A 1391 13.96 21.51 12.21
C TYR A 1391 14.10 20.99 13.63
N GLU A 1392 14.94 19.99 13.81
CA GLU A 1392 15.22 19.44 15.12
C GLU A 1392 16.70 19.13 15.18
N CYS A 1393 17.26 19.16 16.38
CA CYS A 1393 18.70 18.99 16.54
C CYS A 1393 18.93 17.66 17.22
N ILE A 1394 19.35 16.66 16.45
CA ILE A 1394 19.28 15.27 16.88
C ILE A 1394 20.67 14.74 17.18
N ASN A 1395 20.69 13.58 17.84
CA ASN A 1395 21.89 12.81 18.08
C ASN A 1395 21.98 11.73 17.01
N THR A 1396 22.88 11.93 16.04
CA THR A 1396 22.94 11.06 14.87
C THR A 1396 23.38 9.64 15.20
N THR A 1397 23.99 9.41 16.36
CA THR A 1397 24.36 8.04 16.73
C THR A 1397 23.13 7.17 16.90
N ASP A 1398 22.11 7.68 17.59
CA ASP A 1398 20.88 6.93 17.80
C ASP A 1398 19.62 7.66 17.33
N GLY A 1399 19.76 8.81 16.69
CA GLY A 1399 18.62 9.50 16.11
C GLY A 1399 17.57 9.96 17.09
N SER A 1400 17.98 10.53 18.22
CA SER A 1400 17.08 10.95 19.27
C SER A 1400 17.11 12.46 19.41
N ARG A 1401 15.93 13.09 19.40
CA ARG A 1401 15.83 14.52 19.61
C ARG A 1401 16.36 14.89 20.99
N PHE A 1402 17.05 16.02 21.06
CA PHE A 1402 17.69 16.40 22.31
C PHE A 1402 16.64 16.91 23.30
N PRO A 1403 16.92 16.89 24.61
CA PRO A 1403 15.88 17.12 25.62
C PRO A 1403 15.09 18.42 25.50
N ALA A 1404 15.54 19.34 24.64
CA ALA A 1404 14.84 20.60 24.38
C ALA A 1404 14.94 21.54 25.57
N SER A 1405 15.51 21.06 26.67
CA SER A 1405 15.95 21.91 27.77
C SER A 1405 17.45 22.07 27.80
N GLN A 1406 18.19 21.16 27.17
CA GLN A 1406 19.62 21.27 26.95
C GLN A 1406 19.94 22.18 25.77
N VAL A 1407 19.26 21.98 24.64
CA VAL A 1407 19.41 22.86 23.49
C VAL A 1407 18.04 23.46 23.15
N PRO A 1408 17.73 24.65 23.64
CA PRO A 1408 16.39 25.23 23.42
C PRO A 1408 16.16 25.66 21.99
N ASN A 1409 17.19 26.17 21.32
CA ASN A 1409 17.02 26.70 19.97
C ASN A 1409 18.19 26.34 19.07
N ARG A 1410 18.26 26.96 17.90
CA ARG A 1410 19.23 26.58 16.88
C ARG A 1410 20.66 26.95 17.27
N SER A 1411 20.82 28.12 17.88
CA SER A 1411 22.15 28.61 18.23
C SER A 1411 22.90 27.65 19.15
N GLU A 1412 22.25 27.21 20.22
CA GLU A 1412 22.86 26.22 21.11
C GLU A 1412 23.07 24.90 20.42
N CYS A 1413 22.25 24.54 19.43
CA CYS A 1413 22.52 23.28 18.75
C CYS A 1413 23.78 23.37 17.91
N PHE A 1414 23.99 24.50 17.23
CA PHE A 1414 25.25 24.69 16.52
C PHE A 1414 26.43 24.78 17.48
N ALA A 1415 26.23 25.37 18.67
CA ALA A 1415 27.30 25.36 19.66
C ALA A 1415 27.63 23.93 20.08
N LEU A 1416 26.61 23.08 20.20
CA LEU A 1416 26.85 21.66 20.48
C LEU A 1416 27.65 21.01 19.36
N MET A 1417 27.26 21.23 18.10
CA MET A 1417 28.02 20.67 16.98
C MET A 1417 29.45 21.18 16.98
N ASN A 1418 29.70 22.40 17.43
CA ASN A 1418 31.07 22.90 17.44
C ASN A 1418 31.86 22.26 18.58
N VAL A 1419 31.19 22.00 19.72
CA VAL A 1419 31.87 21.37 20.84
C VAL A 1419 31.89 19.86 20.70
N SER A 1420 30.78 19.25 20.26
CA SER A 1420 30.70 17.81 20.15
C SER A 1420 30.32 17.42 18.74
N GLN A 1421 30.65 16.18 18.36
CA GLN A 1421 30.35 15.67 17.04
C GLN A 1421 29.08 14.82 17.14
N ASN A 1422 28.63 14.31 15.99
CA ASN A 1422 27.44 13.46 15.90
C ASN A 1422 26.17 14.22 16.26
N VAL A 1423 26.21 15.54 16.14
CA VAL A 1423 25.06 16.40 16.38
C VAL A 1423 24.68 17.05 15.05
N ARG A 1424 23.38 17.12 14.76
CA ARG A 1424 22.94 17.63 13.48
C ARG A 1424 21.62 18.37 13.64
N TRP A 1425 21.55 19.57 13.06
CA TRP A 1425 20.32 20.37 13.03
C TRP A 1425 19.52 19.98 11.78
N LYS A 1426 18.79 18.88 11.93
CA LYS A 1426 18.18 18.19 10.79
C LYS A 1426 16.72 18.56 10.63
N ASN A 1427 16.29 18.68 9.38
CA ASN A 1427 14.90 18.92 9.00
C ASN A 1427 14.32 17.63 8.45
N LEU A 1428 13.02 17.61 8.22
CA LEU A 1428 12.34 16.47 7.62
C LEU A 1428 12.44 16.54 6.11
N LYS A 1429 12.41 15.38 5.47
CA LYS A 1429 12.50 15.35 4.02
C LYS A 1429 11.19 15.74 3.35
N VAL A 1430 10.06 15.33 3.92
CA VAL A 1430 8.75 15.74 3.44
C VAL A 1430 8.15 16.62 4.55
N ASN A 1431 8.20 17.92 4.34
CA ASN A 1431 7.77 18.92 5.32
C ASN A 1431 6.84 19.92 4.65
N PHE A 1432 6.56 21.02 5.36
CA PHE A 1432 5.59 22.00 4.89
C PHE A 1432 6.27 23.32 4.56
N ASP A 1433 7.49 23.27 4.03
CA ASP A 1433 8.31 24.46 3.83
C ASP A 1433 7.84 25.32 2.67
N ASN A 1434 7.23 24.74 1.66
CA ASN A 1434 6.64 25.52 0.58
C ASN A 1434 5.45 24.76 0.03
N VAL A 1435 4.68 25.41 -0.83
CA VAL A 1435 3.42 24.85 -1.29
C VAL A 1435 3.68 23.59 -2.10
N GLY A 1436 4.83 23.53 -2.77
CA GLY A 1436 5.19 22.34 -3.50
C GLY A 1436 5.44 21.14 -2.60
N LEU A 1437 6.21 21.34 -1.52
CA LEU A 1437 6.43 20.29 -0.55
C LEU A 1437 5.19 20.03 0.29
N GLY A 1438 4.37 21.06 0.50
CA GLY A 1438 3.12 20.85 1.20
C GLY A 1438 2.21 19.88 0.46
N TYR A 1439 2.27 19.88 -0.87
CA TYR A 1439 1.46 18.94 -1.64
C TYR A 1439 1.91 17.51 -1.40
N LEU A 1440 3.23 17.28 -1.32
CA LEU A 1440 3.73 15.94 -1.01
C LEU A 1440 3.31 15.52 0.39
N SER A 1441 3.40 16.42 1.36
CA SER A 1441 2.98 16.10 2.71
C SER A 1441 1.50 15.77 2.77
N LEU A 1442 0.67 16.53 2.06
CA LEU A 1442 -0.75 16.21 1.98
C LEU A 1442 -1.01 14.88 1.30
N LEU A 1443 -0.21 14.52 0.30
CA LEU A 1443 -0.40 13.22 -0.33
C LEU A 1443 -0.10 12.09 0.65
N GLN A 1444 0.96 12.25 1.44
CA GLN A 1444 1.26 11.23 2.46
C GLN A 1444 0.16 11.17 3.52
N VAL A 1445 -0.34 12.32 3.96
CA VAL A 1445 -1.41 12.31 4.96
C VAL A 1445 -2.68 11.69 4.39
N ALA A 1446 -3.01 11.97 3.13
CA ALA A 1446 -4.21 11.46 2.50
C ALA A 1446 -4.15 9.98 2.21
N THR A 1447 -2.97 9.44 1.91
CA THR A 1447 -2.82 8.01 1.71
C THR A 1447 -2.47 7.26 2.99
N PHE A 1448 -2.26 7.98 4.09
CA PHE A 1448 -1.99 7.40 5.41
C PHE A 1448 -0.67 6.65 5.45
N LYS A 1449 0.27 7.03 4.59
CA LYS A 1449 1.58 6.41 4.52
C LYS A 1449 2.63 7.45 4.88
N GLY A 1450 3.29 7.26 6.02
CA GLY A 1450 4.24 8.24 6.51
C GLY A 1450 3.60 9.43 7.18
N TRP A 1451 2.27 9.41 7.35
CA TRP A 1451 1.55 10.54 7.89
C TRP A 1451 1.89 10.77 9.36
N THR A 1452 2.18 9.70 10.10
CA THR A 1452 2.47 9.85 11.53
C THR A 1452 3.75 10.63 11.76
N ILE A 1453 4.75 10.44 10.89
CA ILE A 1453 6.01 11.16 11.05
C ILE A 1453 5.79 12.66 10.93
N ILE A 1454 4.91 13.06 10.00
CA ILE A 1454 4.59 14.48 9.83
C ILE A 1454 3.77 14.97 11.02
N MET A 1455 2.78 14.19 11.44
CA MET A 1455 1.91 14.60 12.53
C MET A 1455 2.68 14.78 13.84
N TYR A 1456 3.68 13.91 14.09
CA TYR A 1456 4.45 14.02 15.32
C TYR A 1456 5.24 15.31 15.37
N ALA A 1457 5.86 15.71 14.27
CA ALA A 1457 6.61 16.95 14.24
C ALA A 1457 5.70 18.17 14.16
N ALA A 1458 4.47 18.01 13.67
CA ALA A 1458 3.53 19.12 13.63
C ALA A 1458 3.04 19.47 15.03
N VAL A 1459 2.75 18.45 15.84
CA VAL A 1459 2.18 18.67 17.16
C VAL A 1459 3.29 18.98 18.15
N ASP A 1460 4.53 18.87 17.70
CA ASP A 1460 5.68 19.19 18.53
C ASP A 1460 6.30 20.55 18.23
N SER A 1461 5.83 21.25 17.19
CA SER A 1461 6.50 22.46 16.74
C SER A 1461 6.30 23.58 17.74
N VAL A 1462 7.34 24.40 17.90
CA VAL A 1462 7.28 25.58 18.76
C VAL A 1462 7.37 26.83 17.91
N ASN A 1463 8.49 27.00 17.22
CA ASN A 1463 8.71 28.14 16.32
C ASN A 1463 9.78 27.79 15.31
N VAL A 1464 10.29 28.80 14.59
CA VAL A 1464 11.13 28.53 13.44
C VAL A 1464 12.51 28.03 13.87
N ASP A 1465 13.23 28.81 14.65
CA ASP A 1465 14.58 28.47 15.07
C ASP A 1465 14.60 27.95 16.50
N LYS A 1466 13.53 27.26 16.90
CA LYS A 1466 13.40 26.73 18.25
C LYS A 1466 13.25 25.22 18.20
N GLN A 1467 13.85 24.56 19.19
CA GLN A 1467 13.75 23.10 19.30
C GLN A 1467 12.29 22.69 19.54
N PRO A 1468 11.82 21.64 18.86
CA PRO A 1468 10.47 21.15 19.15
C PRO A 1468 10.37 20.59 20.55
N LYS A 1469 9.15 20.58 21.07
CA LYS A 1469 8.84 20.06 22.41
C LYS A 1469 7.74 19.04 22.29
N TYR A 1470 7.79 18.02 23.16
CA TYR A 1470 6.86 16.91 23.07
C TYR A 1470 5.42 17.37 23.27
N GLU A 1471 4.63 17.26 22.20
CA GLU A 1471 3.22 17.62 22.19
C GLU A 1471 3.00 19.02 22.77
N TYR A 1472 3.89 19.93 22.40
CA TYR A 1472 3.71 21.34 22.70
C TYR A 1472 2.47 21.88 22.01
N SER A 1473 2.37 21.67 20.70
CA SER A 1473 1.21 22.10 19.94
C SER A 1473 0.25 20.94 19.75
N LEU A 1474 -0.21 20.36 20.86
CA LEU A 1474 -0.96 19.11 20.80
C LEU A 1474 -2.20 19.25 19.95
N TYR A 1475 -2.82 20.42 19.97
CA TYR A 1475 -4.10 20.60 19.31
C TYR A 1475 -3.96 20.94 17.84
N MET A 1476 -2.77 20.75 17.26
CA MET A 1476 -2.60 20.81 15.82
C MET A 1476 -3.07 19.54 15.14
N TYR A 1477 -3.38 18.50 15.90
CA TYR A 1477 -4.00 17.31 15.34
C TYR A 1477 -5.31 17.62 14.64
N ILE A 1478 -6.00 18.70 15.04
CA ILE A 1478 -7.28 19.04 14.44
C ILE A 1478 -7.09 19.48 12.99
N TYR A 1479 -5.97 20.12 12.68
CA TYR A 1479 -5.66 20.43 11.29
C TYR A 1479 -5.68 19.18 10.43
N PHE A 1480 -5.03 18.11 10.90
CA PHE A 1480 -4.99 16.88 10.12
C PHE A 1480 -6.32 16.15 10.15
N ILE A 1481 -7.16 16.35 11.14
CA ILE A 1481 -8.43 15.69 11.23
C ILE A 1481 -9.29 16.32 10.23
N PHE A 1482 -9.27 17.62 10.11
CA PHE A 1482 -10.06 18.31 9.10
C PHE A 1482 -9.55 18.02 7.69
N PHE A 1483 -8.24 18.00 7.51
CA PHE A 1483 -7.72 17.69 6.18
C PHE A 1483 -8.11 16.28 5.76
N ILE A 1484 -7.97 15.31 6.65
CA ILE A 1484 -8.38 13.96 6.31
C ILE A 1484 -9.84 13.95 5.90
N ILE A 1485 -10.72 14.46 6.78
CA ILE A 1485 -12.16 14.44 6.55
C ILE A 1485 -12.51 15.02 5.20
N PHE A 1486 -12.06 16.26 4.91
CA PHE A 1486 -12.42 16.83 3.61
C PHE A 1486 -11.55 16.27 2.50
N GLY A 1487 -10.26 16.59 2.50
CA GLY A 1487 -9.38 16.18 1.44
C GLY A 1487 -9.39 14.69 1.18
N SER A 1488 -8.90 13.87 2.11
CA SER A 1488 -8.73 12.45 1.80
C SER A 1488 -10.07 11.80 1.48
N PHE A 1489 -10.97 11.78 2.46
CA PHE A 1489 -12.23 11.06 2.28
C PHE A 1489 -13.04 11.64 1.13
N PHE A 1490 -13.39 12.93 1.21
CA PHE A 1490 -14.25 13.52 0.19
C PHE A 1490 -13.62 13.41 -1.19
N THR A 1491 -12.34 13.77 -1.33
CA THR A 1491 -11.69 13.81 -2.64
C THR A 1491 -11.58 12.41 -3.25
N LEU A 1492 -11.08 11.43 -2.49
CA LEU A 1492 -10.93 10.10 -3.08
C LEU A 1492 -12.28 9.49 -3.42
N ASN A 1493 -13.29 9.69 -2.56
CA ASN A 1493 -14.61 9.17 -2.89
C ASN A 1493 -15.19 9.89 -4.10
N LEU A 1494 -14.93 11.19 -4.23
CA LEU A 1494 -15.40 11.93 -5.40
C LEU A 1494 -14.75 11.42 -6.68
N PHE A 1495 -13.44 11.18 -6.65
CA PHE A 1495 -12.77 10.57 -7.78
C PHE A 1495 -13.41 9.24 -8.14
N ILE A 1496 -13.65 8.39 -7.13
CA ILE A 1496 -14.21 7.07 -7.39
C ILE A 1496 -15.57 7.19 -8.05
N CYS A 1497 -16.45 8.05 -7.52
CA CYS A 1497 -17.79 8.16 -8.08
C CYS A 1497 -17.77 8.76 -9.47
N VAL A 1498 -16.92 9.76 -9.71
CA VAL A 1498 -16.88 10.37 -11.03
C VAL A 1498 -16.43 9.38 -12.07
N ILE A 1499 -15.37 8.62 -11.77
CA ILE A 1499 -14.85 7.66 -12.74
C ILE A 1499 -15.82 6.51 -12.95
N ILE A 1500 -16.49 6.06 -11.88
CA ILE A 1500 -17.46 4.98 -12.05
C ILE A 1500 -18.66 5.44 -12.84
N ASP A 1501 -19.14 6.66 -12.60
CA ASP A 1501 -20.25 7.19 -13.38
C ASP A 1501 -19.86 7.33 -14.84
N ASN A 1502 -18.61 7.73 -15.11
CA ASN A 1502 -18.18 7.85 -16.49
C ASN A 1502 -18.09 6.47 -17.15
N PHE A 1503 -17.63 5.46 -16.40
CA PHE A 1503 -17.67 4.09 -16.90
C PHE A 1503 -19.08 3.67 -17.25
N ASN A 1504 -20.04 4.01 -16.40
CA ASN A 1504 -21.44 3.67 -16.67
C ASN A 1504 -21.94 4.39 -17.92
N GLN A 1505 -21.52 5.64 -18.10
CA GLN A 1505 -21.87 6.37 -19.32
C GLN A 1505 -21.31 5.69 -20.55
N GLN A 1506 -20.05 5.22 -20.47
CA GLN A 1506 -19.46 4.50 -21.59
C GLN A 1506 -20.23 3.22 -21.89
N LYS A 1507 -20.59 2.48 -20.84
CA LYS A 1507 -21.37 1.26 -21.03
C LYS A 1507 -22.70 1.55 -21.70
N LYS A 1508 -23.33 2.67 -21.35
CA LYS A 1508 -24.60 3.04 -21.98
C LYS A 1508 -24.39 3.42 -23.44
N LYS A 1509 -23.35 4.20 -23.74
CA LYS A 1509 -23.10 4.61 -25.11
C LYS A 1509 -22.81 3.42 -26.01
N LEU A 1510 -22.03 2.46 -25.51
CA LEU A 1510 -21.74 1.26 -26.30
C LEU A 1510 -22.99 0.40 -26.47
N GLY A 1511 -24.04 0.66 -25.69
CA GLY A 1511 -25.24 -0.13 -25.75
C GLY A 1511 -25.21 -1.34 -24.85
N GLY A 1512 -24.91 -1.13 -23.57
CA GLY A 1512 -24.91 -2.20 -22.59
C GLY A 1512 -23.90 -3.28 -22.86
N GLN A 1513 -22.65 -2.91 -23.16
CA GLN A 1513 -21.59 -3.87 -23.43
C GLN A 1513 -20.52 -3.75 -22.35
N ASP A 1514 -20.05 -4.88 -21.86
CA ASP A 1514 -18.97 -4.89 -20.88
C ASP A 1514 -17.71 -4.31 -21.50
N ILE A 1515 -17.26 -3.15 -20.99
CA ILE A 1515 -16.15 -2.46 -21.60
C ILE A 1515 -14.80 -3.01 -21.13
N PHE A 1516 -14.79 -4.08 -20.34
CA PHE A 1516 -13.56 -4.64 -19.82
C PHE A 1516 -13.26 -6.03 -20.38
N MET A 1517 -13.94 -6.40 -21.47
CA MET A 1517 -13.78 -7.72 -22.03
C MET A 1517 -13.60 -7.62 -23.54
N THR A 1518 -12.81 -8.52 -24.10
CA THR A 1518 -12.63 -8.60 -25.54
C THR A 1518 -13.80 -9.38 -26.13
N GLU A 1519 -13.71 -9.77 -27.40
CA GLU A 1519 -14.82 -10.46 -28.03
C GLU A 1519 -14.95 -11.90 -27.55
N GLU A 1520 -13.85 -12.66 -27.57
CA GLU A 1520 -13.90 -14.04 -27.11
C GLU A 1520 -14.18 -14.11 -25.62
N GLN A 1521 -13.62 -13.19 -24.84
CA GLN A 1521 -13.98 -13.10 -23.43
C GLN A 1521 -15.47 -12.89 -23.27
N LYS A 1522 -16.07 -12.07 -24.15
CA LYS A 1522 -17.51 -11.86 -24.09
C LYS A 1522 -18.27 -13.16 -24.36
N LYS A 1523 -17.82 -13.93 -25.34
CA LYS A 1523 -18.50 -15.20 -25.61
C LYS A 1523 -18.43 -16.15 -24.42
N TYR A 1524 -17.22 -16.31 -23.85
CA TYR A 1524 -17.09 -17.18 -22.68
C TYR A 1524 -17.86 -16.66 -21.48
N TYR A 1525 -17.99 -15.34 -21.36
CA TYR A 1525 -18.72 -14.76 -20.24
C TYR A 1525 -20.22 -14.98 -20.40
N ASN A 1526 -20.72 -14.94 -21.64
CA ASN A 1526 -22.12 -15.31 -21.87
C ASN A 1526 -22.34 -16.79 -21.54
N ALA A 1527 -21.40 -17.65 -21.90
CA ALA A 1527 -21.50 -19.05 -21.51
C ALA A 1527 -21.52 -19.20 -19.99
N MET A 1528 -20.65 -18.47 -19.29
CA MET A 1528 -20.67 -18.51 -17.83
C MET A 1528 -22.00 -18.06 -17.27
N LYS A 1529 -22.56 -16.98 -17.81
CA LYS A 1529 -23.88 -16.54 -17.36
C LYS A 1529 -24.92 -17.63 -17.55
N LYS A 1530 -24.90 -18.31 -18.70
CA LYS A 1530 -25.81 -19.42 -18.92
C LYS A 1530 -25.60 -20.52 -17.89
N LEU A 1531 -24.35 -20.74 -17.49
CA LEU A 1531 -23.98 -21.78 -16.54
C LEU A 1531 -24.58 -21.56 -15.14
N GLY A 1532 -25.10 -20.40 -14.75
CA GLY A 1532 -25.53 -20.20 -13.38
C GLY A 1532 -26.98 -19.79 -13.25
N SER A 1533 -27.75 -20.00 -14.31
CA SER A 1533 -29.18 -19.73 -14.29
C SER A 1533 -29.91 -20.92 -14.92
N LYS A 1534 -29.53 -22.11 -14.48
CA LYS A 1534 -30.11 -23.28 -15.07
C LYS A 1534 -31.37 -23.79 -14.43
N LYS A 1535 -32.05 -24.67 -15.14
CA LYS A 1535 -33.30 -25.24 -14.68
C LYS A 1535 -33.08 -26.66 -14.17
N PRO A 1536 -34.01 -27.19 -13.37
CA PRO A 1536 -33.87 -28.57 -12.88
C PRO A 1536 -33.68 -29.57 -14.01
N GLN A 1537 -32.77 -30.53 -13.81
CA GLN A 1537 -32.47 -31.56 -14.79
C GLN A 1537 -33.23 -32.83 -14.46
N LYS A 1538 -33.19 -33.78 -15.40
CA LYS A 1538 -33.93 -35.01 -15.23
C LYS A 1538 -33.34 -35.82 -14.07
N PRO A 1539 -34.19 -36.53 -13.32
CA PRO A 1539 -33.67 -37.40 -12.26
C PRO A 1539 -32.92 -38.59 -12.84
N ILE A 1540 -31.94 -39.07 -12.08
CA ILE A 1540 -31.24 -40.31 -12.40
C ILE A 1540 -32.20 -41.47 -12.19
N PRO A 1541 -32.39 -42.34 -13.18
CA PRO A 1541 -33.32 -43.46 -13.01
C PRO A 1541 -32.85 -44.44 -11.93
N ARG A 1542 -33.83 -45.12 -11.33
CA ARG A 1542 -33.55 -46.06 -10.25
C ARG A 1542 -33.09 -47.39 -10.82
N PRO A 1543 -31.92 -47.89 -10.44
CA PRO A 1543 -31.58 -49.28 -10.77
C PRO A 1543 -32.47 -50.25 -10.02
N GLY A 1544 -32.62 -51.44 -10.58
CA GLY A 1544 -33.52 -52.42 -10.00
C GLY A 1544 -32.86 -53.70 -9.54
N ASN A 1545 -31.63 -53.61 -9.03
CA ASN A 1545 -30.90 -54.81 -8.62
C ASN A 1545 -31.32 -55.26 -7.23
N LYS A 1546 -32.14 -54.47 -6.54
CA LYS A 1546 -32.68 -54.66 -5.19
C LYS A 1546 -31.58 -54.42 -4.14
N ILE A 1547 -30.33 -54.28 -4.56
CA ILE A 1547 -29.30 -53.76 -3.68
C ILE A 1547 -28.84 -52.38 -4.14
N GLN A 1548 -28.63 -52.23 -5.45
CA GLN A 1548 -28.40 -50.92 -6.03
C GLN A 1548 -29.55 -49.97 -5.74
N GLY A 1549 -30.79 -50.48 -5.75
CA GLY A 1549 -31.93 -49.64 -5.41
C GLY A 1549 -31.89 -49.15 -3.97
N CYS A 1550 -31.57 -50.06 -3.04
CA CYS A 1550 -31.51 -49.67 -1.63
C CYS A 1550 -30.42 -48.63 -1.41
N ILE A 1551 -29.25 -48.84 -2.03
CA ILE A 1551 -28.20 -47.83 -1.91
C ILE A 1551 -28.60 -46.52 -2.58
N PHE A 1552 -29.34 -46.59 -3.69
CA PHE A 1552 -29.85 -45.38 -4.32
C PHE A 1552 -30.74 -44.59 -3.35
N ASP A 1553 -31.61 -45.26 -2.63
CA ASP A 1553 -32.40 -44.56 -1.65
C ASP A 1553 -31.47 -43.94 -0.67
N LEU A 1554 -30.61 -44.77 -0.14
CA LEU A 1554 -29.73 -44.31 0.92
C LEU A 1554 -28.97 -43.04 0.55
N VAL A 1555 -28.42 -42.97 -0.66
CA VAL A 1555 -27.53 -41.88 -1.03
C VAL A 1555 -28.25 -40.68 -1.62
N THR A 1556 -29.44 -40.86 -2.19
CA THR A 1556 -30.23 -39.74 -2.68
C THR A 1556 -30.91 -38.97 -1.56
N ASN A 1557 -31.11 -39.61 -0.41
CA ASN A 1557 -31.77 -38.99 0.73
C ASN A 1557 -31.00 -37.75 1.18
N GLN A 1558 -31.76 -36.69 1.51
CA GLN A 1558 -31.15 -35.44 1.95
C GLN A 1558 -30.27 -35.63 3.18
N ALA A 1559 -30.67 -36.54 4.07
CA ALA A 1559 -29.92 -36.76 5.29
C ALA A 1559 -28.49 -37.20 4.98
N PHE A 1560 -28.30 -37.91 3.86
CA PHE A 1560 -26.96 -38.29 3.44
C PHE A 1560 -26.08 -37.08 3.20
N ASP A 1561 -26.56 -36.12 2.40
CA ASP A 1561 -25.77 -34.93 2.12
C ASP A 1561 -25.59 -34.08 3.36
N ILE A 1562 -26.59 -34.01 4.23
CA ILE A 1562 -26.44 -33.25 5.47
C ILE A 1562 -25.35 -33.87 6.33
N SER A 1563 -25.35 -35.20 6.46
CA SER A 1563 -24.32 -35.87 7.22
C SER A 1563 -22.95 -35.68 6.59
N ILE A 1564 -22.88 -35.68 5.27
CA ILE A 1564 -21.60 -35.47 4.61
C ILE A 1564 -21.09 -34.05 4.88
N MET A 1565 -22.00 -33.08 4.90
CA MET A 1565 -21.61 -31.70 5.23
C MET A 1565 -21.11 -31.59 6.66
N VAL A 1566 -21.79 -32.25 7.61
CA VAL A 1566 -21.31 -32.16 8.99
C VAL A 1566 -19.99 -32.89 9.15
N LEU A 1567 -19.77 -33.95 8.36
CA LEU A 1567 -18.47 -34.61 8.37
C LEU A 1567 -17.38 -33.70 7.83
N ILE A 1568 -17.68 -32.95 6.77
CA ILE A 1568 -16.70 -31.99 6.24
C ILE A 1568 -16.39 -30.92 7.29
N CYS A 1569 -17.41 -30.45 8.00
CA CYS A 1569 -17.19 -29.46 9.05
C CYS A 1569 -16.31 -30.03 10.17
N LEU A 1570 -16.57 -31.28 10.56
CA LEU A 1570 -15.72 -31.95 11.54
C LEU A 1570 -14.28 -32.11 11.07
N ASN A 1571 -14.07 -32.45 9.79
CA ASN A 1571 -12.72 -32.53 9.25
C ASN A 1571 -12.04 -31.17 9.25
N MET A 1572 -12.77 -30.10 8.94
CA MET A 1572 -12.23 -28.76 9.06
C MET A 1572 -11.80 -28.46 10.48
N VAL A 1573 -12.63 -28.81 11.46
CA VAL A 1573 -12.27 -28.59 12.86
C VAL A 1573 -11.04 -29.41 13.23
N THR A 1574 -10.90 -30.62 12.68
CA THR A 1574 -9.72 -31.43 12.93
C THR A 1574 -8.46 -30.79 12.35
N MET A 1575 -8.56 -30.21 11.15
CA MET A 1575 -7.45 -29.46 10.60
C MET A 1575 -7.13 -28.20 11.38
N MET A 1576 -8.12 -27.60 12.05
CA MET A 1576 -7.90 -26.36 12.79
C MET A 1576 -7.10 -26.53 14.08
N VAL A 1577 -7.04 -27.73 14.65
CA VAL A 1577 -6.46 -27.90 15.98
C VAL A 1577 -4.97 -28.17 15.89
N GLU A 1578 -4.41 -28.13 14.69
CA GLU A 1578 -2.98 -28.28 14.55
C GLU A 1578 -2.27 -27.06 15.13
N LYS A 1579 -1.03 -27.26 15.57
CA LYS A 1579 -0.37 -26.28 16.41
C LYS A 1579 1.13 -26.42 16.22
N GLU A 1580 1.86 -25.35 16.54
CA GLU A 1580 3.31 -25.40 16.52
C GLU A 1580 3.79 -25.94 17.86
N GLY A 1581 4.46 -27.09 17.84
CA GLY A 1581 4.96 -27.72 19.05
C GLY A 1581 4.05 -28.79 19.62
N GLN A 1582 3.02 -29.21 18.89
CA GLN A 1582 2.14 -30.27 19.37
C GLN A 1582 2.90 -31.58 19.50
N SER A 1583 2.58 -32.33 20.56
CA SER A 1583 3.32 -33.53 20.90
C SER A 1583 3.20 -34.60 19.82
N GLN A 1584 4.05 -35.63 19.89
CA GLN A 1584 3.99 -36.71 18.91
C GLN A 1584 2.69 -37.49 19.02
N HIS A 1585 2.16 -37.66 20.23
CA HIS A 1585 0.87 -38.32 20.40
C HIS A 1585 -0.22 -37.56 19.66
N MET A 1586 -0.21 -36.23 19.77
CA MET A 1586 -1.16 -35.40 19.05
C MET A 1586 -1.02 -35.60 17.54
N THR A 1587 0.22 -35.63 17.06
CA THR A 1587 0.44 -35.81 15.63
C THR A 1587 -0.13 -37.13 15.15
N GLU A 1588 0.11 -38.21 15.91
CA GLU A 1588 -0.42 -39.52 15.54
C GLU A 1588 -1.94 -39.53 15.56
N VAL A 1589 -2.55 -38.94 16.59
CA VAL A 1589 -4.00 -38.97 16.71
C VAL A 1589 -4.66 -38.21 15.57
N LEU A 1590 -4.15 -37.02 15.26
CA LEU A 1590 -4.68 -36.26 14.12
C LEU A 1590 -4.42 -36.98 12.80
N TYR A 1591 -3.27 -37.64 12.66
CA TYR A 1591 -3.01 -38.40 11.44
C TYR A 1591 -4.05 -39.48 11.24
N TRP A 1592 -4.38 -40.20 12.31
CA TRP A 1592 -5.35 -41.29 12.16
C TRP A 1592 -6.77 -40.79 12.00
N ILE A 1593 -7.14 -39.68 12.65
CA ILE A 1593 -8.45 -39.10 12.40
C ILE A 1593 -8.57 -38.69 10.94
N ASN A 1594 -7.52 -38.09 10.39
CA ASN A 1594 -7.56 -37.71 8.98
C ASN A 1594 -7.66 -38.94 8.08
N VAL A 1595 -6.97 -40.03 8.44
CA VAL A 1595 -7.09 -41.26 7.65
C VAL A 1595 -8.52 -41.77 7.66
N VAL A 1596 -9.17 -41.77 8.83
CA VAL A 1596 -10.55 -42.23 8.90
C VAL A 1596 -11.47 -41.32 8.08
N PHE A 1597 -11.21 -40.01 8.10
CA PHE A 1597 -11.97 -39.10 7.26
C PHE A 1597 -11.79 -39.42 5.78
N ILE A 1598 -10.55 -39.69 5.37
CA ILE A 1598 -10.31 -40.07 3.98
C ILE A 1598 -11.07 -41.33 3.62
N ILE A 1599 -11.12 -42.29 4.55
CA ILE A 1599 -11.87 -43.52 4.31
C ILE A 1599 -13.35 -43.21 4.15
N LEU A 1600 -13.90 -42.34 4.99
CA LEU A 1600 -15.32 -42.02 4.89
C LEU A 1600 -15.66 -41.36 3.57
N PHE A 1601 -14.85 -40.39 3.13
CA PHE A 1601 -15.15 -39.72 1.87
C PHE A 1601 -14.93 -40.64 0.67
N THR A 1602 -13.91 -41.51 0.73
CA THR A 1602 -13.73 -42.47 -0.34
C THR A 1602 -14.89 -43.46 -0.40
N GLY A 1603 -15.41 -43.85 0.77
CA GLY A 1603 -16.58 -44.71 0.78
C GLY A 1603 -17.81 -44.02 0.22
N GLU A 1604 -17.96 -42.73 0.50
CA GLU A 1604 -19.07 -41.99 -0.09
C GLU A 1604 -18.93 -41.94 -1.61
N CYS A 1605 -17.72 -41.71 -2.11
CA CYS A 1605 -17.50 -41.70 -3.56
C CYS A 1605 -17.82 -43.06 -4.17
N VAL A 1606 -17.35 -44.13 -3.53
CA VAL A 1606 -17.61 -45.48 -4.03
C VAL A 1606 -19.11 -45.78 -4.02
N LEU A 1607 -19.79 -45.37 -2.95
CA LEU A 1607 -21.22 -45.65 -2.84
C LEU A 1607 -21.99 -44.90 -3.92
N LYS A 1608 -21.61 -43.64 -4.18
CA LYS A 1608 -22.25 -42.90 -5.26
C LYS A 1608 -21.96 -43.52 -6.61
N LEU A 1609 -20.73 -44.02 -6.81
CA LEU A 1609 -20.42 -44.67 -8.07
C LEU A 1609 -21.25 -45.93 -8.28
N ILE A 1610 -21.55 -46.72 -7.25
CA ILE A 1610 -22.29 -47.95 -7.46
C ILE A 1610 -23.69 -47.60 -7.83
N SER A 1611 -24.36 -46.86 -6.98
CA SER A 1611 -25.75 -46.50 -7.21
C SER A 1611 -26.09 -45.62 -8.34
N LEU A 1612 -25.31 -44.59 -8.54
CA LEU A 1612 -25.61 -43.65 -9.58
C LEU A 1612 -25.01 -44.10 -10.88
N ARG A 1613 -24.15 -45.11 -10.83
CA ARG A 1613 -23.50 -45.63 -12.01
C ARG A 1613 -22.66 -44.63 -12.71
N HIS A 1614 -22.80 -44.50 -14.00
CA HIS A 1614 -21.97 -43.59 -14.78
C HIS A 1614 -22.55 -42.19 -14.95
N TYR A 1615 -23.66 -41.88 -14.29
CA TYR A 1615 -24.26 -40.55 -14.36
C TYR A 1615 -23.67 -39.75 -13.24
N TYR A 1616 -22.56 -40.19 -12.73
CA TYR A 1616 -21.98 -39.52 -11.63
C TYR A 1616 -21.31 -38.44 -12.31
N PHE A 1617 -20.59 -38.74 -13.40
CA PHE A 1617 -19.81 -37.72 -14.10
C PHE A 1617 -20.63 -36.72 -14.92
N THR A 1618 -21.95 -36.72 -14.76
CA THR A 1618 -22.81 -35.78 -15.46
C THR A 1618 -23.11 -34.57 -14.58
N VAL A 1619 -22.50 -34.52 -13.40
CA VAL A 1619 -22.69 -33.43 -12.45
C VAL A 1619 -21.34 -32.77 -12.24
N GLY A 1620 -21.32 -31.44 -12.31
CA GLY A 1620 -20.06 -30.73 -12.16
C GLY A 1620 -19.48 -30.86 -10.75
N TRP A 1621 -20.34 -30.88 -9.74
CA TRP A 1621 -19.85 -31.03 -8.38
C TRP A 1621 -19.34 -32.43 -8.10
N ASN A 1622 -19.96 -33.46 -8.67
CA ASN A 1622 -19.49 -34.82 -8.45
C ASN A 1622 -18.09 -35.02 -9.01
N ILE A 1623 -17.80 -34.41 -10.16
CA ILE A 1623 -16.46 -34.46 -10.71
C ILE A 1623 -15.46 -33.83 -9.74
N PHE A 1624 -15.84 -32.69 -9.15
CA PHE A 1624 -14.97 -32.06 -8.17
C PHE A 1624 -14.75 -32.97 -6.97
N ASP A 1625 -15.81 -33.61 -6.48
CA ASP A 1625 -15.64 -34.50 -5.31
C ASP A 1625 -14.70 -35.65 -5.64
N PHE A 1626 -14.87 -36.25 -6.82
CA PHE A 1626 -14.03 -37.36 -7.23
C PHE A 1626 -12.57 -36.95 -7.37
N VAL A 1627 -12.34 -35.78 -7.96
CA VAL A 1627 -10.97 -35.27 -8.08
C VAL A 1627 -10.37 -35.01 -6.69
N VAL A 1628 -11.18 -34.48 -5.77
CA VAL A 1628 -10.68 -34.25 -4.42
C VAL A 1628 -10.33 -35.55 -3.73
N VAL A 1629 -11.12 -36.60 -3.96
CA VAL A 1629 -10.80 -37.90 -3.38
C VAL A 1629 -9.45 -38.38 -3.89
N ILE A 1630 -9.23 -38.28 -5.20
CA ILE A 1630 -7.94 -38.70 -5.76
C ILE A 1630 -6.80 -37.87 -5.16
N ILE A 1631 -6.96 -36.55 -5.11
CA ILE A 1631 -5.88 -35.69 -4.63
C ILE A 1631 -5.60 -35.98 -3.16
N SER A 1632 -6.63 -36.25 -2.37
CA SER A 1632 -6.41 -36.52 -0.95
C SER A 1632 -5.65 -37.83 -0.75
N ILE A 1633 -6.07 -38.89 -1.44
CA ILE A 1633 -5.37 -40.17 -1.30
C ILE A 1633 -3.92 -40.03 -1.78
N VAL A 1634 -3.72 -39.45 -2.96
CA VAL A 1634 -2.39 -39.32 -3.52
C VAL A 1634 -1.52 -38.43 -2.65
N GLY A 1635 -2.07 -37.34 -2.13
CA GLY A 1635 -1.30 -36.45 -1.28
C GLY A 1635 -0.89 -37.10 0.01
N MET A 1636 -1.79 -37.88 0.62
CA MET A 1636 -1.42 -38.58 1.84
C MET A 1636 -0.27 -39.56 1.59
N PHE A 1637 -0.41 -40.40 0.55
CA PHE A 1637 0.62 -41.41 0.31
C PHE A 1637 1.93 -40.77 -0.12
N LEU A 1638 1.87 -39.76 -0.98
CA LEU A 1638 3.08 -39.11 -1.46
C LEU A 1638 3.77 -38.33 -0.36
N ALA A 1639 3.00 -37.69 0.53
CA ALA A 1639 3.61 -37.01 1.66
C ALA A 1639 4.29 -38.00 2.59
N ASP A 1640 3.67 -39.16 2.81
CA ASP A 1640 4.33 -40.19 3.59
C ASP A 1640 5.64 -40.61 2.94
N LEU A 1641 5.63 -40.82 1.63
CA LEU A 1641 6.83 -41.22 0.91
C LEU A 1641 7.93 -40.15 0.99
N ILE A 1642 7.56 -38.88 0.81
CA ILE A 1642 8.54 -37.80 0.88
C ILE A 1642 9.12 -37.68 2.27
N GLU A 1643 8.28 -37.76 3.31
CA GLU A 1643 8.76 -37.55 4.66
C GLU A 1643 9.55 -38.76 5.15
N THR A 1644 9.33 -39.93 4.54
CA THR A 1644 10.05 -41.12 5.00
C THR A 1644 11.32 -41.35 4.19
N TYR A 1645 11.21 -41.40 2.87
CA TYR A 1645 12.34 -41.73 2.00
C TYR A 1645 13.11 -40.51 1.54
N PHE A 1646 12.45 -39.57 0.86
CA PHE A 1646 13.11 -38.36 0.43
C PHE A 1646 13.39 -37.45 1.62
N VAL A 1647 14.02 -36.31 1.35
CA VAL A 1647 14.23 -35.29 2.38
C VAL A 1647 13.91 -33.94 1.78
N SER A 1648 12.68 -33.45 2.03
CA SER A 1648 12.23 -32.17 1.51
C SER A 1648 11.06 -31.69 2.36
N PRO A 1649 11.34 -31.06 3.50
CA PRO A 1649 10.23 -30.55 4.34
C PRO A 1649 9.38 -29.52 3.61
N THR A 1650 9.98 -28.67 2.79
CA THR A 1650 9.20 -27.70 2.03
C THR A 1650 8.28 -28.39 1.04
N LEU A 1651 8.81 -29.37 0.29
CA LEU A 1651 7.97 -30.11 -0.62
C LEU A 1651 6.93 -30.94 0.11
N PHE A 1652 7.26 -31.40 1.32
CA PHE A 1652 6.29 -32.15 2.11
C PHE A 1652 5.11 -31.27 2.51
N ARG A 1653 5.40 -30.04 2.94
CA ARG A 1653 4.34 -29.09 3.27
C ARG A 1653 3.50 -28.76 2.05
N VAL A 1654 4.16 -28.49 0.92
CA VAL A 1654 3.42 -28.10 -0.28
C VAL A 1654 2.54 -29.25 -0.76
N ILE A 1655 3.01 -30.48 -0.62
CA ILE A 1655 2.20 -31.64 -0.99
C ILE A 1655 1.04 -31.81 -0.03
N ARG A 1656 1.30 -31.67 1.27
CA ARG A 1656 0.24 -31.85 2.26
C ARG A 1656 -0.78 -30.75 2.21
N LEU A 1657 -0.51 -29.68 1.47
CA LEU A 1657 -1.56 -28.71 1.17
C LEU A 1657 -2.75 -29.32 0.44
N ALA A 1658 -2.69 -30.58 0.02
CA ALA A 1658 -3.79 -31.17 -0.73
C ALA A 1658 -5.01 -31.43 0.15
N ARG A 1659 -4.82 -31.43 1.47
CA ARG A 1659 -5.93 -31.68 2.38
C ARG A 1659 -6.98 -30.58 2.30
N ILE A 1660 -6.56 -29.40 1.86
CA ILE A 1660 -7.45 -28.23 1.78
C ILE A 1660 -8.59 -28.52 0.83
N GLY A 1661 -8.35 -29.37 -0.17
CA GLY A 1661 -9.38 -29.64 -1.16
C GLY A 1661 -10.63 -30.24 -0.56
N ARG A 1662 -10.50 -30.90 0.58
CA ARG A 1662 -11.67 -31.46 1.25
C ARG A 1662 -12.54 -30.36 1.83
N ILE A 1663 -11.91 -29.26 2.26
CA ILE A 1663 -12.60 -28.11 2.84
C ILE A 1663 -13.39 -27.37 1.77
N LEU A 1664 -12.78 -27.15 0.61
CA LEU A 1664 -13.44 -26.40 -0.44
C LEU A 1664 -14.73 -27.08 -0.88
N ARG A 1665 -14.90 -28.35 -0.51
CA ARG A 1665 -16.10 -29.11 -0.83
C ARG A 1665 -17.30 -28.64 -0.02
N LEU A 1666 -17.10 -27.71 0.92
CA LEU A 1666 -18.18 -27.29 1.80
C LEU A 1666 -19.06 -26.24 1.15
N VAL A 1667 -18.62 -25.66 0.03
CA VAL A 1667 -19.39 -24.62 -0.62
C VAL A 1667 -20.48 -25.24 -1.47
N LYS A 1668 -20.47 -26.58 -1.59
CA LYS A 1668 -21.52 -27.25 -2.32
C LYS A 1668 -22.88 -27.01 -1.71
N GLY A 1669 -22.96 -26.96 -0.38
CA GLY A 1669 -24.24 -26.80 0.30
C GLY A 1669 -24.39 -25.50 1.04
N ALA A 1670 -23.92 -24.39 0.44
CA ALA A 1670 -24.03 -23.06 1.01
C ALA A 1670 -24.54 -22.14 -0.08
N LYS A 1671 -25.78 -21.66 0.06
CA LYS A 1671 -26.43 -20.89 -0.99
C LYS A 1671 -25.79 -19.52 -1.21
N GLY A 1672 -25.39 -18.83 -0.15
CA GLY A 1672 -24.83 -17.49 -0.32
C GLY A 1672 -23.39 -17.50 -0.79
N ILE A 1673 -22.60 -18.40 -0.19
CA ILE A 1673 -21.21 -18.55 -0.60
C ILE A 1673 -21.14 -18.93 -2.08
N ARG A 1674 -22.04 -19.82 -2.51
CA ARG A 1674 -22.06 -20.22 -3.92
C ARG A 1674 -22.36 -19.04 -4.83
N THR A 1675 -23.34 -18.21 -4.48
CA THR A 1675 -23.67 -17.07 -5.33
C THR A 1675 -22.53 -16.08 -5.42
N LEU A 1676 -21.87 -15.80 -4.29
CA LEU A 1676 -20.78 -14.83 -4.32
C LEU A 1676 -19.57 -15.37 -5.07
N LEU A 1677 -19.26 -16.66 -4.90
CA LEU A 1677 -18.17 -17.25 -5.67
C LEU A 1677 -18.50 -17.33 -7.15
N PHE A 1678 -19.77 -17.50 -7.51
CA PHE A 1678 -20.14 -17.42 -8.92
C PHE A 1678 -19.93 -16.02 -9.46
N ALA A 1679 -20.21 -15.01 -8.63
CA ALA A 1679 -19.89 -13.64 -9.03
C ALA A 1679 -18.41 -13.49 -9.34
N LEU A 1680 -17.56 -14.03 -8.47
CA LEU A 1680 -16.12 -13.97 -8.72
C LEU A 1680 -15.73 -14.72 -9.99
N MET A 1681 -16.29 -15.92 -10.18
CA MET A 1681 -15.97 -16.73 -11.35
C MET A 1681 -16.34 -16.00 -12.64
N MET A 1682 -17.49 -15.34 -12.66
CA MET A 1682 -17.86 -14.55 -13.82
C MET A 1682 -17.05 -13.27 -13.95
N SER A 1683 -16.52 -12.74 -12.85
CA SER A 1683 -15.71 -11.54 -12.88
C SER A 1683 -14.28 -11.80 -13.34
N LEU A 1684 -13.84 -13.05 -13.33
CA LEU A 1684 -12.44 -13.39 -13.59
C LEU A 1684 -11.83 -12.85 -14.89
N PRO A 1685 -12.51 -12.90 -16.05
CA PRO A 1685 -11.85 -12.43 -17.28
C PRO A 1685 -11.43 -10.96 -17.27
N ALA A 1686 -12.33 -10.06 -16.84
CA ALA A 1686 -11.97 -8.65 -16.75
C ALA A 1686 -10.82 -8.43 -15.78
N LEU A 1687 -10.81 -9.16 -14.67
CA LEU A 1687 -9.70 -9.06 -13.73
C LEU A 1687 -8.41 -9.58 -14.36
N PHE A 1688 -8.50 -10.56 -15.25
CA PHE A 1688 -7.31 -11.03 -15.94
C PHE A 1688 -6.76 -9.95 -16.86
N ASN A 1689 -7.65 -9.24 -17.56
CA ASN A 1689 -7.23 -8.13 -18.41
C ASN A 1689 -6.55 -7.03 -17.61
N ILE A 1690 -7.17 -6.66 -16.48
CA ILE A 1690 -6.60 -5.62 -15.63
C ILE A 1690 -5.26 -6.07 -15.07
N GLY A 1691 -5.14 -7.33 -14.65
CA GLY A 1691 -3.87 -7.82 -14.16
C GLY A 1691 -2.80 -7.84 -15.24
N LEU A 1692 -3.20 -8.11 -16.48
CA LEU A 1692 -2.26 -8.07 -17.59
C LEU A 1692 -1.71 -6.66 -17.79
N LEU A 1693 -2.58 -5.65 -17.82
CA LEU A 1693 -2.08 -4.29 -17.97
C LEU A 1693 -1.25 -3.86 -16.77
N LEU A 1694 -1.67 -4.26 -15.56
CA LEU A 1694 -0.90 -3.95 -14.36
C LEU A 1694 0.47 -4.58 -14.41
N PHE A 1695 0.57 -5.80 -14.93
CA PHE A 1695 1.87 -6.44 -15.08
C PHE A 1695 2.75 -5.70 -16.07
N LEU A 1696 2.17 -5.22 -17.18
CA LEU A 1696 2.98 -4.44 -18.11
C LEU A 1696 3.53 -3.18 -17.46
N VAL A 1697 2.67 -2.46 -16.73
CA VAL A 1697 3.12 -1.24 -16.05
C VAL A 1697 4.18 -1.57 -15.00
N MET A 1698 3.97 -2.64 -14.25
CA MET A 1698 4.94 -3.06 -13.24
C MET A 1698 6.28 -3.40 -13.89
N PHE A 1699 6.24 -4.05 -15.06
CA PHE A 1699 7.47 -4.38 -15.78
C PHE A 1699 8.23 -3.11 -16.18
N ILE A 1700 7.52 -2.15 -16.77
CA ILE A 1700 8.19 -0.92 -17.21
C ILE A 1700 8.79 -0.18 -16.02
N TYR A 1701 8.03 -0.04 -14.94
CA TYR A 1701 8.56 0.64 -13.77
C TYR A 1701 9.67 -0.14 -13.11
N ALA A 1702 9.66 -1.46 -13.21
CA ALA A 1702 10.73 -2.28 -12.66
C ALA A 1702 12.04 -2.04 -13.40
N ILE A 1703 11.99 -2.00 -14.73
CA ILE A 1703 13.20 -1.70 -15.50
C ILE A 1703 13.69 -0.29 -15.19
N PHE A 1704 12.87 0.73 -15.18
CA PHE A 1704 13.28 2.08 -14.84
C PHE A 1704 13.78 2.24 -13.44
N GLY A 1705 13.23 1.56 -12.45
CA GLY A 1705 13.82 1.61 -11.13
C GLY A 1705 15.09 0.82 -10.99
N MET A 1706 15.22 -0.28 -11.74
CA MET A 1706 16.47 -1.00 -11.80
C MET A 1706 17.59 -0.15 -12.37
N SER A 1707 17.30 0.63 -13.41
CA SER A 1707 18.31 1.48 -14.01
C SER A 1707 18.64 2.68 -13.13
N ASN A 1708 17.65 3.22 -12.41
CA ASN A 1708 17.89 4.45 -11.65
C ASN A 1708 18.24 4.19 -10.19
N PHE A 1709 17.45 3.38 -9.48
CA PHE A 1709 17.47 3.40 -8.03
C PHE A 1709 18.29 2.27 -7.42
N ALA A 1710 19.06 1.55 -8.23
CA ALA A 1710 20.13 0.75 -7.67
C ALA A 1710 21.20 1.71 -7.17
N TYR A 1711 22.11 1.22 -6.32
CA TYR A 1711 23.17 2.05 -5.76
C TYR A 1711 22.58 3.23 -4.99
N VAL A 1712 21.69 2.93 -4.04
CA VAL A 1712 21.07 3.92 -3.18
C VAL A 1712 21.32 3.48 -1.74
N LYS A 1713 21.25 4.45 -0.81
CA LYS A 1713 21.84 4.30 0.51
C LYS A 1713 21.22 3.19 1.36
N LYS A 1714 20.06 2.63 0.97
CA LYS A 1714 19.44 1.56 1.75
C LYS A 1714 19.09 2.02 3.16
N GLU A 1715 18.13 2.95 3.28
CA GLU A 1715 17.91 3.58 4.58
C GLU A 1715 16.58 3.22 5.25
N ASP A 1716 15.46 3.53 4.62
CA ASP A 1716 14.20 3.39 5.33
C ASP A 1716 13.41 2.16 4.90
N GLY A 1717 13.02 2.11 3.64
CA GLY A 1717 12.31 0.97 3.09
C GLY A 1717 13.17 0.14 2.17
N ILE A 1718 14.38 0.60 1.88
CA ILE A 1718 15.33 -0.14 1.04
C ILE A 1718 16.31 -0.81 1.98
N ASN A 1719 16.43 -2.13 1.86
CA ASN A 1719 17.29 -2.92 2.73
C ASN A 1719 17.95 -4.01 1.88
N ASP A 1720 18.55 -4.99 2.54
CA ASP A 1720 19.28 -6.03 1.84
C ASP A 1720 18.39 -6.93 0.99
N MET A 1721 17.09 -6.99 1.26
CA MET A 1721 16.21 -7.86 0.52
C MET A 1721 15.13 -7.14 -0.29
N PHE A 1722 14.77 -5.91 0.08
CA PHE A 1722 13.71 -5.18 -0.61
C PHE A 1722 14.34 -3.91 -1.19
N ASN A 1723 14.89 -4.03 -2.38
CA ASN A 1723 15.60 -2.94 -3.03
C ASN A 1723 15.36 -2.96 -4.53
N PHE A 1724 16.14 -2.21 -5.30
CA PHE A 1724 15.97 -2.09 -6.73
C PHE A 1724 17.19 -2.62 -7.48
N GLU A 1725 17.78 -3.69 -6.96
CA GLU A 1725 19.04 -4.19 -7.50
C GLU A 1725 18.85 -5.24 -8.58
N THR A 1726 17.85 -6.11 -8.47
CA THR A 1726 17.57 -7.11 -9.48
C THR A 1726 16.12 -6.95 -9.95
N PHE A 1727 15.71 -7.85 -10.84
CA PHE A 1727 14.34 -7.83 -11.33
C PHE A 1727 13.36 -8.30 -10.26
N GLY A 1728 13.70 -9.39 -9.57
CA GLY A 1728 12.83 -9.92 -8.55
C GLY A 1728 12.60 -8.95 -7.41
N ASN A 1729 13.68 -8.32 -6.93
CA ASN A 1729 13.54 -7.35 -5.85
C ASN A 1729 12.68 -6.17 -6.28
N SER A 1730 12.89 -5.67 -7.50
CA SER A 1730 12.13 -4.54 -7.98
C SER A 1730 10.65 -4.88 -8.09
N MET A 1731 10.33 -6.07 -8.60
CA MET A 1731 8.94 -6.44 -8.73
C MET A 1731 8.30 -6.72 -7.38
N ILE A 1732 9.07 -7.21 -6.42
CA ILE A 1732 8.56 -7.36 -5.05
C ILE A 1732 8.18 -5.99 -4.48
N CYS A 1733 9.08 -5.02 -4.60
CA CYS A 1733 8.80 -3.69 -4.10
C CYS A 1733 7.59 -3.08 -4.79
N LEU A 1734 7.51 -3.24 -6.12
CA LEU A 1734 6.43 -2.65 -6.88
C LEU A 1734 5.09 -3.30 -6.58
N PHE A 1735 5.07 -4.61 -6.37
CA PHE A 1735 3.83 -5.26 -5.93
C PHE A 1735 3.41 -4.75 -4.56
N GLN A 1736 4.37 -4.55 -3.66
CA GLN A 1736 4.06 -3.98 -2.36
C GLN A 1736 3.40 -2.62 -2.50
N ILE A 1737 3.96 -1.77 -3.37
CA ILE A 1737 3.46 -0.41 -3.55
C ILE A 1737 2.17 -0.34 -4.37
N THR A 1738 1.84 -1.39 -5.11
CA THR A 1738 0.59 -1.39 -5.85
C THR A 1738 -0.60 -1.10 -4.93
N THR A 1739 -0.54 -1.57 -3.68
CA THR A 1739 -1.55 -1.30 -2.68
C THR A 1739 -1.26 -0.02 -1.91
N SER A 1740 -0.30 0.77 -2.39
CA SER A 1740 0.11 2.05 -1.80
C SER A 1740 0.76 1.88 -0.44
N ALA A 1741 1.23 0.68 -0.13
CA ALA A 1741 1.78 0.38 1.19
C ALA A 1741 3.27 0.61 1.22
N GLY A 1742 3.72 1.51 2.10
CA GLY A 1742 5.13 1.72 2.31
C GLY A 1742 5.82 2.56 1.27
N TRP A 1743 5.10 3.33 0.48
CA TRP A 1743 5.73 4.14 -0.57
C TRP A 1743 6.54 5.28 0.02
N ASP A 1744 6.20 5.75 1.22
CA ASP A 1744 7.04 6.75 1.87
C ASP A 1744 8.40 6.18 2.23
N GLY A 1745 8.44 4.93 2.68
CA GLY A 1745 9.69 4.34 3.11
C GLY A 1745 10.65 4.09 1.96
N LEU A 1746 10.10 3.80 0.78
CA LEU A 1746 10.97 3.65 -0.39
C LEU A 1746 11.34 4.99 -0.99
N LEU A 1747 10.42 5.97 -0.93
CA LEU A 1747 10.77 7.30 -1.40
C LEU A 1747 11.87 7.96 -0.58
N ALA A 1748 11.87 7.78 0.73
CA ALA A 1748 12.78 8.54 1.58
C ALA A 1748 14.25 8.39 1.20
N PRO A 1749 14.81 7.19 0.99
CA PRO A 1749 16.24 7.13 0.63
C PRO A 1749 16.56 7.82 -0.68
N ILE A 1750 15.57 7.98 -1.55
CA ILE A 1750 15.80 8.61 -2.85
C ILE A 1750 15.84 10.13 -2.71
N LEU A 1751 15.09 10.67 -1.74
CA LEU A 1751 14.97 12.11 -1.59
C LEU A 1751 16.27 12.79 -1.20
N ASN A 1752 17.23 12.07 -0.64
CA ASN A 1752 18.47 12.69 -0.16
C ASN A 1752 19.48 12.71 -1.31
N SER A 1753 20.15 13.84 -1.48
CA SER A 1753 20.99 14.10 -2.64
C SER A 1753 22.37 14.63 -2.30
N LYS A 1754 22.50 15.38 -1.23
CA LYS A 1754 23.80 15.96 -0.92
C LYS A 1754 24.26 15.48 0.45
N PRO A 1755 25.56 15.47 0.71
CA PRO A 1755 26.05 15.09 2.03
C PRO A 1755 25.59 16.08 3.08
N PRO A 1756 25.47 15.67 4.35
CA PRO A 1756 25.82 14.36 4.89
C PRO A 1756 24.75 13.29 4.68
N ASP A 1757 23.70 13.62 3.92
CA ASP A 1757 22.64 12.66 3.68
C ASP A 1757 23.10 11.51 2.79
N CYS A 1758 24.03 11.76 1.88
CA CYS A 1758 24.50 10.73 0.97
C CYS A 1758 25.99 10.92 0.72
N ASP A 1759 26.50 10.20 -0.27
CA ASP A 1759 27.87 10.32 -0.71
C ASP A 1759 27.91 10.24 -2.23
N PRO A 1760 28.29 11.31 -2.93
CA PRO A 1760 28.38 11.25 -4.40
C PRO A 1760 29.71 10.72 -4.91
N LYS A 1761 30.57 10.23 -4.05
CA LYS A 1761 31.82 9.65 -4.47
C LYS A 1761 32.02 8.34 -3.81
N LYS A 1762 31.06 7.44 -3.88
CA LYS A 1762 31.16 6.11 -3.32
C LYS A 1762 31.62 5.13 -4.39
N VAL A 1763 32.41 4.14 -3.98
CA VAL A 1763 33.15 3.33 -4.94
C VAL A 1763 32.31 2.17 -5.45
N HIS A 1764 31.50 1.55 -4.59
CA HIS A 1764 30.68 0.40 -4.96
C HIS A 1764 31.51 -0.72 -5.59
N PRO A 1765 32.27 -1.48 -4.80
CA PRO A 1765 33.17 -2.49 -5.37
C PRO A 1765 32.41 -3.48 -6.23
N GLY A 1766 33.03 -3.87 -7.33
CA GLY A 1766 32.41 -4.73 -8.31
C GLY A 1766 31.81 -4.03 -9.50
N SER A 1767 31.80 -2.69 -9.51
CA SER A 1767 31.24 -1.94 -10.63
C SER A 1767 31.92 -0.58 -10.75
N SER A 1768 31.51 0.21 -11.75
CA SER A 1768 32.10 1.53 -11.94
C SER A 1768 31.12 2.66 -11.66
N VAL A 1769 29.91 2.36 -11.19
CA VAL A 1769 28.99 3.41 -10.78
C VAL A 1769 29.51 4.10 -9.52
N GLU A 1770 29.44 5.42 -9.52
CA GLU A 1770 29.96 6.14 -8.41
C GLU A 1770 28.93 6.94 -7.70
N GLY A 1771 28.84 6.82 -6.40
CA GLY A 1771 27.95 7.58 -5.56
C GLY A 1771 26.66 6.87 -5.20
N ASP A 1772 26.12 7.12 -4.01
CA ASP A 1772 24.87 6.49 -3.58
C ASP A 1772 23.84 7.48 -3.04
N CYS A 1773 23.13 8.13 -3.95
CA CYS A 1773 21.96 8.93 -3.60
C CYS A 1773 21.26 9.39 -4.86
N GLY A 1774 19.94 9.30 -4.84
CA GLY A 1774 19.14 9.41 -6.05
C GLY A 1774 18.70 10.83 -6.36
N ASN A 1775 17.94 10.94 -7.44
CA ASN A 1775 17.42 12.21 -7.92
C ASN A 1775 16.06 12.46 -7.28
N PRO A 1776 15.88 13.55 -6.52
CA PRO A 1776 14.56 13.82 -5.95
C PRO A 1776 13.46 13.99 -6.98
N SER A 1777 13.77 14.65 -8.10
CA SER A 1777 12.77 14.85 -9.15
C SER A 1777 12.32 13.52 -9.72
N VAL A 1778 13.28 12.68 -10.10
CA VAL A 1778 12.96 11.38 -10.68
C VAL A 1778 12.22 10.51 -9.67
N GLY A 1779 12.69 10.50 -8.42
CA GLY A 1779 12.06 9.70 -7.40
C GLY A 1779 10.63 10.11 -7.12
N ILE A 1780 10.41 11.41 -6.97
CA ILE A 1780 9.06 11.91 -6.70
C ILE A 1780 8.13 11.58 -7.86
N PHE A 1781 8.59 11.87 -9.08
CA PHE A 1781 7.75 11.60 -10.24
C PHE A 1781 7.43 10.11 -10.34
N TYR A 1782 8.46 9.27 -10.24
CA TYR A 1782 8.33 7.82 -10.21
C TYR A 1782 7.24 7.37 -9.25
N PHE A 1783 7.40 7.69 -7.97
CA PHE A 1783 6.53 7.08 -6.97
C PHE A 1783 5.14 7.66 -7.02
N VAL A 1784 5.01 8.98 -7.24
CA VAL A 1784 3.70 9.60 -7.29
C VAL A 1784 2.93 9.09 -8.50
N SER A 1785 3.57 9.04 -9.67
CA SER A 1785 2.91 8.53 -10.85
C SER A 1785 2.53 7.07 -10.71
N TYR A 1786 3.37 6.27 -10.05
CA TYR A 1786 3.04 4.86 -9.92
C TYR A 1786 1.86 4.65 -8.99
N ILE A 1787 1.82 5.36 -7.86
CA ILE A 1787 0.68 5.17 -6.96
C ILE A 1787 -0.59 5.72 -7.60
N ILE A 1788 -0.49 6.80 -8.40
CA ILE A 1788 -1.68 7.32 -9.06
C ILE A 1788 -2.18 6.35 -10.12
N ILE A 1789 -1.27 5.82 -10.93
CA ILE A 1789 -1.66 4.86 -11.96
C ILE A 1789 -2.22 3.60 -11.33
N SER A 1790 -1.60 3.11 -10.27
CA SER A 1790 -2.12 1.92 -9.59
C SER A 1790 -3.51 2.19 -9.02
N PHE A 1791 -3.70 3.34 -8.37
CA PHE A 1791 -5.04 3.73 -7.94
C PHE A 1791 -6.03 3.62 -9.09
N LEU A 1792 -5.80 4.40 -10.15
CA LEU A 1792 -6.74 4.48 -11.27
C LEU A 1792 -7.01 3.12 -11.88
N VAL A 1793 -5.97 2.29 -12.03
CA VAL A 1793 -6.13 1.02 -12.72
C VAL A 1793 -6.77 -0.02 -11.80
N VAL A 1794 -6.12 -0.35 -10.69
CA VAL A 1794 -6.60 -1.47 -9.91
C VAL A 1794 -7.82 -1.06 -9.10
N VAL A 1795 -7.75 0.01 -8.31
CA VAL A 1795 -8.80 0.25 -7.34
C VAL A 1795 -10.12 0.51 -8.04
N ASN A 1796 -10.11 1.45 -8.99
CA ASN A 1796 -11.36 1.90 -9.60
C ASN A 1796 -11.95 0.85 -10.52
N MET A 1797 -11.13 0.23 -11.34
CA MET A 1797 -11.64 -0.77 -12.27
C MET A 1797 -11.99 -2.08 -11.60
N TYR A 1798 -11.26 -2.49 -10.56
CA TYR A 1798 -11.68 -3.63 -9.77
C TYR A 1798 -13.03 -3.36 -9.12
N ILE A 1799 -13.21 -2.15 -8.58
CA ILE A 1799 -14.49 -1.79 -7.99
C ILE A 1799 -15.60 -1.84 -9.02
N ALA A 1800 -15.34 -1.32 -10.23
CA ALA A 1800 -16.38 -1.31 -11.26
C ALA A 1800 -16.77 -2.71 -11.70
N VAL A 1801 -15.78 -3.58 -11.92
CA VAL A 1801 -16.08 -4.96 -12.28
C VAL A 1801 -16.85 -5.65 -11.17
N ILE A 1802 -16.48 -5.40 -9.91
CA ILE A 1802 -17.20 -6.02 -8.80
C ILE A 1802 -18.64 -5.53 -8.76
N LEU A 1803 -18.87 -4.23 -8.92
CA LEU A 1803 -20.22 -3.70 -8.84
C LEU A 1803 -21.10 -4.25 -9.96
N GLU A 1804 -20.56 -4.36 -11.18
CA GLU A 1804 -21.38 -4.89 -12.26
C GLU A 1804 -21.74 -6.36 -12.05
N ASN A 1805 -20.75 -7.17 -11.72
CA ASN A 1805 -20.98 -8.60 -11.62
C ASN A 1805 -21.75 -8.98 -10.36
N PHE A 1806 -21.67 -8.20 -9.29
CA PHE A 1806 -22.50 -8.47 -8.14
C PHE A 1806 -23.97 -8.27 -8.48
N SER A 1807 -24.28 -7.19 -9.20
CA SER A 1807 -25.64 -6.95 -9.65
C SER A 1807 -26.11 -8.07 -10.55
N VAL A 1808 -25.23 -8.56 -11.42
CA VAL A 1808 -25.59 -9.66 -12.31
C VAL A 1808 -25.87 -10.93 -11.50
N ALA A 1809 -25.03 -11.21 -10.51
CA ALA A 1809 -25.10 -12.47 -9.78
C ALA A 1809 -26.31 -12.53 -8.86
N THR A 1810 -26.57 -11.45 -8.12
CA THR A 1810 -27.71 -11.46 -7.21
C THR A 1810 -29.03 -11.31 -7.98
N GLU A 1811 -28.96 -10.96 -9.26
CA GLU A 1811 -30.17 -10.90 -10.08
C GLU A 1811 -30.70 -12.30 -10.31
N GLY B 20 25.66 -2.03 -4.48
CA GLY B 20 26.51 -2.48 -3.39
C GLY B 20 27.64 -3.39 -3.85
N CYS B 21 28.19 -4.16 -2.93
CA CYS B 21 29.30 -5.05 -3.24
C CYS B 21 28.80 -6.20 -4.11
N VAL B 22 29.56 -6.51 -5.16
CA VAL B 22 29.26 -7.60 -6.08
C VAL B 22 30.54 -8.37 -6.32
N GLU B 23 30.52 -9.67 -6.04
CA GLU B 23 31.72 -10.49 -6.19
C GLU B 23 31.92 -10.81 -7.66
N VAL B 24 32.93 -10.20 -8.27
CA VAL B 24 33.24 -10.41 -9.69
C VAL B 24 34.59 -11.10 -9.78
N ASP B 25 34.69 -12.07 -10.67
CA ASP B 25 35.92 -12.84 -10.81
C ASP B 25 36.92 -12.08 -11.66
N SER B 26 38.20 -12.35 -11.41
CA SER B 26 39.27 -11.69 -12.15
C SER B 26 39.31 -12.21 -13.58
N GLU B 27 39.99 -11.45 -14.45
CA GLU B 27 40.33 -11.94 -15.76
C GLU B 27 41.53 -12.86 -15.67
N THR B 28 41.72 -13.69 -16.70
CA THR B 28 42.72 -14.74 -16.65
C THR B 28 43.71 -14.66 -17.82
N GLU B 29 43.96 -13.46 -18.33
CA GLU B 29 44.81 -13.29 -19.50
C GLU B 29 45.43 -11.92 -19.47
N ALA B 30 46.73 -11.85 -19.16
CA ALA B 30 47.49 -10.62 -19.20
C ALA B 30 48.34 -10.57 -20.45
N VAL B 31 48.53 -9.37 -20.97
CA VAL B 31 49.24 -9.15 -22.23
C VAL B 31 50.61 -8.56 -21.90
N TYR B 32 51.65 -9.17 -22.47
CA TYR B 32 53.02 -8.77 -22.16
C TYR B 32 53.23 -7.29 -22.45
N GLY B 33 54.03 -6.64 -21.60
CA GLY B 33 54.36 -5.24 -21.75
C GLY B 33 53.31 -4.28 -21.26
N MET B 34 52.05 -4.70 -21.18
CA MET B 34 50.96 -3.83 -20.75
C MET B 34 50.72 -3.96 -19.25
N THR B 35 49.64 -3.36 -18.79
CA THR B 35 49.24 -3.41 -17.40
C THR B 35 48.05 -4.34 -17.23
N PHE B 36 47.90 -4.88 -16.02
CA PHE B 36 46.84 -5.83 -15.76
C PHE B 36 46.42 -5.76 -14.30
N LYS B 37 45.11 -5.75 -14.08
CA LYS B 37 44.51 -5.64 -12.76
C LYS B 37 43.87 -6.96 -12.36
N ILE B 38 44.26 -7.48 -11.19
CA ILE B 38 43.78 -8.75 -10.69
C ILE B 38 42.68 -8.47 -9.66
N LEU B 39 41.50 -9.03 -9.88
CA LEU B 39 40.33 -8.74 -9.06
C LEU B 39 40.17 -9.77 -7.95
N CYS B 40 40.02 -9.30 -6.72
CA CYS B 40 39.63 -10.15 -5.60
C CYS B 40 38.63 -9.35 -4.75
N ILE B 41 37.35 -9.69 -4.87
CA ILE B 41 36.28 -9.02 -4.14
C ILE B 41 35.60 -10.03 -3.23
N SER B 42 35.49 -9.69 -1.95
CA SER B 42 34.86 -10.57 -0.97
C SER B 42 33.81 -9.77 -0.18
N CYS B 43 32.54 -9.99 -0.49
CA CYS B 43 31.46 -9.25 0.14
C CYS B 43 31.31 -9.64 1.61
N LYS B 44 30.62 -8.81 2.37
CA LYS B 44 30.06 -9.26 3.63
C LYS B 44 28.68 -9.86 3.41
N ARG B 45 28.30 -10.80 4.28
CA ARG B 45 26.96 -11.37 4.19
C ARG B 45 25.90 -10.31 4.47
N ARG B 46 26.15 -9.42 5.42
CA ARG B 46 25.25 -8.32 5.73
C ARG B 46 26.02 -7.03 5.70
N SER B 47 25.55 -6.08 4.88
CA SER B 47 26.36 -4.90 4.56
C SER B 47 26.41 -3.92 5.72
N GLU B 48 25.42 -3.94 6.60
CA GLU B 48 25.41 -3.00 7.72
C GLU B 48 26.38 -3.37 8.83
N THR B 49 27.10 -4.48 8.70
CA THR B 49 27.97 -4.93 9.76
C THR B 49 29.29 -4.15 9.74
N ASN B 50 30.00 -4.19 10.87
CA ASN B 50 31.29 -3.55 11.02
C ASN B 50 32.38 -4.60 10.93
N ALA B 51 33.51 -4.24 10.32
CA ALA B 51 34.60 -5.20 10.18
C ALA B 51 35.92 -4.46 10.03
N GLU B 52 37.01 -5.17 10.29
CA GLU B 52 38.35 -4.70 9.99
C GLU B 52 39.11 -5.80 9.26
N THR B 53 39.34 -5.59 7.98
CA THR B 53 39.86 -6.61 7.09
C THR B 53 41.27 -6.26 6.66
N PHE B 54 42.15 -7.27 6.69
CA PHE B 54 43.45 -7.15 6.04
C PHE B 54 43.62 -8.33 5.10
N THR B 55 44.74 -8.34 4.39
CA THR B 55 44.81 -9.06 3.13
C THR B 55 46.14 -9.77 3.00
N GLU B 56 46.14 -10.88 2.26
CA GLU B 56 47.36 -11.64 2.01
C GLU B 56 47.29 -12.22 0.61
N TRP B 57 48.35 -12.06 -0.16
CA TRP B 57 48.47 -12.64 -1.50
C TRP B 57 49.66 -13.58 -1.57
N THR B 58 49.45 -14.74 -2.16
CA THR B 58 50.49 -15.72 -2.44
C THR B 58 50.35 -16.21 -3.88
N PHE B 59 51.47 -16.68 -4.44
CA PHE B 59 51.57 -16.90 -5.88
C PHE B 59 52.54 -18.04 -6.16
N ARG B 60 52.10 -19.03 -6.93
CA ARG B 60 52.99 -20.09 -7.40
C ARG B 60 53.14 -19.95 -8.91
N GLN B 61 54.38 -19.86 -9.37
CA GLN B 61 54.64 -19.78 -10.80
C GLN B 61 54.35 -21.11 -11.45
N LYS B 62 53.96 -21.06 -12.73
CA LYS B 62 53.76 -22.29 -13.47
C LYS B 62 55.07 -23.06 -13.57
N GLY B 63 54.99 -24.38 -13.42
CA GLY B 63 56.20 -25.18 -13.35
C GLY B 63 56.88 -25.15 -12.01
N THR B 64 56.24 -24.57 -10.99
CA THR B 64 56.74 -24.58 -9.63
C THR B 64 55.59 -24.95 -8.71
N GLU B 65 55.90 -25.65 -7.62
CA GLU B 65 54.88 -26.09 -6.66
C GLU B 65 55.24 -25.56 -5.26
N GLU B 66 54.92 -24.29 -5.05
CA GLU B 66 55.03 -23.64 -3.75
C GLU B 66 54.38 -22.27 -3.85
N PHE B 67 53.49 -21.97 -2.91
CA PHE B 67 52.91 -20.64 -2.82
C PHE B 67 53.79 -19.79 -1.92
N VAL B 68 54.39 -18.74 -2.49
CA VAL B 68 55.25 -17.84 -1.76
C VAL B 68 54.48 -16.55 -1.51
N LYS B 69 54.74 -15.90 -0.39
CA LYS B 69 54.04 -14.67 -0.05
C LYS B 69 54.64 -13.51 -0.82
N ILE B 70 53.77 -12.65 -1.35
CA ILE B 70 54.19 -11.54 -2.19
C ILE B 70 53.88 -10.19 -1.56
N LEU B 71 52.72 -10.05 -0.92
CA LEU B 71 52.32 -8.74 -0.42
C LEU B 71 51.27 -8.90 0.65
N ARG B 72 51.24 -7.93 1.56
CA ARG B 72 50.25 -7.85 2.63
C ARG B 72 49.77 -6.41 2.74
N TYR B 73 48.45 -6.23 2.77
CA TYR B 73 47.88 -4.89 2.93
C TYR B 73 47.00 -4.82 4.16
N GLU B 74 47.42 -4.08 5.17
CA GLU B 74 46.62 -3.89 6.34
C GLU B 74 46.63 -2.49 6.70
N ASN B 75 45.62 -2.05 7.47
CA ASN B 75 45.47 -0.66 7.85
C ASN B 75 45.34 0.00 6.52
N GLU B 76 46.23 0.94 6.20
CA GLU B 76 46.18 1.47 4.88
C GLU B 76 47.51 1.54 4.35
N VAL B 77 48.30 0.53 4.66
CA VAL B 77 49.64 0.51 4.09
C VAL B 77 49.84 -0.82 3.38
N LEU B 78 50.59 -0.78 2.29
CA LEU B 78 50.92 -1.97 1.51
C LEU B 78 52.36 -2.35 1.78
N GLN B 79 52.56 -3.60 2.16
CA GLN B 79 53.89 -4.16 2.36
C GLN B 79 54.19 -5.13 1.24
N LEU B 80 55.37 -5.01 0.64
CA LEU B 80 55.81 -5.89 -0.43
C LEU B 80 57.09 -6.60 -0.01
N GLU B 81 57.24 -7.84 -0.45
CA GLU B 81 58.41 -8.62 -0.10
C GLU B 81 59.59 -8.25 -0.99
N GLU B 82 60.66 -9.04 -0.90
CA GLU B 82 61.87 -8.78 -1.66
C GLU B 82 61.95 -9.57 -2.95
N ASP B 83 60.89 -10.28 -3.32
CA ASP B 83 60.91 -11.01 -4.58
C ASP B 83 61.02 -10.06 -5.76
N GLU B 84 61.97 -10.35 -6.67
CA GLU B 84 62.25 -9.43 -7.77
C GLU B 84 61.18 -9.48 -8.84
N ARG B 85 60.32 -10.49 -8.82
CA ARG B 85 59.29 -10.61 -9.83
C ARG B 85 58.19 -9.57 -9.69
N PHE B 86 58.18 -8.81 -8.59
CA PHE B 86 57.11 -7.89 -8.32
C PHE B 86 57.57 -6.54 -7.78
N GLU B 87 58.88 -6.33 -7.59
CA GLU B 87 59.38 -5.06 -7.07
C GLU B 87 59.02 -3.90 -8.00
N GLY B 88 58.58 -2.81 -7.40
CA GLY B 88 58.37 -1.57 -8.12
C GLY B 88 57.34 -1.63 -9.23
N ARG B 89 56.54 -2.69 -9.29
CA ARG B 89 55.57 -2.82 -10.36
C ARG B 89 54.25 -3.38 -9.87
N VAL B 90 53.93 -3.24 -8.60
CA VAL B 90 52.64 -3.62 -8.04
C VAL B 90 52.12 -2.47 -7.20
N VAL B 91 50.88 -2.07 -7.44
CA VAL B 91 50.22 -1.04 -6.65
C VAL B 91 48.84 -1.56 -6.28
N TRP B 92 48.23 -0.92 -5.28
CA TRP B 92 47.02 -1.44 -4.69
C TRP B 92 45.82 -0.82 -5.39
N ASN B 93 44.79 -1.62 -5.64
CA ASN B 93 43.55 -1.14 -6.25
C ASN B 93 42.31 -1.68 -5.57
N GLY B 94 42.26 -1.63 -4.25
CA GLY B 94 41.08 -1.99 -3.51
C GLY B 94 40.41 -0.78 -2.88
N SER B 95 39.74 -1.02 -1.77
CA SER B 95 39.03 0.02 -1.04
C SER B 95 40.02 0.89 -0.28
N ARG B 96 39.83 2.22 -0.38
CA ARG B 96 40.75 3.18 0.18
C ARG B 96 40.15 3.86 1.40
N GLY B 97 40.95 4.02 2.44
CA GLY B 97 40.57 4.78 3.60
C GLY B 97 39.33 4.29 4.30
N THR B 98 39.17 2.98 4.42
CA THR B 98 37.94 2.44 4.98
C THR B 98 38.21 1.53 6.16
N LYS B 99 39.27 0.73 6.08
CA LYS B 99 39.61 -0.32 7.04
C LYS B 99 38.61 -1.47 7.01
N ASP B 100 37.57 -1.37 6.20
CA ASP B 100 36.56 -2.41 6.01
C ASP B 100 36.56 -2.66 4.51
N LEU B 101 37.43 -3.56 4.07
CA LEU B 101 37.90 -3.53 2.68
C LEU B 101 36.84 -3.92 1.65
N GLN B 102 36.37 -5.18 1.69
CA GLN B 102 35.41 -5.66 0.71
C GLN B 102 35.89 -5.65 -0.74
N ASP B 103 37.12 -5.24 -1.01
CA ASP B 103 37.63 -5.20 -2.37
C ASP B 103 39.14 -5.19 -2.25
N LEU B 104 39.79 -6.20 -2.82
CA LEU B 104 41.16 -6.55 -2.43
C LEU B 104 42.00 -6.73 -3.69
N SER B 105 41.84 -5.83 -4.66
CA SER B 105 42.38 -6.05 -5.98
C SER B 105 43.85 -5.62 -6.02
N ILE B 106 44.48 -5.90 -7.15
CA ILE B 106 45.91 -5.65 -7.35
C ILE B 106 46.12 -5.15 -8.76
N PHE B 107 47.06 -4.23 -8.93
CA PHE B 107 47.44 -3.72 -10.24
C PHE B 107 48.90 -4.06 -10.48
N ILE B 108 49.19 -4.63 -11.65
CA ILE B 108 50.56 -4.83 -12.10
C ILE B 108 50.80 -3.95 -13.31
N THR B 109 51.79 -3.06 -13.20
CA THR B 109 52.29 -2.29 -14.32
C THR B 109 53.49 -3.01 -14.90
N ASN B 110 53.61 -3.00 -16.23
CA ASN B 110 54.68 -3.71 -16.92
C ASN B 110 54.65 -5.20 -16.61
N VAL B 111 53.57 -5.84 -17.09
CA VAL B 111 53.43 -7.29 -16.98
C VAL B 111 54.57 -7.98 -17.72
N THR B 112 55.12 -9.03 -17.12
CA THR B 112 56.18 -9.84 -17.72
C THR B 112 55.74 -11.29 -17.79
N TYR B 113 56.62 -12.13 -18.36
CA TYR B 113 56.32 -13.55 -18.46
C TYR B 113 56.36 -14.27 -17.13
N ASN B 114 56.99 -13.67 -16.12
CA ASN B 114 57.06 -14.34 -14.82
C ASN B 114 55.74 -14.22 -14.06
N HIS B 115 54.85 -13.33 -14.48
CA HIS B 115 53.59 -13.19 -13.78
C HIS B 115 52.54 -14.15 -14.32
N SER B 116 52.88 -15.43 -14.42
CA SER B 116 51.95 -16.44 -14.90
C SER B 116 51.97 -17.61 -13.92
N GLY B 117 50.82 -17.95 -13.40
CA GLY B 117 50.74 -18.98 -12.39
C GLY B 117 49.42 -18.87 -11.65
N ASP B 118 49.44 -19.31 -10.39
CA ASP B 118 48.24 -19.37 -9.57
C ASP B 118 48.36 -18.39 -8.41
N TYR B 119 47.36 -17.53 -8.27
CA TYR B 119 47.31 -16.50 -7.24
C TYR B 119 46.31 -16.90 -6.16
N GLU B 120 46.57 -16.45 -4.94
CA GLU B 120 45.67 -16.66 -3.83
C GLU B 120 45.49 -15.36 -3.07
N CYS B 121 44.24 -14.93 -2.89
CA CYS B 121 43.90 -13.70 -2.18
C CYS B 121 43.26 -14.10 -0.86
N HIS B 122 44.08 -14.29 0.17
CA HIS B 122 43.57 -14.60 1.49
C HIS B 122 42.90 -13.37 2.09
N VAL B 123 41.73 -13.56 2.68
CA VAL B 123 40.99 -12.47 3.31
C VAL B 123 40.78 -12.83 4.78
N TYR B 124 41.24 -11.96 5.67
CA TYR B 124 41.06 -12.15 7.10
C TYR B 124 40.19 -11.04 7.65
N ARG B 125 38.98 -11.40 8.07
CA ARG B 125 37.99 -10.42 8.48
C ARG B 125 37.66 -10.59 9.96
N LEU B 126 37.45 -9.47 10.64
CA LEU B 126 37.08 -9.44 12.05
C LEU B 126 35.84 -8.60 12.20
N LEU B 127 34.70 -9.25 12.43
CA LEU B 127 33.44 -8.54 12.58
C LEU B 127 33.21 -8.19 14.04
N PHE B 128 32.58 -7.05 14.29
CA PHE B 128 32.28 -6.58 15.63
C PHE B 128 30.77 -6.62 15.84
N PHE B 129 30.36 -7.22 16.94
CA PHE B 129 28.96 -7.42 17.27
C PHE B 129 28.72 -6.87 18.68
N GLU B 130 27.55 -7.18 19.24
CA GLU B 130 27.18 -6.60 20.53
C GLU B 130 28.21 -6.90 21.61
N ASN B 131 28.36 -8.18 21.97
CA ASN B 131 29.39 -8.61 22.90
C ASN B 131 30.12 -9.80 22.29
N TYR B 132 30.50 -9.67 21.03
CA TYR B 132 30.88 -10.82 20.23
C TYR B 132 31.82 -10.35 19.14
N GLU B 133 32.93 -11.06 18.96
CA GLU B 133 33.89 -10.76 17.90
C GLU B 133 34.19 -12.05 17.16
N HIS B 134 34.09 -12.01 15.84
CA HIS B 134 34.28 -13.17 14.99
C HIS B 134 35.45 -12.99 14.05
N ASN B 135 36.32 -13.99 13.99
CA ASN B 135 37.44 -14.05 13.03
C ASN B 135 36.94 -14.84 11.82
N THR B 136 36.93 -14.20 10.67
CA THR B 136 36.52 -14.89 9.45
C THR B 136 37.74 -15.06 8.54
N SER B 137 37.64 -16.01 7.60
CA SER B 137 38.67 -16.20 6.61
C SER B 137 38.04 -16.64 5.30
N VAL B 138 38.52 -16.07 4.20
CA VAL B 138 38.09 -16.45 2.87
C VAL B 138 39.33 -16.47 1.98
N VAL B 139 39.45 -17.51 1.16
CA VAL B 139 40.55 -17.65 0.24
C VAL B 139 40.01 -17.67 -1.18
N LYS B 140 40.53 -16.78 -2.03
CA LYS B 140 40.15 -16.71 -3.43
C LYS B 140 41.33 -17.16 -4.29
N LYS B 141 41.03 -17.97 -5.30
CA LYS B 141 42.04 -18.55 -6.16
C LYS B 141 41.92 -17.94 -7.55
N ILE B 142 43.02 -17.38 -8.03
CA ILE B 142 43.06 -16.71 -9.32
C ILE B 142 44.23 -17.32 -10.10
N HIS B 143 43.98 -17.69 -11.35
CA HIS B 143 44.99 -18.29 -12.20
C HIS B 143 45.05 -17.50 -13.49
N ILE B 144 46.17 -16.83 -13.74
CA ILE B 144 46.34 -16.02 -14.94
C ILE B 144 47.52 -16.56 -15.72
N GLU B 145 47.50 -16.30 -17.03
CA GLU B 145 48.61 -16.64 -17.90
C GLU B 145 48.91 -15.45 -18.80
N VAL B 146 50.18 -15.11 -18.91
CA VAL B 146 50.60 -13.98 -19.73
C VAL B 146 50.74 -14.45 -21.17
N VAL B 147 50.37 -13.58 -22.11
CA VAL B 147 50.38 -13.90 -23.53
C VAL B 147 51.12 -12.78 -24.27
N ASP B 148 51.15 -12.93 -25.59
CA ASP B 148 51.83 -11.95 -26.45
C ASP B 148 50.87 -10.96 -27.09
N LYS B 149 49.65 -11.40 -27.41
CA LYS B 149 48.67 -10.54 -28.03
C LYS B 149 47.29 -10.98 -27.59
N ALA B 150 46.49 -10.03 -27.11
CA ALA B 150 45.16 -10.34 -26.63
C ALA B 150 44.30 -10.91 -27.76
N ASN B 151 43.65 -12.03 -27.49
CA ASN B 151 42.76 -12.67 -28.46
C ASN B 151 41.33 -12.59 -27.94
N ARG B 152 40.41 -12.28 -28.85
CA ARG B 152 39.03 -12.01 -28.47
C ARG B 152 38.37 -13.27 -27.91
N ASP B 153 37.43 -13.06 -27.00
CA ASP B 153 36.74 -14.17 -26.36
C ASP B 153 35.94 -14.96 -27.39
N MET B 154 35.82 -16.27 -27.15
CA MET B 154 35.10 -17.13 -28.08
C MET B 154 33.63 -16.72 -28.18
N ALA B 155 33.05 -16.26 -27.07
CA ALA B 155 31.69 -15.75 -27.11
C ALA B 155 31.58 -14.53 -28.01
N SER B 156 32.54 -13.61 -27.93
CA SER B 156 32.51 -12.43 -28.78
C SER B 156 32.66 -12.79 -30.25
N ILE B 157 33.50 -13.78 -30.55
CA ILE B 157 33.67 -14.23 -31.92
C ILE B 157 32.39 -14.86 -32.44
N VAL B 158 31.79 -15.74 -31.65
CA VAL B 158 30.61 -16.49 -32.09
C VAL B 158 29.42 -15.55 -32.24
N SER B 159 29.25 -14.61 -31.33
CA SER B 159 28.06 -13.77 -31.33
C SER B 159 28.01 -12.86 -32.55
N GLU B 160 29.15 -12.34 -32.98
CA GLU B 160 29.17 -11.48 -34.17
C GLU B 160 28.78 -12.27 -35.42
N ILE B 161 29.32 -13.47 -35.57
CA ILE B 161 28.98 -14.30 -36.71
C ILE B 161 27.50 -14.67 -36.67
N MET B 162 26.98 -15.02 -35.50
CA MET B 162 25.56 -15.33 -35.40
C MET B 162 24.69 -14.11 -35.68
N MET B 163 25.10 -12.92 -35.27
CA MET B 163 24.35 -11.72 -35.60
C MET B 163 24.28 -11.52 -37.10
N TYR B 164 25.41 -11.67 -37.79
CA TYR B 164 25.42 -11.46 -39.23
C TYR B 164 24.60 -12.53 -39.96
N VAL B 165 24.70 -13.79 -39.54
CA VAL B 165 23.94 -14.84 -40.22
C VAL B 165 22.45 -14.66 -39.95
N LEU B 166 22.08 -14.22 -38.75
CA LEU B 166 20.67 -13.96 -38.49
C LEU B 166 20.17 -12.79 -39.33
N ILE B 167 20.97 -11.74 -39.48
CA ILE B 167 20.57 -10.61 -40.31
C ILE B 167 20.33 -11.06 -41.75
N VAL B 168 21.27 -11.83 -42.31
CA VAL B 168 21.12 -12.23 -43.71
C VAL B 168 19.97 -13.22 -43.85
N VAL B 169 19.75 -14.09 -42.87
CA VAL B 169 18.65 -15.03 -42.95
C VAL B 169 17.30 -14.31 -42.93
N LEU B 170 17.16 -13.32 -42.04
CA LEU B 170 15.91 -12.57 -41.99
C LEU B 170 15.70 -11.79 -43.29
N THR B 171 16.77 -11.20 -43.83
CA THR B 171 16.63 -10.47 -45.09
C THR B 171 16.24 -11.40 -46.23
N ILE B 172 16.86 -12.60 -46.28
CA ILE B 172 16.51 -13.56 -47.31
C ILE B 172 15.07 -14.01 -47.18
N TRP B 173 14.63 -14.28 -45.95
CA TRP B 173 13.25 -14.71 -45.74
C TRP B 173 12.28 -13.62 -46.18
N LEU B 174 12.58 -12.37 -45.81
CA LEU B 174 11.72 -11.26 -46.22
C LEU B 174 11.66 -11.14 -47.73
N VAL B 175 12.80 -11.20 -48.40
CA VAL B 175 12.82 -11.02 -49.84
C VAL B 175 12.11 -12.16 -50.54
N ALA B 176 12.27 -13.38 -50.02
CA ALA B 176 11.55 -14.52 -50.58
C ALA B 176 10.05 -14.34 -50.46
N GLU B 177 9.57 -13.91 -49.28
CA GLU B 177 8.15 -13.67 -49.13
C GLU B 177 7.66 -12.56 -50.05
N MET B 178 8.44 -11.49 -50.19
CA MET B 178 8.06 -10.40 -51.08
C MET B 178 7.92 -10.90 -52.52
N ILE B 179 8.90 -11.67 -52.99
CA ILE B 179 8.85 -12.16 -54.36
C ILE B 179 7.66 -13.10 -54.56
N TYR B 180 7.47 -14.04 -53.64
CA TYR B 180 6.39 -15.02 -53.79
C TYR B 180 5.03 -14.34 -53.75
N CYS B 181 4.88 -13.33 -52.89
CA CYS B 181 3.61 -12.61 -52.83
C CYS B 181 3.40 -11.74 -54.05
N TYR B 182 4.46 -11.12 -54.57
CA TYR B 182 4.33 -10.26 -55.73
C TYR B 182 3.91 -11.07 -56.96
N LYS B 183 4.54 -12.22 -57.19
CA LYS B 183 4.13 -13.03 -58.33
C LYS B 183 2.68 -13.44 -58.24
N LYS B 184 2.23 -13.88 -57.05
CA LYS B 184 0.86 -14.33 -56.90
C LYS B 184 -0.12 -13.18 -57.14
N ILE B 185 0.14 -12.00 -56.58
CA ILE B 185 -0.82 -10.92 -56.72
C ILE B 185 -0.82 -10.40 -58.16
N ALA B 186 0.35 -10.33 -58.80
CA ALA B 186 0.40 -9.90 -60.19
C ALA B 186 -0.33 -10.90 -61.09
N ALA B 187 -0.26 -12.19 -60.77
CA ALA B 187 -1.08 -13.16 -61.48
C ALA B 187 -2.56 -12.93 -61.24
N ALA B 188 -2.94 -12.59 -60.02
CA ALA B 188 -4.33 -12.36 -59.67
C ALA B 188 -4.92 -11.11 -60.31
N THR B 189 -4.09 -10.11 -60.64
CA THR B 189 -4.63 -8.91 -61.28
C THR B 189 -5.29 -9.23 -62.62
N GLU B 190 -4.68 -10.08 -63.43
CA GLU B 190 -5.19 -10.33 -64.77
C GLU B 190 -6.56 -11.01 -64.74
N THR B 191 -6.87 -11.74 -63.67
CA THR B 191 -8.17 -12.39 -63.58
C THR B 191 -9.30 -11.36 -63.55
N ALA B 192 -9.13 -10.27 -62.81
CA ALA B 192 -10.16 -9.24 -62.74
C ALA B 192 -9.58 -7.87 -63.04
#